data_1Y6X
# 
_entry.id   1Y6X 
# 
_audit_conform.dict_name       mmcif_pdbx.dic 
_audit_conform.dict_version    5.398 
_audit_conform.dict_location   http://mmcif.pdb.org/dictionaries/ascii/mmcif_pdbx.dic 
# 
loop_
_database_2.database_id 
_database_2.database_code 
_database_2.pdbx_database_accession 
_database_2.pdbx_DOI 
PDB   1Y6X         pdb_00001y6x 10.2210/pdb1y6x/pdb 
RCSB  RCSB031192   ?            ?                   
WWPDB D_1000031192 ?            ?                   
# 
loop_
_pdbx_audit_revision_history.ordinal 
_pdbx_audit_revision_history.data_content_type 
_pdbx_audit_revision_history.major_revision 
_pdbx_audit_revision_history.minor_revision 
_pdbx_audit_revision_history.revision_date 
1 'Structure model' 1 0 2005-03-01 
2 'Structure model' 1 1 2008-04-29 
3 'Structure model' 1 2 2011-07-13 
4 'Structure model' 1 3 2024-10-30 
# 
_pdbx_audit_revision_details.ordinal             1 
_pdbx_audit_revision_details.revision_ordinal    1 
_pdbx_audit_revision_details.data_content_type   'Structure model' 
_pdbx_audit_revision_details.provider            repository 
_pdbx_audit_revision_details.type                'Initial release' 
_pdbx_audit_revision_details.description         ? 
_pdbx_audit_revision_details.details             ? 
# 
loop_
_pdbx_audit_revision_group.ordinal 
_pdbx_audit_revision_group.revision_ordinal 
_pdbx_audit_revision_group.data_content_type 
_pdbx_audit_revision_group.group 
1 2 'Structure model' 'Version format compliance' 
2 3 'Structure model' 'Derived calculations'      
3 3 'Structure model' 'Version format compliance' 
4 4 'Structure model' 'Data collection'           
5 4 'Structure model' 'Database references'       
6 4 'Structure model' 'Derived calculations'      
7 4 'Structure model' 'Structure summary'         
# 
loop_
_pdbx_audit_revision_category.ordinal 
_pdbx_audit_revision_category.revision_ordinal 
_pdbx_audit_revision_category.data_content_type 
_pdbx_audit_revision_category.category 
1 4 'Structure model' chem_comp_atom            
2 4 'Structure model' chem_comp_bond            
3 4 'Structure model' database_2                
4 4 'Structure model' pdbx_entry_details        
5 4 'Structure model' pdbx_modification_feature 
6 4 'Structure model' struct_conn               
7 4 'Structure model' struct_ref_seq_dif        
# 
loop_
_pdbx_audit_revision_item.ordinal 
_pdbx_audit_revision_item.revision_ordinal 
_pdbx_audit_revision_item.data_content_type 
_pdbx_audit_revision_item.item 
1 4 'Structure model' '_database_2.pdbx_DOI'                
2 4 'Structure model' '_database_2.pdbx_database_accession' 
3 4 'Structure model' '_struct_conn.pdbx_leaving_atom_flag' 
4 4 'Structure model' '_struct_ref_seq_dif.details'         
# 
_pdbx_database_status.status_code                     REL 
_pdbx_database_status.entry_id                        1Y6X 
_pdbx_database_status.recvd_initial_deposition_date   2004-12-07 
_pdbx_database_status.deposit_site                    RCSB 
_pdbx_database_status.process_site                    RCSB 
_pdbx_database_status.status_code_sf                  REL 
_pdbx_database_status.status_code_mr                  ? 
_pdbx_database_status.SG_entry                        Y 
_pdbx_database_status.pdb_format_compatible           Y 
_pdbx_database_status.status_code_cs                  ? 
_pdbx_database_status.status_code_nmr_data            ? 
_pdbx_database_status.methods_development_category    ? 
# 
_pdbx_database_related.db_name        TargetDB 
_pdbx_database_related.db_id          Rv2122c 
_pdbx_database_related.details        . 
_pdbx_database_related.content_type   unspecified 
# 
loop_
_audit_author.name 
_audit_author.pdbx_ordinal 
'Javid-Majd, F.'                            1 
'Sacchettini, J.C.'                         2 
'TB Structural Genomics Consortium (TBSGC)' 3 
# 
_citation.id                        primary 
_citation.title                     
'The 1.25 A resolution structure of phosphoribosyl-ATP pyrophosphohydrolase from Mycobacterium tuberculosis.' 
_citation.journal_abbrev            'Acta Crystallogr.,Sect.D' 
_citation.journal_volume            64 
_citation.page_first                627 
_citation.page_last                 635 
_citation.year                      2008 
_citation.journal_id_ASTM           ABCRE6 
_citation.country                   DK 
_citation.journal_id_ISSN           0907-4449 
_citation.journal_id_CSD            0766 
_citation.book_publisher            ? 
_citation.pdbx_database_id_PubMed   18560150 
_citation.pdbx_database_id_DOI      10.1107/S0907444908007105 
# 
loop_
_citation_author.citation_id 
_citation_author.name 
_citation_author.ordinal 
_citation_author.identifier_ORCID 
primary 'Javid-Majd, F.'    1 ? 
primary 'Yang, D.'          2 ? 
primary 'Ioerger, T.R.'     3 ? 
primary 'Sacchettini, J.C.' 4 ? 
# 
loop_
_entity.id 
_entity.type 
_entity.src_method 
_entity.pdbx_description 
_entity.formula_weight 
_entity.pdbx_number_of_molecules 
_entity.pdbx_ec 
_entity.pdbx_mutation 
_entity.pdbx_fragment 
_entity.details 
1 polymer man 'Phosphoribosyl-ATP pyrophosphatase' 10332.463 1   3.6.1.31 ? ? ? 
2 water   nat water                                18.015    151 ?        ? ? ? 
# 
_entity_name_com.entity_id   1 
_entity_name_com.name        'PRA-PH, PRATP-PH, phosphoribosyl-ATP pyrophosphohydrolase' 
# 
_entity_poly.entity_id                      1 
_entity_poly.type                           'polypeptide(L)' 
_entity_poly.nstd_linkage                   no 
_entity_poly.nstd_monomer                   yes 
_entity_poly.pdbx_seq_one_letter_code       
;MQQSLAVKTFEDLFAELGDRARTRPADSTTVAALDGGVHALGKKLLEEAGEVWLAAEHESNDALAEEISQLLYWTQVL
(MSE)ISRGLSLDDVYRKL
;
_entity_poly.pdbx_seq_one_letter_code_can   
;MQQSLAVKTFEDLFAELGDRARTRPADSTTVAALDGGVHALGKKLLEEAGEVWLAAEHESNDALAEEISQLLYWTQVLMI
SRGLSLDDVYRKL
;
_entity_poly.pdbx_strand_id                 A 
_entity_poly.pdbx_target_identifier         Rv2122c 
# 
_pdbx_entity_nonpoly.entity_id   2 
_pdbx_entity_nonpoly.name        water 
_pdbx_entity_nonpoly.comp_id     HOH 
# 
loop_
_entity_poly_seq.entity_id 
_entity_poly_seq.num 
_entity_poly_seq.mon_id 
_entity_poly_seq.hetero 
1 1  MET n 
1 2  GLN n 
1 3  GLN n 
1 4  SER n 
1 5  LEU n 
1 6  ALA n 
1 7  VAL n 
1 8  LYS n 
1 9  THR n 
1 10 PHE n 
1 11 GLU n 
1 12 ASP n 
1 13 LEU n 
1 14 PHE n 
1 15 ALA n 
1 16 GLU n 
1 17 LEU n 
1 18 GLY n 
1 19 ASP n 
1 20 ARG n 
1 21 ALA n 
1 22 ARG n 
1 23 THR n 
1 24 ARG n 
1 25 PRO n 
1 26 ALA n 
1 27 ASP n 
1 28 SER n 
1 29 THR n 
1 30 THR n 
1 31 VAL n 
1 32 ALA n 
1 33 ALA n 
1 34 LEU n 
1 35 ASP n 
1 36 GLY n 
1 37 GLY n 
1 38 VAL n 
1 39 HIS n 
1 40 ALA n 
1 41 LEU n 
1 42 GLY n 
1 43 LYS n 
1 44 LYS n 
1 45 LEU n 
1 46 LEU n 
1 47 GLU n 
1 48 GLU n 
1 49 ALA n 
1 50 GLY n 
1 51 GLU n 
1 52 VAL n 
1 53 TRP n 
1 54 LEU n 
1 55 ALA n 
1 56 ALA n 
1 57 GLU n 
1 58 HIS n 
1 59 GLU n 
1 60 SER n 
1 61 ASN n 
1 62 ASP n 
1 63 ALA n 
1 64 LEU n 
1 65 ALA n 
1 66 GLU n 
1 67 GLU n 
1 68 ILE n 
1 69 SER n 
1 70 GLN n 
1 71 LEU n 
1 72 LEU n 
1 73 TYR n 
1 74 TRP n 
1 75 THR n 
1 76 GLN n 
1 77 VAL n 
1 78 LEU n 
1 79 MSE n 
1 80 ILE n 
1 81 SER n 
1 82 ARG n 
1 83 GLY n 
1 84 LEU n 
1 85 SER n 
1 86 LEU n 
1 87 ASP n 
1 88 ASP n 
1 89 VAL n 
1 90 TYR n 
1 91 ARG n 
1 92 LYS n 
1 93 LEU n 
# 
_entity_src_gen.entity_id                          1 
_entity_src_gen.pdbx_src_id                        1 
_entity_src_gen.pdbx_alt_source_flag               sample 
_entity_src_gen.pdbx_seq_type                      ? 
_entity_src_gen.pdbx_beg_seq_num                   ? 
_entity_src_gen.pdbx_end_seq_num                   ? 
_entity_src_gen.gene_src_common_name               ? 
_entity_src_gen.gene_src_genus                     Mycobacterium 
_entity_src_gen.pdbx_gene_src_gene                 hisE 
_entity_src_gen.gene_src_species                   ? 
_entity_src_gen.gene_src_strain                    Rv37 
_entity_src_gen.gene_src_tissue                    ? 
_entity_src_gen.gene_src_tissue_fraction           ? 
_entity_src_gen.gene_src_details                   ? 
_entity_src_gen.pdbx_gene_src_fragment             ? 
_entity_src_gen.pdbx_gene_src_scientific_name      'Mycobacterium tuberculosis' 
_entity_src_gen.pdbx_gene_src_ncbi_taxonomy_id     1773 
_entity_src_gen.pdbx_gene_src_variant              ? 
_entity_src_gen.pdbx_gene_src_cell_line            ? 
_entity_src_gen.pdbx_gene_src_atcc                 ? 
_entity_src_gen.pdbx_gene_src_organ                ? 
_entity_src_gen.pdbx_gene_src_organelle            ? 
_entity_src_gen.pdbx_gene_src_cell                 ? 
_entity_src_gen.pdbx_gene_src_cellular_location    ? 
_entity_src_gen.host_org_common_name               ? 
_entity_src_gen.pdbx_host_org_scientific_name      'Escherichia coli' 
_entity_src_gen.pdbx_host_org_ncbi_taxonomy_id     562 
_entity_src_gen.host_org_genus                     Escherichia 
_entity_src_gen.pdbx_host_org_gene                 ? 
_entity_src_gen.pdbx_host_org_organ                ? 
_entity_src_gen.host_org_species                   ? 
_entity_src_gen.pdbx_host_org_tissue               ? 
_entity_src_gen.pdbx_host_org_tissue_fraction      ? 
_entity_src_gen.pdbx_host_org_strain               BL21-DE3-plysS 
_entity_src_gen.pdbx_host_org_variant              ? 
_entity_src_gen.pdbx_host_org_cell_line            ? 
_entity_src_gen.pdbx_host_org_atcc                 ? 
_entity_src_gen.pdbx_host_org_culture_collection   ? 
_entity_src_gen.pdbx_host_org_cell                 ? 
_entity_src_gen.pdbx_host_org_organelle            ? 
_entity_src_gen.pdbx_host_org_cellular_location    ? 
_entity_src_gen.pdbx_host_org_vector_type          plasmid 
_entity_src_gen.pdbx_host_org_vector               ? 
_entity_src_gen.host_org_details                   ? 
_entity_src_gen.expression_system_id               ? 
_entity_src_gen.plasmid_name                       'pET23a(+)' 
_entity_src_gen.plasmid_details                    ? 
_entity_src_gen.pdbx_description                   ? 
# 
loop_
_chem_comp.id 
_chem_comp.type 
_chem_comp.mon_nstd_flag 
_chem_comp.name 
_chem_comp.pdbx_synonyms 
_chem_comp.formula 
_chem_comp.formula_weight 
ALA 'L-peptide linking' y ALANINE          ? 'C3 H7 N O2'     89.093  
ARG 'L-peptide linking' y ARGININE         ? 'C6 H15 N4 O2 1' 175.209 
ASN 'L-peptide linking' y ASPARAGINE       ? 'C4 H8 N2 O3'    132.118 
ASP 'L-peptide linking' y 'ASPARTIC ACID'  ? 'C4 H7 N O4'     133.103 
GLN 'L-peptide linking' y GLUTAMINE        ? 'C5 H10 N2 O3'   146.144 
GLU 'L-peptide linking' y 'GLUTAMIC ACID'  ? 'C5 H9 N O4'     147.129 
GLY 'peptide linking'   y GLYCINE          ? 'C2 H5 N O2'     75.067  
HIS 'L-peptide linking' y HISTIDINE        ? 'C6 H10 N3 O2 1' 156.162 
HOH non-polymer         . WATER            ? 'H2 O'           18.015  
ILE 'L-peptide linking' y ISOLEUCINE       ? 'C6 H13 N O2'    131.173 
LEU 'L-peptide linking' y LEUCINE          ? 'C6 H13 N O2'    131.173 
LYS 'L-peptide linking' y LYSINE           ? 'C6 H15 N2 O2 1' 147.195 
MET 'L-peptide linking' y METHIONINE       ? 'C5 H11 N O2 S'  149.211 
MSE 'L-peptide linking' n SELENOMETHIONINE ? 'C5 H11 N O2 Se' 196.106 
PHE 'L-peptide linking' y PHENYLALANINE    ? 'C9 H11 N O2'    165.189 
PRO 'L-peptide linking' y PROLINE          ? 'C5 H9 N O2'     115.130 
SER 'L-peptide linking' y SERINE           ? 'C3 H7 N O3'     105.093 
THR 'L-peptide linking' y THREONINE        ? 'C4 H9 N O3'     119.119 
TRP 'L-peptide linking' y TRYPTOPHAN       ? 'C11 H12 N2 O2'  204.225 
TYR 'L-peptide linking' y TYROSINE         ? 'C9 H11 N O3'    181.189 
VAL 'L-peptide linking' y VALINE           ? 'C5 H11 N O2'    117.146 
# 
loop_
_pdbx_poly_seq_scheme.asym_id 
_pdbx_poly_seq_scheme.entity_id 
_pdbx_poly_seq_scheme.seq_id 
_pdbx_poly_seq_scheme.mon_id 
_pdbx_poly_seq_scheme.ndb_seq_num 
_pdbx_poly_seq_scheme.pdb_seq_num 
_pdbx_poly_seq_scheme.auth_seq_num 
_pdbx_poly_seq_scheme.pdb_mon_id 
_pdbx_poly_seq_scheme.auth_mon_id 
_pdbx_poly_seq_scheme.pdb_strand_id 
_pdbx_poly_seq_scheme.pdb_ins_code 
_pdbx_poly_seq_scheme.hetero 
A 1 1  MET 1  1  ?  ?   ?   A . n 
A 1 2  GLN 2  2  ?  ?   ?   A . n 
A 1 3  GLN 3  3  ?  ?   ?   A . n 
A 1 4  SER 4  4  ?  ?   ?   A . n 
A 1 5  LEU 5  5  ?  ?   ?   A . n 
A 1 6  ALA 6  6  ?  ?   ?   A . n 
A 1 7  VAL 7  7  7  VAL VAL A . n 
A 1 8  LYS 8  8  8  LYS LYS A . n 
A 1 9  THR 9  9  9  THR THR A . n 
A 1 10 PHE 10 10 10 PHE PHE A . n 
A 1 11 GLU 11 11 11 GLU GLU A . n 
A 1 12 ASP 12 12 12 ASP ASP A . n 
A 1 13 LEU 13 13 13 LEU LEU A . n 
A 1 14 PHE 14 14 14 PHE PHE A . n 
A 1 15 ALA 15 15 15 ALA ALA A . n 
A 1 16 GLU 16 16 16 GLU GLU A . n 
A 1 17 LEU 17 17 17 LEU LEU A . n 
A 1 18 GLY 18 18 18 GLY GLY A . n 
A 1 19 ASP 19 19 19 ASP ASP A . n 
A 1 20 ARG 20 20 20 ARG ARG A . n 
A 1 21 ALA 21 21 21 ALA ALA A . n 
A 1 22 ARG 22 22 22 ARG ARG A . n 
A 1 23 THR 23 23 23 THR THR A . n 
A 1 24 ARG 24 24 24 ARG ARG A . n 
A 1 25 PRO 25 25 25 PRO PRO A . n 
A 1 26 ALA 26 26 26 ALA ALA A . n 
A 1 27 ASP 27 27 27 ASP ASP A . n 
A 1 28 SER 28 28 28 SER SER A . n 
A 1 29 THR 29 29 29 THR THR A . n 
A 1 30 THR 30 30 30 THR THR A . n 
A 1 31 VAL 31 31 31 VAL VAL A . n 
A 1 32 ALA 32 32 32 ALA ALA A . n 
A 1 33 ALA 33 33 33 ALA ALA A . n 
A 1 34 LEU 34 34 34 LEU LEU A . n 
A 1 35 ASP 35 35 35 ASP ASP A . n 
A 1 36 GLY 36 36 36 GLY GLY A . n 
A 1 37 GLY 37 37 37 GLY GLY A . n 
A 1 38 VAL 38 38 38 VAL VAL A . n 
A 1 39 HIS 39 39 39 HIS HIS A . n 
A 1 40 ALA 40 40 40 ALA ALA A . n 
A 1 41 LEU 41 41 41 LEU LEU A . n 
A 1 42 GLY 42 42 42 GLY GLY A . n 
A 1 43 LYS 43 43 43 LYS LYS A . n 
A 1 44 LYS 44 44 44 LYS LYS A . n 
A 1 45 LEU 45 45 45 LEU LEU A . n 
A 1 46 LEU 46 46 46 LEU LEU A . n 
A 1 47 GLU 47 47 47 GLU GLU A . n 
A 1 48 GLU 48 48 48 GLU GLU A . n 
A 1 49 ALA 49 49 49 ALA ALA A . n 
A 1 50 GLY 50 50 50 GLY GLY A . n 
A 1 51 GLU 51 51 51 GLU GLU A . n 
A 1 52 VAL 52 52 52 VAL VAL A . n 
A 1 53 TRP 53 53 53 TRP TRP A . n 
A 1 54 LEU 54 54 54 LEU LEU A . n 
A 1 55 ALA 55 55 55 ALA ALA A . n 
A 1 56 ALA 56 56 56 ALA ALA A . n 
A 1 57 GLU 57 57 57 GLU GLU A . n 
A 1 58 HIS 58 58 58 HIS HIS A . n 
A 1 59 GLU 59 59 59 GLU GLU A . n 
A 1 60 SER 60 60 60 SER SER A . n 
A 1 61 ASN 61 61 61 ASN ASN A . n 
A 1 62 ASP 62 62 62 ASP ASP A . n 
A 1 63 ALA 63 63 63 ALA ALA A . n 
A 1 64 LEU 64 64 64 LEU LEU A . n 
A 1 65 ALA 65 65 65 ALA ALA A . n 
A 1 66 GLU 66 66 66 GLU GLU A . n 
A 1 67 GLU 67 67 67 GLU GLU A . n 
A 1 68 ILE 68 68 68 ILE ILE A . n 
A 1 69 SER 69 69 69 SER SER A . n 
A 1 70 GLN 70 70 70 GLN GLN A . n 
A 1 71 LEU 71 71 71 LEU LEU A . n 
A 1 72 LEU 72 72 72 LEU LEU A . n 
A 1 73 TYR 73 73 73 TYR TYR A . n 
A 1 74 TRP 74 74 74 TRP TRP A . n 
A 1 75 THR 75 75 75 THR THR A . n 
A 1 76 GLN 76 76 76 GLN GLN A . n 
A 1 77 VAL 77 77 77 VAL VAL A . n 
A 1 78 LEU 78 78 78 LEU LEU A . n 
A 1 79 MSE 79 79 79 MSE MSE A . n 
A 1 80 ILE 80 80 80 ILE ILE A . n 
A 1 81 SER 81 81 81 SER SER A . n 
A 1 82 ARG 82 82 82 ARG ARG A . n 
A 1 83 GLY 83 83 83 GLY GLY A . n 
A 1 84 LEU 84 84 84 LEU LEU A . n 
A 1 85 SER 85 85 85 SER SER A . n 
A 1 86 LEU 86 86 86 LEU LEU A . n 
A 1 87 ASP 87 87 87 ASP ASP A . n 
A 1 88 ASP 88 88 88 ASP ASP A . n 
A 1 89 VAL 89 89 89 VAL VAL A . n 
A 1 90 TYR 90 90 90 TYR TYR A . n 
A 1 91 ARG 91 91 91 ARG ARG A . n 
A 1 92 LYS 92 92 92 LYS LYS A . n 
A 1 93 LEU 93 93 93 LEU LEU A . n 
# 
loop_
_pdbx_nonpoly_scheme.asym_id 
_pdbx_nonpoly_scheme.entity_id 
_pdbx_nonpoly_scheme.mon_id 
_pdbx_nonpoly_scheme.ndb_seq_num 
_pdbx_nonpoly_scheme.pdb_seq_num 
_pdbx_nonpoly_scheme.auth_seq_num 
_pdbx_nonpoly_scheme.pdb_mon_id 
_pdbx_nonpoly_scheme.auth_mon_id 
_pdbx_nonpoly_scheme.pdb_strand_id 
_pdbx_nonpoly_scheme.pdb_ins_code 
B 2 HOH 1   94  1   HOH HOH A . 
B 2 HOH 2   95  2   HOH HOH A . 
B 2 HOH 3   96  3   HOH HOH A . 
B 2 HOH 4   97  4   HOH HOH A . 
B 2 HOH 5   98  5   HOH HOH A . 
B 2 HOH 6   99  6   HOH HOH A . 
B 2 HOH 7   100 7   HOH HOH A . 
B 2 HOH 8   101 8   HOH HOH A . 
B 2 HOH 9   102 9   HOH HOH A . 
B 2 HOH 10  103 10  HOH HOH A . 
B 2 HOH 11  104 11  HOH HOH A . 
B 2 HOH 12  105 12  HOH HOH A . 
B 2 HOH 13  106 13  HOH HOH A . 
B 2 HOH 14  107 14  HOH HOH A . 
B 2 HOH 15  108 15  HOH HOH A . 
B 2 HOH 16  109 16  HOH HOH A . 
B 2 HOH 17  110 17  HOH HOH A . 
B 2 HOH 18  111 18  HOH HOH A . 
B 2 HOH 19  112 19  HOH HOH A . 
B 2 HOH 20  113 20  HOH HOH A . 
B 2 HOH 21  114 21  HOH HOH A . 
B 2 HOH 22  115 22  HOH HOH A . 
B 2 HOH 23  116 23  HOH HOH A . 
B 2 HOH 24  117 24  HOH HOH A . 
B 2 HOH 25  118 25  HOH HOH A . 
B 2 HOH 26  119 26  HOH HOH A . 
B 2 HOH 27  120 27  HOH HOH A . 
B 2 HOH 28  121 28  HOH HOH A . 
B 2 HOH 29  122 29  HOH HOH A . 
B 2 HOH 30  123 30  HOH HOH A . 
B 2 HOH 31  124 31  HOH HOH A . 
B 2 HOH 32  125 32  HOH HOH A . 
B 2 HOH 33  126 33  HOH HOH A . 
B 2 HOH 34  127 34  HOH HOH A . 
B 2 HOH 35  128 35  HOH HOH A . 
B 2 HOH 36  129 36  HOH HOH A . 
B 2 HOH 37  130 37  HOH HOH A . 
B 2 HOH 38  131 38  HOH HOH A . 
B 2 HOH 39  132 39  HOH HOH A . 
B 2 HOH 40  133 40  HOH HOH A . 
B 2 HOH 41  134 41  HOH HOH A . 
B 2 HOH 42  135 42  HOH HOH A . 
B 2 HOH 43  136 43  HOH HOH A . 
B 2 HOH 44  137 44  HOH HOH A . 
B 2 HOH 45  138 45  HOH HOH A . 
B 2 HOH 46  139 46  HOH HOH A . 
B 2 HOH 47  140 47  HOH HOH A . 
B 2 HOH 48  141 48  HOH HOH A . 
B 2 HOH 49  142 49  HOH HOH A . 
B 2 HOH 50  143 50  HOH HOH A . 
B 2 HOH 51  144 51  HOH HOH A . 
B 2 HOH 52  145 52  HOH HOH A . 
B 2 HOH 53  146 53  HOH HOH A . 
B 2 HOH 54  147 54  HOH HOH A . 
B 2 HOH 55  148 55  HOH HOH A . 
B 2 HOH 56  149 56  HOH HOH A . 
B 2 HOH 57  150 57  HOH HOH A . 
B 2 HOH 58  151 58  HOH HOH A . 
B 2 HOH 59  152 59  HOH HOH A . 
B 2 HOH 60  153 60  HOH HOH A . 
B 2 HOH 61  154 61  HOH HOH A . 
B 2 HOH 62  155 62  HOH HOH A . 
B 2 HOH 63  156 63  HOH HOH A . 
B 2 HOH 64  157 64  HOH HOH A . 
B 2 HOH 65  158 65  HOH HOH A . 
B 2 HOH 66  159 66  HOH HOH A . 
B 2 HOH 67  160 67  HOH HOH A . 
B 2 HOH 68  161 68  HOH HOH A . 
B 2 HOH 69  162 69  HOH HOH A . 
B 2 HOH 70  163 70  HOH HOH A . 
B 2 HOH 71  164 71  HOH HOH A . 
B 2 HOH 72  165 72  HOH HOH A . 
B 2 HOH 73  166 73  HOH HOH A . 
B 2 HOH 74  167 74  HOH HOH A . 
B 2 HOH 75  168 75  HOH HOH A . 
B 2 HOH 76  169 76  HOH HOH A . 
B 2 HOH 77  170 77  HOH HOH A . 
B 2 HOH 78  171 78  HOH HOH A . 
B 2 HOH 79  172 79  HOH HOH A . 
B 2 HOH 80  173 80  HOH HOH A . 
B 2 HOH 81  174 81  HOH HOH A . 
B 2 HOH 82  175 82  HOH HOH A . 
B 2 HOH 83  176 83  HOH HOH A . 
B 2 HOH 84  177 84  HOH HOH A . 
B 2 HOH 85  178 85  HOH HOH A . 
B 2 HOH 86  179 86  HOH HOH A . 
B 2 HOH 87  180 87  HOH HOH A . 
B 2 HOH 88  181 88  HOH HOH A . 
B 2 HOH 89  182 89  HOH HOH A . 
B 2 HOH 90  183 90  HOH HOH A . 
B 2 HOH 91  184 91  HOH HOH A . 
B 2 HOH 92  185 92  HOH HOH A . 
B 2 HOH 93  186 93  HOH HOH A . 
B 2 HOH 94  187 94  HOH HOH A . 
B 2 HOH 95  188 95  HOH HOH A . 
B 2 HOH 96  189 96  HOH HOH A . 
B 2 HOH 97  190 97  HOH HOH A . 
B 2 HOH 98  191 98  HOH HOH A . 
B 2 HOH 99  192 99  HOH HOH A . 
B 2 HOH 100 193 100 HOH HOH A . 
B 2 HOH 101 194 101 HOH HOH A . 
B 2 HOH 102 195 102 HOH HOH A . 
B 2 HOH 103 196 103 HOH HOH A . 
B 2 HOH 104 197 104 HOH HOH A . 
B 2 HOH 105 198 105 HOH HOH A . 
B 2 HOH 106 199 106 HOH HOH A . 
B 2 HOH 107 200 107 HOH HOH A . 
B 2 HOH 108 201 108 HOH HOH A . 
B 2 HOH 109 202 109 HOH HOH A . 
B 2 HOH 110 203 110 HOH HOH A . 
B 2 HOH 111 204 111 HOH HOH A . 
B 2 HOH 112 205 112 HOH HOH A . 
B 2 HOH 113 206 113 HOH HOH A . 
B 2 HOH 114 207 114 HOH HOH A . 
B 2 HOH 115 208 115 HOH HOH A . 
B 2 HOH 116 209 116 HOH HOH A . 
B 2 HOH 117 210 117 HOH HOH A . 
B 2 HOH 118 211 118 HOH HOH A . 
B 2 HOH 119 212 119 HOH HOH A . 
B 2 HOH 120 213 120 HOH HOH A . 
B 2 HOH 121 214 121 HOH HOH A . 
B 2 HOH 122 215 122 HOH HOH A . 
B 2 HOH 123 216 123 HOH HOH A . 
B 2 HOH 124 217 124 HOH HOH A . 
B 2 HOH 125 218 125 HOH HOH A . 
B 2 HOH 126 219 126 HOH HOH A . 
B 2 HOH 127 220 127 HOH HOH A . 
B 2 HOH 128 221 128 HOH HOH A . 
B 2 HOH 129 222 129 HOH HOH A . 
B 2 HOH 130 223 130 HOH HOH A . 
B 2 HOH 131 224 131 HOH HOH A . 
B 2 HOH 132 225 132 HOH HOH A . 
B 2 HOH 133 226 133 HOH HOH A . 
B 2 HOH 134 227 134 HOH HOH A . 
B 2 HOH 135 228 135 HOH HOH A . 
B 2 HOH 136 229 136 HOH HOH A . 
B 2 HOH 137 230 137 HOH HOH A . 
B 2 HOH 138 231 138 HOH HOH A . 
B 2 HOH 139 232 139 HOH HOH A . 
B 2 HOH 140 233 140 HOH HOH A . 
B 2 HOH 141 234 141 HOH HOH A . 
B 2 HOH 142 235 142 HOH HOH A . 
B 2 HOH 143 236 143 HOH HOH A . 
B 2 HOH 144 237 144 HOH HOH A . 
B 2 HOH 145 238 145 HOH HOH A . 
B 2 HOH 146 239 146 HOH HOH A . 
B 2 HOH 147 240 147 HOH HOH A . 
B 2 HOH 148 241 148 HOH HOH A . 
B 2 HOH 149 242 149 HOH HOH A . 
B 2 HOH 150 243 150 HOH HOH A . 
B 2 HOH 151 244 151 HOH HOH A . 
# 
loop_
_software.name 
_software.classification 
_software.version 
_software.citation_id 
_software.pdbx_ordinal 
REFMAC refinement       5.2.0005  ? 1 
MOSFLM 'data reduction' .         ? 2 
CCP4   'data scaling'   '(SCALA)' ? 3 
SHELXD phasing          .         ? 4 
SHELXE 'model building' .         ? 5 
# 
_cell.entry_id           1Y6X 
_cell.length_a           37.925 
_cell.length_b           62.597 
_cell.length_c           67.051 
_cell.angle_alpha        90.00 
_cell.angle_beta         90.00 
_cell.angle_gamma        90.00 
_cell.Z_PDB              8 
_cell.pdbx_unique_axis   ? 
_cell.length_a_esd       ? 
_cell.length_b_esd       ? 
_cell.length_c_esd       ? 
_cell.angle_alpha_esd    ? 
_cell.angle_beta_esd     ? 
_cell.angle_gamma_esd    ? 
# 
_symmetry.entry_id                         1Y6X 
_symmetry.space_group_name_H-M             'I 2 2 2' 
_symmetry.pdbx_full_space_group_name_H-M   ? 
_symmetry.cell_setting                     ? 
_symmetry.Int_Tables_number                23 
_symmetry.space_group_name_Hall            ? 
# 
_exptl.entry_id          1Y6X 
_exptl.method            'X-RAY DIFFRACTION' 
_exptl.crystals_number   1 
# 
_exptl_crystal.id                    1 
_exptl_crystal.density_meas          ? 
_exptl_crystal.density_Matthews      2.5 
_exptl_crystal.density_percent_sol   37 
_exptl_crystal.description           ? 
_exptl_crystal.F_000                 ? 
_exptl_crystal.preparation           ? 
# 
_exptl_crystal_grow.crystal_id      1 
_exptl_crystal_grow.method          'VAPOR DIFFUSION, HANGING DROP' 
_exptl_crystal_grow.temp            291.0 
_exptl_crystal_grow.temp_details    ? 
_exptl_crystal_grow.pH              6.5 
_exptl_crystal_grow.pdbx_details    'sodium citrate, sodium cacodylate, pH 6.5, VAPOR DIFFUSION, HANGING DROP, temperature 291.0K' 
_exptl_crystal_grow.pdbx_pH_range   . 
# 
_diffrn.id                     1 
_diffrn.ambient_temp           100.0 
_diffrn.ambient_temp_details   ? 
_diffrn.crystal_id             1 
# 
_diffrn_detector.diffrn_id              1 
_diffrn_detector.detector               CCD 
_diffrn_detector.type                   'ADSC QUANTUM 4' 
_diffrn_detector.pdbx_collection_date   2002-03-02 
_diffrn_detector.details                ? 
# 
_diffrn_radiation.diffrn_id                        1 
_diffrn_radiation.wavelength_id                    1 
_diffrn_radiation.pdbx_monochromatic_or_laue_m_l   M 
_diffrn_radiation.monochromator                    ? 
_diffrn_radiation.pdbx_diffrn_protocol             MAD 
_diffrn_radiation.pdbx_scattering_type             x-ray 
# 
loop_
_diffrn_radiation_wavelength.id 
_diffrn_radiation_wavelength.wavelength 
_diffrn_radiation_wavelength.wt 
1 1.0037 1.0 
2 0.9802 1.0 
3 0.9799 1.0 
4 0.9572 1.0 
# 
_diffrn_source.diffrn_id                   1 
_diffrn_source.source                      SYNCHROTRON 
_diffrn_source.type                        'APS BEAMLINE 14-BM-D' 
_diffrn_source.pdbx_synchrotron_site       APS 
_diffrn_source.pdbx_synchrotron_beamline   14-BM-D 
_diffrn_source.pdbx_wavelength             ? 
_diffrn_source.pdbx_wavelength_list        '1.0037, 0.9802,0.9799, 0.9572' 
# 
_reflns.entry_id                     1Y6X 
_reflns.observed_criterion_sigma_F   ? 
_reflns.observed_criterion_sigma_I   ? 
_reflns.d_resolution_high            1.1 
_reflns.d_resolution_low             45.64 
_reflns.number_all                   ? 
_reflns.number_obs                   24294 
_reflns.percent_possible_obs         100.0 
_reflns.pdbx_Rmerge_I_obs            ? 
_reflns.pdbx_Rsym_value              ? 
_reflns.pdbx_netI_over_sigmaI        ? 
_reflns.B_iso_Wilson_estimate        ? 
_reflns.pdbx_redundancy              ? 
_reflns.R_free_details               ? 
_reflns.limit_h_max                  ? 
_reflns.limit_h_min                  ? 
_reflns.limit_k_max                  ? 
_reflns.limit_k_min                  ? 
_reflns.limit_l_max                  ? 
_reflns.limit_l_min                  ? 
_reflns.observed_criterion_F_max     ? 
_reflns.observed_criterion_F_min     ? 
_reflns.pdbx_chi_squared             ? 
_reflns.pdbx_scaling_rejects         ? 
_reflns.pdbx_ordinal                 1 
_reflns.pdbx_diffrn_id               1 
# 
_refine.entry_id                                 1Y6X 
_refine.ls_number_reflns_obs                     19181 
_refine.ls_number_reflns_all                     20798 
_refine.pdbx_ls_sigma_I                          0 
_refine.pdbx_ls_sigma_F                          0 
_refine.pdbx_data_cutoff_high_absF               ? 
_refine.pdbx_data_cutoff_low_absF                ? 
_refine.pdbx_data_cutoff_high_rms_absF           ? 
_refine.ls_d_res_low                             45.64 
_refine.ls_d_res_high                            1.25 
_refine.ls_percent_reflns_obs                    97.24 
_refine.ls_R_factor_obs                          ? 
_refine.ls_R_factor_all                          0.18458 
_refine.ls_R_factor_R_work                       0.18336 
_refine.ls_R_factor_R_free                       0.20747 
_refine.ls_R_factor_R_free_error                 ? 
_refine.ls_R_factor_R_free_error_details         ? 
_refine.ls_percent_reflns_R_free                 5.2 
_refine.ls_number_reflns_R_free                  1042 
_refine.ls_number_parameters                     ? 
_refine.ls_number_restraints                     ? 
_refine.occupancy_min                            ? 
_refine.occupancy_max                            ? 
_refine.correlation_coeff_Fo_to_Fc               0.961 
_refine.correlation_coeff_Fo_to_Fc_free          0.944 
_refine.B_iso_mean                               11.028 
_refine.aniso_B[1][1]                            0.41 
_refine.aniso_B[2][2]                            0.37 
_refine.aniso_B[3][3]                            -0.78 
_refine.aniso_B[1][2]                            0.00 
_refine.aniso_B[1][3]                            0.00 
_refine.aniso_B[2][3]                            0.00 
_refine.solvent_model_details                    'BABINET MODEL WITH MASK' 
_refine.solvent_model_param_ksol                 ? 
_refine.solvent_model_param_bsol                 ? 
_refine.pdbx_solvent_vdw_probe_radii             1.20 
_refine.pdbx_solvent_ion_probe_radii             0.80 
_refine.pdbx_solvent_shrinkage_radii             0.80 
_refine.pdbx_ls_cross_valid_method               THROUGHOUT 
_refine.details                                  'HYDROGENS HAVE BEEN ADDED IN THE RIDING POSITIONS' 
_refine.pdbx_starting_model                      ? 
_refine.pdbx_method_to_determine_struct          MAD 
_refine.pdbx_isotropic_thermal_model             ? 
_refine.pdbx_stereochemistry_target_values       'MAXIMUM LIKELIHOOD' 
_refine.pdbx_stereochem_target_val_spec_case     ? 
_refine.pdbx_R_Free_selection_details            RANDOM 
_refine.pdbx_overall_ESU_R                       0.063 
_refine.pdbx_overall_ESU_R_Free                  0.055 
_refine.overall_SU_ML                            0.032 
_refine.overall_SU_B                             1.591 
_refine.ls_redundancy_reflns_obs                 ? 
_refine.B_iso_min                                ? 
_refine.B_iso_max                                ? 
_refine.overall_SU_R_Cruickshank_DPI             ? 
_refine.overall_SU_R_free                        ? 
_refine.ls_wR_factor_R_free                      ? 
_refine.ls_wR_factor_R_work                      ? 
_refine.overall_FOM_free_R_set                   ? 
_refine.overall_FOM_work_R_set                   ? 
_refine.pdbx_overall_phase_error                 ? 
_refine.pdbx_refine_id                           'X-RAY DIFFRACTION' 
_refine.pdbx_diffrn_id                           1 
_refine.pdbx_TLS_residual_ADP_flag               ? 
_refine.pdbx_overall_SU_R_free_Cruickshank_DPI   ? 
_refine.pdbx_overall_SU_R_Blow_DPI               ? 
_refine.pdbx_overall_SU_R_free_Blow_DPI          ? 
# 
_refine_hist.pdbx_refine_id                   'X-RAY DIFFRACTION' 
_refine_hist.cycle_id                         LAST 
_refine_hist.pdbx_number_atoms_protein        677 
_refine_hist.pdbx_number_atoms_nucleic_acid   0 
_refine_hist.pdbx_number_atoms_ligand         0 
_refine_hist.number_atoms_solvent             151 
_refine_hist.number_atoms_total               828 
_refine_hist.d_res_high                       1.25 
_refine_hist.d_res_low                        45.64 
# 
loop_
_refine_ls_restr.type 
_refine_ls_restr.dev_ideal 
_refine_ls_restr.dev_ideal_target 
_refine_ls_restr.weight 
_refine_ls_restr.number 
_refine_ls_restr.pdbx_refine_id 
_refine_ls_restr.pdbx_restraint_function 
r_bond_refined_d         0.006  0.022  ? 687  'X-RAY DIFFRACTION' ? 
r_bond_other_d           0.001  0.020  ? 640  'X-RAY DIFFRACTION' ? 
r_angle_refined_deg      0.985  1.970  ? 930  'X-RAY DIFFRACTION' ? 
r_angle_other_deg        0.715  3.000  ? 1479 'X-RAY DIFFRACTION' ? 
r_dihedral_angle_1_deg   4.475  5.000  ? 86   'X-RAY DIFFRACTION' ? 
r_dihedral_angle_2_deg   37.035 24.375 ? 32   'X-RAY DIFFRACTION' ? 
r_dihedral_angle_3_deg   11.368 15.000 ? 120  'X-RAY DIFFRACTION' ? 
r_dihedral_angle_4_deg   5.649  15.000 ? 5    'X-RAY DIFFRACTION' ? 
r_chiral_restr           0.053  0.200  ? 108  'X-RAY DIFFRACTION' ? 
r_gen_planes_refined     0.003  0.020  ? 766  'X-RAY DIFFRACTION' ? 
r_gen_planes_other       0.001  0.020  ? 137  'X-RAY DIFFRACTION' ? 
r_nbd_refined            0.220  0.200  ? 163  'X-RAY DIFFRACTION' ? 
r_nbd_other              0.156  0.200  ? 612  'X-RAY DIFFRACTION' ? 
r_nbtor_refined          0.177  0.200  ? 351  'X-RAY DIFFRACTION' ? 
r_nbtor_other            0.084  0.200  ? 380  'X-RAY DIFFRACTION' ? 
r_xyhbond_nbd_refined    0.124  0.200  ? 114  'X-RAY DIFFRACTION' ? 
r_symmetry_vdw_refined   0.190  0.200  ? 20   'X-RAY DIFFRACTION' ? 
r_symmetry_vdw_other     0.240  0.200  ? 79   'X-RAY DIFFRACTION' ? 
r_symmetry_hbond_refined 0.094  0.200  ? 42   'X-RAY DIFFRACTION' ? 
r_mcbond_it              0.786  1.500  ? 541  'X-RAY DIFFRACTION' ? 
r_mcbond_other           0.231  1.500  ? 181  'X-RAY DIFFRACTION' ? 
r_mcangle_it             1.004  2.000  ? 680  'X-RAY DIFFRACTION' ? 
r_scbond_it              1.740  3.000  ? 288  'X-RAY DIFFRACTION' ? 
r_scangle_it             2.487  4.500  ? 250  'X-RAY DIFFRACTION' ? 
r_rigid_bond_restr       1.337  3.000  ? 1568 'X-RAY DIFFRACTION' ? 
r_sphericity_free        2.132  3.000  ? 151  'X-RAY DIFFRACTION' ? 
r_sphericity_bonded      1.319  3.000  ? 1317 'X-RAY DIFFRACTION' ? 
# 
_refine_ls_shell.pdbx_total_number_of_bins_used   20 
_refine_ls_shell.d_res_high                       1.250 
_refine_ls_shell.d_res_low                        1.283 
_refine_ls_shell.number_reflns_R_work             903 
_refine_ls_shell.R_factor_R_work                  0.227 
_refine_ls_shell.percent_reflns_obs               88.84 
_refine_ls_shell.R_factor_R_free                  0.318 
_refine_ls_shell.R_factor_R_free_error            ? 
_refine_ls_shell.percent_reflns_R_free            ? 
_refine_ls_shell.number_reflns_R_free             44 
_refine_ls_shell.number_reflns_obs                ? 
_refine_ls_shell.redundancy_reflns_obs            ? 
_refine_ls_shell.number_reflns_all                ? 
_refine_ls_shell.R_factor_all                     ? 
_refine_ls_shell.pdbx_refine_id                   'X-RAY DIFFRACTION' 
# 
_struct.entry_id                  1Y6X 
_struct.title                     
'The 1.25 A resolution structure of phosphoribosyl-ATP pyrophosphohydrolase from Mycobacterium tuberculosis' 
_struct.pdbx_model_details        ? 
_struct.pdbx_CASP_flag            ? 
_struct.pdbx_model_type_details   ? 
# 
_struct_keywords.entry_id        1Y6X 
_struct_keywords.pdbx_keywords   HYDROLASE 
_struct_keywords.text            
;helical bundle, phosphoribosyl-ATP, histidine, hydrolase, Structural Genomics, PSI, Protein Structure Initiative, TB Structural Genomics Consortium, TBSGC
;
# 
loop_
_struct_asym.id 
_struct_asym.pdbx_blank_PDB_chainid_flag 
_struct_asym.pdbx_modified 
_struct_asym.entity_id 
_struct_asym.details 
A N N 1 ? 
B N N 2 ? 
# 
_struct_ref.id                         1 
_struct_ref.db_name                    UNP 
_struct_ref.db_code                    HIS2_MYCTU 
_struct_ref.pdbx_db_accession          P0A5B1 
_struct_ref.entity_id                  1 
_struct_ref.pdbx_seq_one_letter_code   
;MQQSLAVKTFEDLFAELGDRARTRPADSTTVAALDGGVHALGKKLLEEAGEVWLAAEHESNDALAEEISQLLYWTQVLMI
SRGLSLDDVYRKL
;
_struct_ref.pdbx_align_begin           1 
_struct_ref.pdbx_db_isoform            ? 
# 
_struct_ref_seq.align_id                      1 
_struct_ref_seq.ref_id                        1 
_struct_ref_seq.pdbx_PDB_id_code              1Y6X 
_struct_ref_seq.pdbx_strand_id                A 
_struct_ref_seq.seq_align_beg                 1 
_struct_ref_seq.pdbx_seq_align_beg_ins_code   ? 
_struct_ref_seq.seq_align_end                 93 
_struct_ref_seq.pdbx_seq_align_end_ins_code   ? 
_struct_ref_seq.pdbx_db_accession             P0A5B1 
_struct_ref_seq.db_align_beg                  1 
_struct_ref_seq.pdbx_db_align_beg_ins_code    ? 
_struct_ref_seq.db_align_end                  93 
_struct_ref_seq.pdbx_db_align_end_ins_code    ? 
_struct_ref_seq.pdbx_auth_seq_align_beg       1 
_struct_ref_seq.pdbx_auth_seq_align_end       93 
# 
_struct_ref_seq_dif.align_id                     1 
_struct_ref_seq_dif.pdbx_pdb_id_code             1Y6X 
_struct_ref_seq_dif.mon_id                       MSE 
_struct_ref_seq_dif.pdbx_pdb_strand_id           A 
_struct_ref_seq_dif.seq_num                      79 
_struct_ref_seq_dif.pdbx_pdb_ins_code            ? 
_struct_ref_seq_dif.pdbx_seq_db_name             UNP 
_struct_ref_seq_dif.pdbx_seq_db_accession_code   P0A5B1 
_struct_ref_seq_dif.db_mon_id                    MET 
_struct_ref_seq_dif.pdbx_seq_db_seq_num          79 
_struct_ref_seq_dif.details                      'modified residue' 
_struct_ref_seq_dif.pdbx_auth_seq_num            79 
_struct_ref_seq_dif.pdbx_ordinal                 1 
# 
loop_
_pdbx_struct_assembly.id 
_pdbx_struct_assembly.details 
_pdbx_struct_assembly.method_details 
_pdbx_struct_assembly.oligomeric_details 
_pdbx_struct_assembly.oligomeric_count 
1 author_defined_assembly   ?    dimeric  2 
2 software_defined_assembly PISA trimeric 3 
3 software_defined_assembly PQS  dimeric  2 
# 
loop_
_pdbx_struct_assembly_prop.biol_id 
_pdbx_struct_assembly_prop.type 
_pdbx_struct_assembly_prop.value 
_pdbx_struct_assembly_prop.details 
2 'ABSA (A^2)' 10050 ? 
2 MORE         -84   ? 
2 'SSA (A^2)'  14340 ? 
# 
loop_
_pdbx_struct_assembly_gen.assembly_id 
_pdbx_struct_assembly_gen.oper_expression 
_pdbx_struct_assembly_gen.asym_id_list 
1 1,2   A,B 
2 1,3,4 A,B 
3 1,5   A,B 
# 
loop_
_pdbx_struct_oper_list.id 
_pdbx_struct_oper_list.type 
_pdbx_struct_oper_list.name 
_pdbx_struct_oper_list.symmetry_operation 
_pdbx_struct_oper_list.matrix[1][1] 
_pdbx_struct_oper_list.matrix[1][2] 
_pdbx_struct_oper_list.matrix[1][3] 
_pdbx_struct_oper_list.vector[1] 
_pdbx_struct_oper_list.matrix[2][1] 
_pdbx_struct_oper_list.matrix[2][2] 
_pdbx_struct_oper_list.matrix[2][3] 
_pdbx_struct_oper_list.vector[2] 
_pdbx_struct_oper_list.matrix[3][1] 
_pdbx_struct_oper_list.matrix[3][2] 
_pdbx_struct_oper_list.matrix[3][3] 
_pdbx_struct_oper_list.vector[3] 
1 'identity operation'         1_555 x,y,z     1.0000000000  0.0000000000  0.0000000000  0.0000000000   0.0000000000  1.0000000000  0.0000000000  0.0000000000  0.0000000000  0.0000000000  1.0000000000  0.0000000000  
2 'crystal symmetry operation' 3_655 -x+1,y,-z -0.0415243112 0.8488307733  -0.5270313557 -17.3221417871 0.8488307733  -0.2482713019 -0.4667415548 13.6076429292 -0.5270313557 -0.4667415548 -0.7102043869 -9.5862715860 
3 'crystal symmetry operation' 2_555 -x,-y,z   -0.9640803857 -0.1681960689 -0.2055701639 30.0875538863  -0.1681960689 -0.2124103180 0.9625964571  10.9585994769 -0.2055701639 0.9625964571  0.1764907037  -3.7090013828 
4 'crystal symmetry operation' 4_555 x,-y,-z   0.0056046969  -0.6806347044 0.7326015196  19.5773200758  -0.6806347044 -0.5393183801 -0.4958549023 19.9556623382 0.7326015196  -0.4958549023 -0.4662863169 -8.3326727041 
5 'crystal symmetry operation' 3_555 -x,y,-z   -0.0415243112 0.8488307733  -0.5270313557 9.5699285324   0.8488307733  -0.2482713019 -0.4667415548 -4.5940186061 -0.5270313557 -0.4667415548 -0.7102043869 10.0050963163 
# 
_struct_biol.id        1 
_struct_biol.details   ? 
# 
loop_
_struct_conf.conf_type_id 
_struct_conf.id 
_struct_conf.pdbx_PDB_helix_id 
_struct_conf.beg_label_comp_id 
_struct_conf.beg_label_asym_id 
_struct_conf.beg_label_seq_id 
_struct_conf.pdbx_beg_PDB_ins_code 
_struct_conf.end_label_comp_id 
_struct_conf.end_label_asym_id 
_struct_conf.end_label_seq_id 
_struct_conf.pdbx_end_PDB_ins_code 
_struct_conf.beg_auth_comp_id 
_struct_conf.beg_auth_asym_id 
_struct_conf.beg_auth_seq_id 
_struct_conf.end_auth_comp_id 
_struct_conf.end_auth_asym_id 
_struct_conf.end_auth_seq_id 
_struct_conf.pdbx_PDB_helix_class 
_struct_conf.details 
_struct_conf.pdbx_PDB_helix_length 
HELX_P HELX_P1 1 THR A 9  ? ARG A 24 ? THR A 9  ARG A 24 1 ? 16 
HELX_P HELX_P2 2 SER A 28 ? GLY A 36 ? SER A 28 GLY A 36 1 ? 9  
HELX_P HELX_P3 3 GLY A 37 ? GLU A 59 ? GLY A 37 GLU A 59 1 ? 23 
HELX_P HELX_P4 4 SER A 60 ? GLY A 83 ? SER A 60 GLY A 83 1 ? 24 
HELX_P HELX_P5 5 SER A 85 ? ARG A 91 ? SER A 85 ARG A 91 1 ? 7  
# 
_struct_conf_type.id          HELX_P 
_struct_conf_type.criteria    ? 
_struct_conf_type.reference   ? 
# 
loop_
_struct_conn.id 
_struct_conn.conn_type_id 
_struct_conn.pdbx_leaving_atom_flag 
_struct_conn.pdbx_PDB_id 
_struct_conn.ptnr1_label_asym_id 
_struct_conn.ptnr1_label_comp_id 
_struct_conn.ptnr1_label_seq_id 
_struct_conn.ptnr1_label_atom_id 
_struct_conn.pdbx_ptnr1_label_alt_id 
_struct_conn.pdbx_ptnr1_PDB_ins_code 
_struct_conn.pdbx_ptnr1_standard_comp_id 
_struct_conn.ptnr1_symmetry 
_struct_conn.ptnr2_label_asym_id 
_struct_conn.ptnr2_label_comp_id 
_struct_conn.ptnr2_label_seq_id 
_struct_conn.ptnr2_label_atom_id 
_struct_conn.pdbx_ptnr2_label_alt_id 
_struct_conn.pdbx_ptnr2_PDB_ins_code 
_struct_conn.ptnr1_auth_asym_id 
_struct_conn.ptnr1_auth_comp_id 
_struct_conn.ptnr1_auth_seq_id 
_struct_conn.ptnr2_auth_asym_id 
_struct_conn.ptnr2_auth_comp_id 
_struct_conn.ptnr2_auth_seq_id 
_struct_conn.ptnr2_symmetry 
_struct_conn.pdbx_ptnr3_label_atom_id 
_struct_conn.pdbx_ptnr3_label_seq_id 
_struct_conn.pdbx_ptnr3_label_comp_id 
_struct_conn.pdbx_ptnr3_label_asym_id 
_struct_conn.pdbx_ptnr3_label_alt_id 
_struct_conn.pdbx_ptnr3_PDB_ins_code 
_struct_conn.details 
_struct_conn.pdbx_dist_value 
_struct_conn.pdbx_value_order 
_struct_conn.pdbx_role 
covale1 covale both ? A LEU 78 C ? ? ? 1_555 A MSE 79 N ? ? A LEU 78 A MSE 79 1_555 ? ? ? ? ? ? ? 1.332 ? ? 
covale2 covale both ? A MSE 79 C ? ? ? 1_555 A ILE 80 N ? ? A MSE 79 A ILE 80 1_555 ? ? ? ? ? ? ? 1.328 ? ? 
# 
_struct_conn_type.id          covale 
_struct_conn_type.criteria    ? 
_struct_conn_type.reference   ? 
# 
_pdbx_modification_feature.ordinal                            1 
_pdbx_modification_feature.label_comp_id                      MSE 
_pdbx_modification_feature.label_asym_id                      A 
_pdbx_modification_feature.label_seq_id                       79 
_pdbx_modification_feature.label_alt_id                       ? 
_pdbx_modification_feature.modified_residue_label_comp_id     . 
_pdbx_modification_feature.modified_residue_label_asym_id     . 
_pdbx_modification_feature.modified_residue_label_seq_id      . 
_pdbx_modification_feature.modified_residue_label_alt_id      . 
_pdbx_modification_feature.auth_comp_id                       MSE 
_pdbx_modification_feature.auth_asym_id                       A 
_pdbx_modification_feature.auth_seq_id                        79 
_pdbx_modification_feature.PDB_ins_code                       ? 
_pdbx_modification_feature.symmetry                           1_555 
_pdbx_modification_feature.modified_residue_auth_comp_id      . 
_pdbx_modification_feature.modified_residue_auth_asym_id      . 
_pdbx_modification_feature.modified_residue_auth_seq_id       . 
_pdbx_modification_feature.modified_residue_PDB_ins_code      . 
_pdbx_modification_feature.modified_residue_symmetry          . 
_pdbx_modification_feature.comp_id_linking_atom               . 
_pdbx_modification_feature.modified_residue_id_linking_atom   . 
_pdbx_modification_feature.modified_residue_id                MET 
_pdbx_modification_feature.ref_pcm_id                         1 
_pdbx_modification_feature.ref_comp_id                        MSE 
_pdbx_modification_feature.type                               Selenomethionine 
_pdbx_modification_feature.category                           'Named protein modification' 
# 
_pdbx_entry_details.entry_id                   1Y6X 
_pdbx_entry_details.compound_details           ? 
_pdbx_entry_details.source_details             ? 
_pdbx_entry_details.nonpolymer_details         ? 
_pdbx_entry_details.sequence_details           ? 
_pdbx_entry_details.has_ligand_of_interest     ? 
_pdbx_entry_details.has_protein_modification   Y 
# 
_pdbx_SG_project.project_name          'PSI, Protein Structure Initiative' 
_pdbx_SG_project.full_name_of_center   'TB Structural Genomics Consortium' 
_pdbx_SG_project.initial_of_center     TBSGC 
_pdbx_SG_project.id                    1 
# 
_pdbx_struct_mod_residue.id               1 
_pdbx_struct_mod_residue.label_asym_id    A 
_pdbx_struct_mod_residue.label_comp_id    MSE 
_pdbx_struct_mod_residue.label_seq_id     79 
_pdbx_struct_mod_residue.auth_asym_id     A 
_pdbx_struct_mod_residue.auth_comp_id     MSE 
_pdbx_struct_mod_residue.auth_seq_id      79 
_pdbx_struct_mod_residue.PDB_ins_code     ? 
_pdbx_struct_mod_residue.parent_comp_id   MET 
_pdbx_struct_mod_residue.details          SELENOMETHIONINE 
# 
_pdbx_struct_special_symmetry.id              1 
_pdbx_struct_special_symmetry.PDB_model_num   1 
_pdbx_struct_special_symmetry.auth_asym_id    A 
_pdbx_struct_special_symmetry.auth_comp_id    HOH 
_pdbx_struct_special_symmetry.auth_seq_id     164 
_pdbx_struct_special_symmetry.PDB_ins_code    ? 
_pdbx_struct_special_symmetry.label_asym_id   B 
_pdbx_struct_special_symmetry.label_comp_id   HOH 
_pdbx_struct_special_symmetry.label_seq_id    . 
# 
loop_
_pdbx_unobs_or_zero_occ_residues.id 
_pdbx_unobs_or_zero_occ_residues.PDB_model_num 
_pdbx_unobs_or_zero_occ_residues.polymer_flag 
_pdbx_unobs_or_zero_occ_residues.occupancy_flag 
_pdbx_unobs_or_zero_occ_residues.auth_asym_id 
_pdbx_unobs_or_zero_occ_residues.auth_comp_id 
_pdbx_unobs_or_zero_occ_residues.auth_seq_id 
_pdbx_unobs_or_zero_occ_residues.PDB_ins_code 
_pdbx_unobs_or_zero_occ_residues.label_asym_id 
_pdbx_unobs_or_zero_occ_residues.label_comp_id 
_pdbx_unobs_or_zero_occ_residues.label_seq_id 
1 1 Y 1 A MET 1 ? A MET 1 
2 1 Y 1 A GLN 2 ? A GLN 2 
3 1 Y 1 A GLN 3 ? A GLN 3 
4 1 Y 1 A SER 4 ? A SER 4 
5 1 Y 1 A LEU 5 ? A LEU 5 
6 1 Y 1 A ALA 6 ? A ALA 6 
# 
loop_
_chem_comp_atom.comp_id 
_chem_comp_atom.atom_id 
_chem_comp_atom.type_symbol 
_chem_comp_atom.pdbx_aromatic_flag 
_chem_comp_atom.pdbx_stereo_config 
_chem_comp_atom.pdbx_ordinal 
ALA N    N  N N 1   
ALA CA   C  N S 2   
ALA C    C  N N 3   
ALA O    O  N N 4   
ALA CB   C  N N 5   
ALA OXT  O  N N 6   
ALA H    H  N N 7   
ALA H2   H  N N 8   
ALA HA   H  N N 9   
ALA HB1  H  N N 10  
ALA HB2  H  N N 11  
ALA HB3  H  N N 12  
ALA HXT  H  N N 13  
ARG N    N  N N 14  
ARG CA   C  N S 15  
ARG C    C  N N 16  
ARG O    O  N N 17  
ARG CB   C  N N 18  
ARG CG   C  N N 19  
ARG CD   C  N N 20  
ARG NE   N  N N 21  
ARG CZ   C  N N 22  
ARG NH1  N  N N 23  
ARG NH2  N  N N 24  
ARG OXT  O  N N 25  
ARG H    H  N N 26  
ARG H2   H  N N 27  
ARG HA   H  N N 28  
ARG HB2  H  N N 29  
ARG HB3  H  N N 30  
ARG HG2  H  N N 31  
ARG HG3  H  N N 32  
ARG HD2  H  N N 33  
ARG HD3  H  N N 34  
ARG HE   H  N N 35  
ARG HH11 H  N N 36  
ARG HH12 H  N N 37  
ARG HH21 H  N N 38  
ARG HH22 H  N N 39  
ARG HXT  H  N N 40  
ASN N    N  N N 41  
ASN CA   C  N S 42  
ASN C    C  N N 43  
ASN O    O  N N 44  
ASN CB   C  N N 45  
ASN CG   C  N N 46  
ASN OD1  O  N N 47  
ASN ND2  N  N N 48  
ASN OXT  O  N N 49  
ASN H    H  N N 50  
ASN H2   H  N N 51  
ASN HA   H  N N 52  
ASN HB2  H  N N 53  
ASN HB3  H  N N 54  
ASN HD21 H  N N 55  
ASN HD22 H  N N 56  
ASN HXT  H  N N 57  
ASP N    N  N N 58  
ASP CA   C  N S 59  
ASP C    C  N N 60  
ASP O    O  N N 61  
ASP CB   C  N N 62  
ASP CG   C  N N 63  
ASP OD1  O  N N 64  
ASP OD2  O  N N 65  
ASP OXT  O  N N 66  
ASP H    H  N N 67  
ASP H2   H  N N 68  
ASP HA   H  N N 69  
ASP HB2  H  N N 70  
ASP HB3  H  N N 71  
ASP HD2  H  N N 72  
ASP HXT  H  N N 73  
GLN N    N  N N 74  
GLN CA   C  N S 75  
GLN C    C  N N 76  
GLN O    O  N N 77  
GLN CB   C  N N 78  
GLN CG   C  N N 79  
GLN CD   C  N N 80  
GLN OE1  O  N N 81  
GLN NE2  N  N N 82  
GLN OXT  O  N N 83  
GLN H    H  N N 84  
GLN H2   H  N N 85  
GLN HA   H  N N 86  
GLN HB2  H  N N 87  
GLN HB3  H  N N 88  
GLN HG2  H  N N 89  
GLN HG3  H  N N 90  
GLN HE21 H  N N 91  
GLN HE22 H  N N 92  
GLN HXT  H  N N 93  
GLU N    N  N N 94  
GLU CA   C  N S 95  
GLU C    C  N N 96  
GLU O    O  N N 97  
GLU CB   C  N N 98  
GLU CG   C  N N 99  
GLU CD   C  N N 100 
GLU OE1  O  N N 101 
GLU OE2  O  N N 102 
GLU OXT  O  N N 103 
GLU H    H  N N 104 
GLU H2   H  N N 105 
GLU HA   H  N N 106 
GLU HB2  H  N N 107 
GLU HB3  H  N N 108 
GLU HG2  H  N N 109 
GLU HG3  H  N N 110 
GLU HE2  H  N N 111 
GLU HXT  H  N N 112 
GLY N    N  N N 113 
GLY CA   C  N N 114 
GLY C    C  N N 115 
GLY O    O  N N 116 
GLY OXT  O  N N 117 
GLY H    H  N N 118 
GLY H2   H  N N 119 
GLY HA2  H  N N 120 
GLY HA3  H  N N 121 
GLY HXT  H  N N 122 
HIS N    N  N N 123 
HIS CA   C  N S 124 
HIS C    C  N N 125 
HIS O    O  N N 126 
HIS CB   C  N N 127 
HIS CG   C  Y N 128 
HIS ND1  N  Y N 129 
HIS CD2  C  Y N 130 
HIS CE1  C  Y N 131 
HIS NE2  N  Y N 132 
HIS OXT  O  N N 133 
HIS H    H  N N 134 
HIS H2   H  N N 135 
HIS HA   H  N N 136 
HIS HB2  H  N N 137 
HIS HB3  H  N N 138 
HIS HD1  H  N N 139 
HIS HD2  H  N N 140 
HIS HE1  H  N N 141 
HIS HE2  H  N N 142 
HIS HXT  H  N N 143 
HOH O    O  N N 144 
HOH H1   H  N N 145 
HOH H2   H  N N 146 
ILE N    N  N N 147 
ILE CA   C  N S 148 
ILE C    C  N N 149 
ILE O    O  N N 150 
ILE CB   C  N S 151 
ILE CG1  C  N N 152 
ILE CG2  C  N N 153 
ILE CD1  C  N N 154 
ILE OXT  O  N N 155 
ILE H    H  N N 156 
ILE H2   H  N N 157 
ILE HA   H  N N 158 
ILE HB   H  N N 159 
ILE HG12 H  N N 160 
ILE HG13 H  N N 161 
ILE HG21 H  N N 162 
ILE HG22 H  N N 163 
ILE HG23 H  N N 164 
ILE HD11 H  N N 165 
ILE HD12 H  N N 166 
ILE HD13 H  N N 167 
ILE HXT  H  N N 168 
LEU N    N  N N 169 
LEU CA   C  N S 170 
LEU C    C  N N 171 
LEU O    O  N N 172 
LEU CB   C  N N 173 
LEU CG   C  N N 174 
LEU CD1  C  N N 175 
LEU CD2  C  N N 176 
LEU OXT  O  N N 177 
LEU H    H  N N 178 
LEU H2   H  N N 179 
LEU HA   H  N N 180 
LEU HB2  H  N N 181 
LEU HB3  H  N N 182 
LEU HG   H  N N 183 
LEU HD11 H  N N 184 
LEU HD12 H  N N 185 
LEU HD13 H  N N 186 
LEU HD21 H  N N 187 
LEU HD22 H  N N 188 
LEU HD23 H  N N 189 
LEU HXT  H  N N 190 
LYS N    N  N N 191 
LYS CA   C  N S 192 
LYS C    C  N N 193 
LYS O    O  N N 194 
LYS CB   C  N N 195 
LYS CG   C  N N 196 
LYS CD   C  N N 197 
LYS CE   C  N N 198 
LYS NZ   N  N N 199 
LYS OXT  O  N N 200 
LYS H    H  N N 201 
LYS H2   H  N N 202 
LYS HA   H  N N 203 
LYS HB2  H  N N 204 
LYS HB3  H  N N 205 
LYS HG2  H  N N 206 
LYS HG3  H  N N 207 
LYS HD2  H  N N 208 
LYS HD3  H  N N 209 
LYS HE2  H  N N 210 
LYS HE3  H  N N 211 
LYS HZ1  H  N N 212 
LYS HZ2  H  N N 213 
LYS HZ3  H  N N 214 
LYS HXT  H  N N 215 
MET N    N  N N 216 
MET CA   C  N S 217 
MET C    C  N N 218 
MET O    O  N N 219 
MET CB   C  N N 220 
MET CG   C  N N 221 
MET SD   S  N N 222 
MET CE   C  N N 223 
MET OXT  O  N N 224 
MET H    H  N N 225 
MET H2   H  N N 226 
MET HA   H  N N 227 
MET HB2  H  N N 228 
MET HB3  H  N N 229 
MET HG2  H  N N 230 
MET HG3  H  N N 231 
MET HE1  H  N N 232 
MET HE2  H  N N 233 
MET HE3  H  N N 234 
MET HXT  H  N N 235 
MSE N    N  N N 236 
MSE CA   C  N S 237 
MSE C    C  N N 238 
MSE O    O  N N 239 
MSE OXT  O  N N 240 
MSE CB   C  N N 241 
MSE CG   C  N N 242 
MSE SE   SE N N 243 
MSE CE   C  N N 244 
MSE H    H  N N 245 
MSE H2   H  N N 246 
MSE HA   H  N N 247 
MSE HXT  H  N N 248 
MSE HB2  H  N N 249 
MSE HB3  H  N N 250 
MSE HG2  H  N N 251 
MSE HG3  H  N N 252 
MSE HE1  H  N N 253 
MSE HE2  H  N N 254 
MSE HE3  H  N N 255 
PHE N    N  N N 256 
PHE CA   C  N S 257 
PHE C    C  N N 258 
PHE O    O  N N 259 
PHE CB   C  N N 260 
PHE CG   C  Y N 261 
PHE CD1  C  Y N 262 
PHE CD2  C  Y N 263 
PHE CE1  C  Y N 264 
PHE CE2  C  Y N 265 
PHE CZ   C  Y N 266 
PHE OXT  O  N N 267 
PHE H    H  N N 268 
PHE H2   H  N N 269 
PHE HA   H  N N 270 
PHE HB2  H  N N 271 
PHE HB3  H  N N 272 
PHE HD1  H  N N 273 
PHE HD2  H  N N 274 
PHE HE1  H  N N 275 
PHE HE2  H  N N 276 
PHE HZ   H  N N 277 
PHE HXT  H  N N 278 
PRO N    N  N N 279 
PRO CA   C  N S 280 
PRO C    C  N N 281 
PRO O    O  N N 282 
PRO CB   C  N N 283 
PRO CG   C  N N 284 
PRO CD   C  N N 285 
PRO OXT  O  N N 286 
PRO H    H  N N 287 
PRO HA   H  N N 288 
PRO HB2  H  N N 289 
PRO HB3  H  N N 290 
PRO HG2  H  N N 291 
PRO HG3  H  N N 292 
PRO HD2  H  N N 293 
PRO HD3  H  N N 294 
PRO HXT  H  N N 295 
SER N    N  N N 296 
SER CA   C  N S 297 
SER C    C  N N 298 
SER O    O  N N 299 
SER CB   C  N N 300 
SER OG   O  N N 301 
SER OXT  O  N N 302 
SER H    H  N N 303 
SER H2   H  N N 304 
SER HA   H  N N 305 
SER HB2  H  N N 306 
SER HB3  H  N N 307 
SER HG   H  N N 308 
SER HXT  H  N N 309 
THR N    N  N N 310 
THR CA   C  N S 311 
THR C    C  N N 312 
THR O    O  N N 313 
THR CB   C  N R 314 
THR OG1  O  N N 315 
THR CG2  C  N N 316 
THR OXT  O  N N 317 
THR H    H  N N 318 
THR H2   H  N N 319 
THR HA   H  N N 320 
THR HB   H  N N 321 
THR HG1  H  N N 322 
THR HG21 H  N N 323 
THR HG22 H  N N 324 
THR HG23 H  N N 325 
THR HXT  H  N N 326 
TRP N    N  N N 327 
TRP CA   C  N S 328 
TRP C    C  N N 329 
TRP O    O  N N 330 
TRP CB   C  N N 331 
TRP CG   C  Y N 332 
TRP CD1  C  Y N 333 
TRP CD2  C  Y N 334 
TRP NE1  N  Y N 335 
TRP CE2  C  Y N 336 
TRP CE3  C  Y N 337 
TRP CZ2  C  Y N 338 
TRP CZ3  C  Y N 339 
TRP CH2  C  Y N 340 
TRP OXT  O  N N 341 
TRP H    H  N N 342 
TRP H2   H  N N 343 
TRP HA   H  N N 344 
TRP HB2  H  N N 345 
TRP HB3  H  N N 346 
TRP HD1  H  N N 347 
TRP HE1  H  N N 348 
TRP HE3  H  N N 349 
TRP HZ2  H  N N 350 
TRP HZ3  H  N N 351 
TRP HH2  H  N N 352 
TRP HXT  H  N N 353 
TYR N    N  N N 354 
TYR CA   C  N S 355 
TYR C    C  N N 356 
TYR O    O  N N 357 
TYR CB   C  N N 358 
TYR CG   C  Y N 359 
TYR CD1  C  Y N 360 
TYR CD2  C  Y N 361 
TYR CE1  C  Y N 362 
TYR CE2  C  Y N 363 
TYR CZ   C  Y N 364 
TYR OH   O  N N 365 
TYR OXT  O  N N 366 
TYR H    H  N N 367 
TYR H2   H  N N 368 
TYR HA   H  N N 369 
TYR HB2  H  N N 370 
TYR HB3  H  N N 371 
TYR HD1  H  N N 372 
TYR HD2  H  N N 373 
TYR HE1  H  N N 374 
TYR HE2  H  N N 375 
TYR HH   H  N N 376 
TYR HXT  H  N N 377 
VAL N    N  N N 378 
VAL CA   C  N S 379 
VAL C    C  N N 380 
VAL O    O  N N 381 
VAL CB   C  N N 382 
VAL CG1  C  N N 383 
VAL CG2  C  N N 384 
VAL OXT  O  N N 385 
VAL H    H  N N 386 
VAL H2   H  N N 387 
VAL HA   H  N N 388 
VAL HB   H  N N 389 
VAL HG11 H  N N 390 
VAL HG12 H  N N 391 
VAL HG13 H  N N 392 
VAL HG21 H  N N 393 
VAL HG22 H  N N 394 
VAL HG23 H  N N 395 
VAL HXT  H  N N 396 
# 
loop_
_chem_comp_bond.comp_id 
_chem_comp_bond.atom_id_1 
_chem_comp_bond.atom_id_2 
_chem_comp_bond.value_order 
_chem_comp_bond.pdbx_aromatic_flag 
_chem_comp_bond.pdbx_stereo_config 
_chem_comp_bond.pdbx_ordinal 
ALA N   CA   sing N N 1   
ALA N   H    sing N N 2   
ALA N   H2   sing N N 3   
ALA CA  C    sing N N 4   
ALA CA  CB   sing N N 5   
ALA CA  HA   sing N N 6   
ALA C   O    doub N N 7   
ALA C   OXT  sing N N 8   
ALA CB  HB1  sing N N 9   
ALA CB  HB2  sing N N 10  
ALA CB  HB3  sing N N 11  
ALA OXT HXT  sing N N 12  
ARG N   CA   sing N N 13  
ARG N   H    sing N N 14  
ARG N   H2   sing N N 15  
ARG CA  C    sing N N 16  
ARG CA  CB   sing N N 17  
ARG CA  HA   sing N N 18  
ARG C   O    doub N N 19  
ARG C   OXT  sing N N 20  
ARG CB  CG   sing N N 21  
ARG CB  HB2  sing N N 22  
ARG CB  HB3  sing N N 23  
ARG CG  CD   sing N N 24  
ARG CG  HG2  sing N N 25  
ARG CG  HG3  sing N N 26  
ARG CD  NE   sing N N 27  
ARG CD  HD2  sing N N 28  
ARG CD  HD3  sing N N 29  
ARG NE  CZ   sing N N 30  
ARG NE  HE   sing N N 31  
ARG CZ  NH1  sing N N 32  
ARG CZ  NH2  doub N N 33  
ARG NH1 HH11 sing N N 34  
ARG NH1 HH12 sing N N 35  
ARG NH2 HH21 sing N N 36  
ARG NH2 HH22 sing N N 37  
ARG OXT HXT  sing N N 38  
ASN N   CA   sing N N 39  
ASN N   H    sing N N 40  
ASN N   H2   sing N N 41  
ASN CA  C    sing N N 42  
ASN CA  CB   sing N N 43  
ASN CA  HA   sing N N 44  
ASN C   O    doub N N 45  
ASN C   OXT  sing N N 46  
ASN CB  CG   sing N N 47  
ASN CB  HB2  sing N N 48  
ASN CB  HB3  sing N N 49  
ASN CG  OD1  doub N N 50  
ASN CG  ND2  sing N N 51  
ASN ND2 HD21 sing N N 52  
ASN ND2 HD22 sing N N 53  
ASN OXT HXT  sing N N 54  
ASP N   CA   sing N N 55  
ASP N   H    sing N N 56  
ASP N   H2   sing N N 57  
ASP CA  C    sing N N 58  
ASP CA  CB   sing N N 59  
ASP CA  HA   sing N N 60  
ASP C   O    doub N N 61  
ASP C   OXT  sing N N 62  
ASP CB  CG   sing N N 63  
ASP CB  HB2  sing N N 64  
ASP CB  HB3  sing N N 65  
ASP CG  OD1  doub N N 66  
ASP CG  OD2  sing N N 67  
ASP OD2 HD2  sing N N 68  
ASP OXT HXT  sing N N 69  
GLN N   CA   sing N N 70  
GLN N   H    sing N N 71  
GLN N   H2   sing N N 72  
GLN CA  C    sing N N 73  
GLN CA  CB   sing N N 74  
GLN CA  HA   sing N N 75  
GLN C   O    doub N N 76  
GLN C   OXT  sing N N 77  
GLN CB  CG   sing N N 78  
GLN CB  HB2  sing N N 79  
GLN CB  HB3  sing N N 80  
GLN CG  CD   sing N N 81  
GLN CG  HG2  sing N N 82  
GLN CG  HG3  sing N N 83  
GLN CD  OE1  doub N N 84  
GLN CD  NE2  sing N N 85  
GLN NE2 HE21 sing N N 86  
GLN NE2 HE22 sing N N 87  
GLN OXT HXT  sing N N 88  
GLU N   CA   sing N N 89  
GLU N   H    sing N N 90  
GLU N   H2   sing N N 91  
GLU CA  C    sing N N 92  
GLU CA  CB   sing N N 93  
GLU CA  HA   sing N N 94  
GLU C   O    doub N N 95  
GLU C   OXT  sing N N 96  
GLU CB  CG   sing N N 97  
GLU CB  HB2  sing N N 98  
GLU CB  HB3  sing N N 99  
GLU CG  CD   sing N N 100 
GLU CG  HG2  sing N N 101 
GLU CG  HG3  sing N N 102 
GLU CD  OE1  doub N N 103 
GLU CD  OE2  sing N N 104 
GLU OE2 HE2  sing N N 105 
GLU OXT HXT  sing N N 106 
GLY N   CA   sing N N 107 
GLY N   H    sing N N 108 
GLY N   H2   sing N N 109 
GLY CA  C    sing N N 110 
GLY CA  HA2  sing N N 111 
GLY CA  HA3  sing N N 112 
GLY C   O    doub N N 113 
GLY C   OXT  sing N N 114 
GLY OXT HXT  sing N N 115 
HIS N   CA   sing N N 116 
HIS N   H    sing N N 117 
HIS N   H2   sing N N 118 
HIS CA  C    sing N N 119 
HIS CA  CB   sing N N 120 
HIS CA  HA   sing N N 121 
HIS C   O    doub N N 122 
HIS C   OXT  sing N N 123 
HIS CB  CG   sing N N 124 
HIS CB  HB2  sing N N 125 
HIS CB  HB3  sing N N 126 
HIS CG  ND1  sing Y N 127 
HIS CG  CD2  doub Y N 128 
HIS ND1 CE1  doub Y N 129 
HIS ND1 HD1  sing N N 130 
HIS CD2 NE2  sing Y N 131 
HIS CD2 HD2  sing N N 132 
HIS CE1 NE2  sing Y N 133 
HIS CE1 HE1  sing N N 134 
HIS NE2 HE2  sing N N 135 
HIS OXT HXT  sing N N 136 
HOH O   H1   sing N N 137 
HOH O   H2   sing N N 138 
ILE N   CA   sing N N 139 
ILE N   H    sing N N 140 
ILE N   H2   sing N N 141 
ILE CA  C    sing N N 142 
ILE CA  CB   sing N N 143 
ILE CA  HA   sing N N 144 
ILE C   O    doub N N 145 
ILE C   OXT  sing N N 146 
ILE CB  CG1  sing N N 147 
ILE CB  CG2  sing N N 148 
ILE CB  HB   sing N N 149 
ILE CG1 CD1  sing N N 150 
ILE CG1 HG12 sing N N 151 
ILE CG1 HG13 sing N N 152 
ILE CG2 HG21 sing N N 153 
ILE CG2 HG22 sing N N 154 
ILE CG2 HG23 sing N N 155 
ILE CD1 HD11 sing N N 156 
ILE CD1 HD12 sing N N 157 
ILE CD1 HD13 sing N N 158 
ILE OXT HXT  sing N N 159 
LEU N   CA   sing N N 160 
LEU N   H    sing N N 161 
LEU N   H2   sing N N 162 
LEU CA  C    sing N N 163 
LEU CA  CB   sing N N 164 
LEU CA  HA   sing N N 165 
LEU C   O    doub N N 166 
LEU C   OXT  sing N N 167 
LEU CB  CG   sing N N 168 
LEU CB  HB2  sing N N 169 
LEU CB  HB3  sing N N 170 
LEU CG  CD1  sing N N 171 
LEU CG  CD2  sing N N 172 
LEU CG  HG   sing N N 173 
LEU CD1 HD11 sing N N 174 
LEU CD1 HD12 sing N N 175 
LEU CD1 HD13 sing N N 176 
LEU CD2 HD21 sing N N 177 
LEU CD2 HD22 sing N N 178 
LEU CD2 HD23 sing N N 179 
LEU OXT HXT  sing N N 180 
LYS N   CA   sing N N 181 
LYS N   H    sing N N 182 
LYS N   H2   sing N N 183 
LYS CA  C    sing N N 184 
LYS CA  CB   sing N N 185 
LYS CA  HA   sing N N 186 
LYS C   O    doub N N 187 
LYS C   OXT  sing N N 188 
LYS CB  CG   sing N N 189 
LYS CB  HB2  sing N N 190 
LYS CB  HB3  sing N N 191 
LYS CG  CD   sing N N 192 
LYS CG  HG2  sing N N 193 
LYS CG  HG3  sing N N 194 
LYS CD  CE   sing N N 195 
LYS CD  HD2  sing N N 196 
LYS CD  HD3  sing N N 197 
LYS CE  NZ   sing N N 198 
LYS CE  HE2  sing N N 199 
LYS CE  HE3  sing N N 200 
LYS NZ  HZ1  sing N N 201 
LYS NZ  HZ2  sing N N 202 
LYS NZ  HZ3  sing N N 203 
LYS OXT HXT  sing N N 204 
MET N   CA   sing N N 205 
MET N   H    sing N N 206 
MET N   H2   sing N N 207 
MET CA  C    sing N N 208 
MET CA  CB   sing N N 209 
MET CA  HA   sing N N 210 
MET C   O    doub N N 211 
MET C   OXT  sing N N 212 
MET CB  CG   sing N N 213 
MET CB  HB2  sing N N 214 
MET CB  HB3  sing N N 215 
MET CG  SD   sing N N 216 
MET CG  HG2  sing N N 217 
MET CG  HG3  sing N N 218 
MET SD  CE   sing N N 219 
MET CE  HE1  sing N N 220 
MET CE  HE2  sing N N 221 
MET CE  HE3  sing N N 222 
MET OXT HXT  sing N N 223 
MSE N   CA   sing N N 224 
MSE N   H    sing N N 225 
MSE N   H2   sing N N 226 
MSE CA  C    sing N N 227 
MSE CA  CB   sing N N 228 
MSE CA  HA   sing N N 229 
MSE C   O    doub N N 230 
MSE C   OXT  sing N N 231 
MSE OXT HXT  sing N N 232 
MSE CB  CG   sing N N 233 
MSE CB  HB2  sing N N 234 
MSE CB  HB3  sing N N 235 
MSE CG  SE   sing N N 236 
MSE CG  HG2  sing N N 237 
MSE CG  HG3  sing N N 238 
MSE SE  CE   sing N N 239 
MSE CE  HE1  sing N N 240 
MSE CE  HE2  sing N N 241 
MSE CE  HE3  sing N N 242 
PHE N   CA   sing N N 243 
PHE N   H    sing N N 244 
PHE N   H2   sing N N 245 
PHE CA  C    sing N N 246 
PHE CA  CB   sing N N 247 
PHE CA  HA   sing N N 248 
PHE C   O    doub N N 249 
PHE C   OXT  sing N N 250 
PHE CB  CG   sing N N 251 
PHE CB  HB2  sing N N 252 
PHE CB  HB3  sing N N 253 
PHE CG  CD1  doub Y N 254 
PHE CG  CD2  sing Y N 255 
PHE CD1 CE1  sing Y N 256 
PHE CD1 HD1  sing N N 257 
PHE CD2 CE2  doub Y N 258 
PHE CD2 HD2  sing N N 259 
PHE CE1 CZ   doub Y N 260 
PHE CE1 HE1  sing N N 261 
PHE CE2 CZ   sing Y N 262 
PHE CE2 HE2  sing N N 263 
PHE CZ  HZ   sing N N 264 
PHE OXT HXT  sing N N 265 
PRO N   CA   sing N N 266 
PRO N   CD   sing N N 267 
PRO N   H    sing N N 268 
PRO CA  C    sing N N 269 
PRO CA  CB   sing N N 270 
PRO CA  HA   sing N N 271 
PRO C   O    doub N N 272 
PRO C   OXT  sing N N 273 
PRO CB  CG   sing N N 274 
PRO CB  HB2  sing N N 275 
PRO CB  HB3  sing N N 276 
PRO CG  CD   sing N N 277 
PRO CG  HG2  sing N N 278 
PRO CG  HG3  sing N N 279 
PRO CD  HD2  sing N N 280 
PRO CD  HD3  sing N N 281 
PRO OXT HXT  sing N N 282 
SER N   CA   sing N N 283 
SER N   H    sing N N 284 
SER N   H2   sing N N 285 
SER CA  C    sing N N 286 
SER CA  CB   sing N N 287 
SER CA  HA   sing N N 288 
SER C   O    doub N N 289 
SER C   OXT  sing N N 290 
SER CB  OG   sing N N 291 
SER CB  HB2  sing N N 292 
SER CB  HB3  sing N N 293 
SER OG  HG   sing N N 294 
SER OXT HXT  sing N N 295 
THR N   CA   sing N N 296 
THR N   H    sing N N 297 
THR N   H2   sing N N 298 
THR CA  C    sing N N 299 
THR CA  CB   sing N N 300 
THR CA  HA   sing N N 301 
THR C   O    doub N N 302 
THR C   OXT  sing N N 303 
THR CB  OG1  sing N N 304 
THR CB  CG2  sing N N 305 
THR CB  HB   sing N N 306 
THR OG1 HG1  sing N N 307 
THR CG2 HG21 sing N N 308 
THR CG2 HG22 sing N N 309 
THR CG2 HG23 sing N N 310 
THR OXT HXT  sing N N 311 
TRP N   CA   sing N N 312 
TRP N   H    sing N N 313 
TRP N   H2   sing N N 314 
TRP CA  C    sing N N 315 
TRP CA  CB   sing N N 316 
TRP CA  HA   sing N N 317 
TRP C   O    doub N N 318 
TRP C   OXT  sing N N 319 
TRP CB  CG   sing N N 320 
TRP CB  HB2  sing N N 321 
TRP CB  HB3  sing N N 322 
TRP CG  CD1  doub Y N 323 
TRP CG  CD2  sing Y N 324 
TRP CD1 NE1  sing Y N 325 
TRP CD1 HD1  sing N N 326 
TRP CD2 CE2  doub Y N 327 
TRP CD2 CE3  sing Y N 328 
TRP NE1 CE2  sing Y N 329 
TRP NE1 HE1  sing N N 330 
TRP CE2 CZ2  sing Y N 331 
TRP CE3 CZ3  doub Y N 332 
TRP CE3 HE3  sing N N 333 
TRP CZ2 CH2  doub Y N 334 
TRP CZ2 HZ2  sing N N 335 
TRP CZ3 CH2  sing Y N 336 
TRP CZ3 HZ3  sing N N 337 
TRP CH2 HH2  sing N N 338 
TRP OXT HXT  sing N N 339 
TYR N   CA   sing N N 340 
TYR N   H    sing N N 341 
TYR N   H2   sing N N 342 
TYR CA  C    sing N N 343 
TYR CA  CB   sing N N 344 
TYR CA  HA   sing N N 345 
TYR C   O    doub N N 346 
TYR C   OXT  sing N N 347 
TYR CB  CG   sing N N 348 
TYR CB  HB2  sing N N 349 
TYR CB  HB3  sing N N 350 
TYR CG  CD1  doub Y N 351 
TYR CG  CD2  sing Y N 352 
TYR CD1 CE1  sing Y N 353 
TYR CD1 HD1  sing N N 354 
TYR CD2 CE2  doub Y N 355 
TYR CD2 HD2  sing N N 356 
TYR CE1 CZ   doub Y N 357 
TYR CE1 HE1  sing N N 358 
TYR CE2 CZ   sing Y N 359 
TYR CE2 HE2  sing N N 360 
TYR CZ  OH   sing N N 361 
TYR OH  HH   sing N N 362 
TYR OXT HXT  sing N N 363 
VAL N   CA   sing N N 364 
VAL N   H    sing N N 365 
VAL N   H2   sing N N 366 
VAL CA  C    sing N N 367 
VAL CA  CB   sing N N 368 
VAL CA  HA   sing N N 369 
VAL C   O    doub N N 370 
VAL C   OXT  sing N N 371 
VAL CB  CG1  sing N N 372 
VAL CB  CG2  sing N N 373 
VAL CB  HB   sing N N 374 
VAL CG1 HG11 sing N N 375 
VAL CG1 HG12 sing N N 376 
VAL CG1 HG13 sing N N 377 
VAL CG2 HG21 sing N N 378 
VAL CG2 HG22 sing N N 379 
VAL CG2 HG23 sing N N 380 
VAL OXT HXT  sing N N 381 
# 
_atom_sites.entry_id                    1Y6X 
_atom_sites.fract_transf_matrix[1][1]   -0.01869717 
_atom_sites.fract_transf_matrix[1][2]   0.01265501 
_atom_sites.fract_transf_matrix[1][3]   -0.01362123 
_atom_sites.fract_transf_matrix[2][1]   -0.01105901 
_atom_sites.fract_transf_matrix[2][2]   -0.00979392 
_atom_sites.fract_transf_matrix[2][3]   0.00608095 
_atom_sites.fract_transf_matrix[3][1]   -0.00199869 
_atom_sites.fract_transf_matrix[3][2]   0.00935899 
_atom_sites.fract_transf_matrix[3][3]   0.01143861 
_atom_sites.fract_transf_vector[1]      0.186675 
_atom_sites.fract_transf_vector[2]      0.231310 
_atom_sites.fract_transf_vector[3]      -0.026161 
# 
loop_
_atom_type.symbol 
C  
N  
O  
SE 
# 
loop_
_atom_site.group_PDB 
_atom_site.id 
_atom_site.type_symbol 
_atom_site.label_atom_id 
_atom_site.label_alt_id 
_atom_site.label_comp_id 
_atom_site.label_asym_id 
_atom_site.label_entity_id 
_atom_site.label_seq_id 
_atom_site.pdbx_PDB_ins_code 
_atom_site.Cartn_x 
_atom_site.Cartn_y 
_atom_site.Cartn_z 
_atom_site.occupancy 
_atom_site.B_iso_or_equiv 
_atom_site.pdbx_formal_charge 
_atom_site.auth_seq_id 
_atom_site.auth_comp_id 
_atom_site.auth_asym_id 
_atom_site.auth_atom_id 
_atom_site.pdbx_PDB_model_num 
ATOM   1   N  N   . VAL A 1 7  ? -10.786 -1.781  9.166   1.00 16.34 ? 7   VAL A N   1 
ATOM   2   C  CA  . VAL A 1 7  ? -9.710  -2.768  8.881   1.00 16.08 ? 7   VAL A CA  1 
ATOM   3   C  C   . VAL A 1 7  ? -9.213  -3.378  10.188  1.00 15.95 ? 7   VAL A C   1 
ATOM   4   O  O   . VAL A 1 7  ? -8.790  -2.659  11.095  1.00 16.56 ? 7   VAL A O   1 
ATOM   5   C  CB  . VAL A 1 7  ? -8.549  -2.115  8.088   1.00 16.29 ? 7   VAL A CB  1 
ATOM   6   C  CG1 . VAL A 1 7  ? -7.373  -3.086  7.923   1.00 16.12 ? 7   VAL A CG1 1 
ATOM   7   C  CG2 . VAL A 1 7  ? -9.050  -1.633  6.726   1.00 16.72 ? 7   VAL A CG2 1 
ATOM   8   N  N   . LYS A 1 8  ? -9.279  -4.705  10.277  1.00 15.56 ? 8   LYS A N   1 
ATOM   9   C  CA  . LYS A 1 8  ? -8.884  -5.443  11.481  1.00 15.26 ? 8   LYS A CA  1 
ATOM   10  C  C   . LYS A 1 8  ? -7.537  -6.143  11.317  1.00 14.76 ? 8   LYS A C   1 
ATOM   11  O  O   . LYS A 1 8  ? -6.837  -6.378  12.306  1.00 14.63 ? 8   LYS A O   1 
ATOM   12  C  CB  . LYS A 1 8  ? -9.940  -6.496  11.832  1.00 15.46 ? 8   LYS A CB  1 
ATOM   13  C  CG  . LYS A 1 8  ? -11.383 -6.002  11.742  1.00 15.75 ? 8   LYS A CG  1 
ATOM   14  C  CD  . LYS A 1 8  ? -12.401 -7.079  12.125  1.00 16.08 ? 8   LYS A CD  1 
ATOM   15  C  CE  . LYS A 1 8  ? -12.310 -8.324  11.247  1.00 16.73 ? 8   LYS A CE  1 
ATOM   16  N  NZ  . LYS A 1 8  ? -12.451 -8.034  9.802   1.00 16.31 ? 8   LYS A NZ  1 
ATOM   17  N  N   . THR A 1 9  ? -7.198  -6.496  10.077  1.00 13.96 ? 9   THR A N   1 
ATOM   18  C  CA  . THR A 1 9  ? -5.964  -7.189  9.772   1.00 13.96 ? 9   THR A CA  1 
ATOM   19  C  C   . THR A 1 9  ? -5.430  -6.645  8.463   1.00 13.74 ? 9   THR A C   1 
ATOM   20  O  O   . THR A 1 9  ? -6.154  -6.029  7.683   1.00 14.14 ? 9   THR A O   1 
ATOM   21  C  CB  . THR A 1 9  ? -6.191  -8.705  9.595   1.00 13.67 ? 9   THR A CB  1 
ATOM   22  O  OG1 . THR A 1 9  ? -6.952  -8.930  8.404   1.00 13.79 ? 9   THR A OG1 1 
ATOM   23  C  CG2 . THR A 1 9  ? -6.926  -9.323  10.795  1.00 13.96 ? 9   THR A CG2 1 
ATOM   24  N  N   . PHE A 1 10 ? -4.151  -6.887  8.221   1.00 13.36 ? 10  PHE A N   1 
ATOM   25  C  CA  . PHE A 1 10 ? -3.506  -6.511  6.977   1.00 13.10 ? 10  PHE A CA  1 
ATOM   26  C  C   . PHE A 1 10 ? -4.294  -7.114  5.815   1.00 12.72 ? 10  PHE A C   1 
ATOM   27  O  O   . PHE A 1 10 ? -4.502  -6.461  4.772   1.00 11.28 ? 10  PHE A O   1 
ATOM   28  C  CB  . PHE A 1 10 ? -2.085  -7.039  7.050   1.00 13.31 ? 10  PHE A CB  1 
ATOM   29  C  CG  . PHE A 1 10 ? -1.176  -6.591  5.941   1.00 13.14 ? 10  PHE A CG  1 
ATOM   30  C  CD1 . PHE A 1 10 ? -0.440  -5.415  6.053   1.00 13.37 ? 10  PHE A CD1 1 
ATOM   31  C  CD2 . PHE A 1 10 ? -0.980  -7.388  4.832   1.00 14.25 ? 10  PHE A CD2 1 
ATOM   32  C  CE1 . PHE A 1 10 ? 0.430   -5.029  5.044   1.00 12.99 ? 10  PHE A CE1 1 
ATOM   33  C  CE2 . PHE A 1 10 ? -0.116  -7.007  3.831   1.00 13.82 ? 10  PHE A CE2 1 
ATOM   34  C  CZ  . PHE A 1 10 ? 0.597   -5.831  3.944   1.00 13.01 ? 10  PHE A CZ  1 
ATOM   35  N  N   . GLU A 1 11 ? -4.762  -8.345  6.022   1.00 12.86 ? 11  GLU A N   1 
ATOM   36  C  CA  . GLU A 1 11 ? -5.546  -9.042  5.019   1.00 12.34 ? 11  GLU A CA  1 
ATOM   37  C  C   . GLU A 1 11 ? -6.885  -8.370  4.680   1.00 10.88 ? 11  GLU A C   1 
ATOM   38  O  O   . GLU A 1 11 ? -7.325  -8.478  3.548   1.00 9.58  ? 11  GLU A O   1 
ATOM   39  C  CB  . GLU A 1 11 ? -5.772  -10.513 5.410   1.00 12.94 ? 11  GLU A CB  1 
ATOM   40  C  CG  . GLU A 1 11 ? -6.544  -11.327 4.364   1.00 14.08 ? 11  GLU A CG  1 
ATOM   41  C  CD  . GLU A 1 11 ? -6.511  -12.819 4.611   1.00 15.31 ? 11  GLU A CD  1 
ATOM   42  O  OE1 . GLU A 1 11 ? -6.523  -13.237 5.786   1.00 19.89 ? 11  GLU A OE1 1 
ATOM   43  O  OE2 . GLU A 1 11 ? -6.497  -13.573 3.619   1.00 19.43 ? 11  GLU A OE2 1 
ATOM   44  N  N   . ASP A 1 12 ? -7.544  -7.705  5.629   1.00 10.40 ? 12  ASP A N   1 
ATOM   45  C  CA  . ASP A 1 12 ? -8.818  -7.032  5.325   1.00 10.66 ? 12  ASP A CA  1 
ATOM   46  C  C   . ASP A 1 12 ? -8.614  -5.993  4.224   1.00 10.19 ? 12  ASP A C   1 
ATOM   47  O  O   . ASP A 1 12 ? -9.378  -5.927  3.264   1.00 9.67  ? 12  ASP A O   1 
ATOM   48  C  CB  . ASP A 1 12 ? -9.407  -6.320  6.551   1.00 11.26 ? 12  ASP A CB  1 
ATOM   49  C  CG  . ASP A 1 12 ? -9.977  -7.267  7.594   1.00 12.68 ? 12  ASP A CG  1 
ATOM   50  O  OD1 . ASP A 1 12 ? -10.148 -8.475  7.332   1.00 14.25 ? 12  ASP A OD1 1 
ATOM   51  O  OD2 . ASP A 1 12 ? -10.252 -6.761  8.698   1.00 13.41 ? 12  ASP A OD2 1 
ATOM   52  N  N   . LEU A 1 13 ? -7.574  -5.173  4.365   1.00 9.79  ? 13  LEU A N   1 
ATOM   53  C  CA  . LEU A 1 13 ? -7.262  -4.185  3.334   1.00 9.76  ? 13  LEU A CA  1 
ATOM   54  C  C   . LEU A 1 13 ? -6.901  -4.870  2.024   1.00 8.96  ? 13  LEU A C   1 
ATOM   55  O  O   . LEU A 1 13 ? -7.334  -4.445  0.960   1.00 8.42  ? 13  LEU A O   1 
ATOM   56  C  CB  . LEU A 1 13 ? -6.123  -3.260  3.772   1.00 9.79  ? 13  LEU A CB  1 
ATOM   57  C  CG  . LEU A 1 13 ? -5.746  -2.171  2.760   1.00 9.91  ? 13  LEU A CG  1 
ATOM   58  C  CD1 . LEU A 1 13 ? -6.891  -1.175  2.569   1.00 11.48 ? 13  LEU A CD1 1 
ATOM   59  C  CD2 . LEU A 1 13 ? -4.481  -1.468  3.215   1.00 10.10 ? 13  LEU A CD2 1 
ATOM   60  N  N   . PHE A 1 14 ? -6.129  -5.946  2.097   1.00 8.65  ? 14  PHE A N   1 
ATOM   61  C  CA  . PHE A 1 14 ? -5.668  -6.614  0.885   1.00 9.04  ? 14  PHE A CA  1 
ATOM   62  C  C   . PHE A 1 14 ? -6.850  -7.157  0.087   1.00 8.80  ? 14  PHE A C   1 
ATOM   63  O  O   . PHE A 1 14 ? -6.896  -7.019  -1.135  1.00 8.65  ? 14  PHE A O   1 
ATOM   64  C  CB  . PHE A 1 14 ? -4.680  -7.737  1.207   1.00 9.44  ? 14  PHE A CB  1 
ATOM   65  C  CG  . PHE A 1 14 ? -3.900  -8.205  0.018   1.00 9.07  ? 14  PHE A CG  1 
ATOM   66  C  CD1 . PHE A 1 14 ? -4.188  -9.418  -0.584  1.00 10.60 ? 14  PHE A CD1 1 
ATOM   67  C  CD2 . PHE A 1 14 ? -2.883  -7.422  -0.510  1.00 9.24  ? 14  PHE A CD2 1 
ATOM   68  C  CE1 . PHE A 1 14 ? -3.465  -9.854  -1.685  1.00 10.40 ? 14  PHE A CE1 1 
ATOM   69  C  CE2 . PHE A 1 14 ? -2.166  -7.847  -1.619  1.00 11.07 ? 14  PHE A CE2 1 
ATOM   70  C  CZ  . PHE A 1 14 ? -2.459  -9.062  -2.205  1.00 10.51 ? 14  PHE A CZ  1 
ATOM   71  N  N   . ALA A 1 15 ? -7.815  -7.748  0.787   1.00 8.84  ? 15  ALA A N   1 
ATOM   72  C  CA  . ALA A 1 15 ? -9.036  -8.251  0.146   1.00 9.59  ? 15  ALA A CA  1 
ATOM   73  C  C   . ALA A 1 15 ? -9.834  -7.117  -0.480  1.00 9.56  ? 15  ALA A C   1 
ATOM   74  O  O   . ALA A 1 15 ? -10.376 -7.257  -1.573  1.00 9.93  ? 15  ALA A O   1 
ATOM   75  C  CB  . ALA A 1 15 ? -9.896  -8.977  1.157   1.00 10.28 ? 15  ALA A CB  1 
ATOM   76  N  N   . GLU A 1 16 ? -9.923  -6.002  0.227   1.00 10.27 ? 16  GLU A N   1 
ATOM   77  C  CA  . GLU A 1 16 ? -10.599 -4.809  -0.269  1.00 10.44 ? 16  GLU A CA  1 
ATOM   78  C  C   . GLU A 1 16 ? -9.973  -4.314  -1.572  1.00 9.90  ? 16  GLU A C   1 
ATOM   79  O  O   . GLU A 1 16 ? -10.669 -4.054  -2.550  1.00 9.56  ? 16  GLU A O   1 
ATOM   80  C  CB  . GLU A 1 16 ? -10.564 -3.712  0.800   1.00 11.09 ? 16  GLU A CB  1 
ATOM   81  C  CG  . GLU A 1 16 ? -11.185 -2.382  0.399   1.00 12.11 ? 16  GLU A CG  1 
ATOM   82  C  CD  . GLU A 1 16 ? -10.912 -1.272  1.418   1.00 13.37 ? 16  GLU A CD  1 
ATOM   83  O  OE1 . GLU A 1 16 ? -10.605 -0.138  0.995   1.00 18.01 ? 16  GLU A OE1 1 
ATOM   84  O  OE2 . GLU A 1 16 ? -10.976 -1.541  2.635   1.00 16.95 ? 16  GLU A OE2 1 
ATOM   85  N  N   . LEU A 1 17 ? -8.653  -4.192  -1.596  1.00 9.41  ? 17  LEU A N   1 
ATOM   86  C  CA  . LEU A 1 17 ? -7.983  -3.681  -2.787  1.00 9.55  ? 17  LEU A CA  1 
ATOM   87  C  C   . LEU A 1 17 ? -8.133  -4.642  -3.967  1.00 9.27  ? 17  LEU A C   1 
ATOM   88  O  O   . LEU A 1 17 ? -8.282  -4.211  -5.103  1.00 8.92  ? 17  LEU A O   1 
ATOM   89  C  CB  . LEU A 1 17 ? -6.512  -3.384  -2.499  1.00 9.16  ? 17  LEU A CB  1 
ATOM   90  C  CG  . LEU A 1 17 ? -6.229  -2.388  -1.372  1.00 9.79  ? 17  LEU A CG  1 
ATOM   91  C  CD1 . LEU A 1 17 ? -4.738  -2.049  -1.342  1.00 10.51 ? 17  LEU A CD1 1 
ATOM   92  C  CD2 . LEU A 1 17 ? -7.071  -1.121  -1.502  1.00 11.28 ? 17  LEU A CD2 1 
ATOM   93  N  N   . GLY A 1 18 ? -8.126  -5.942  -3.694  1.00 9.72  ? 18  GLY A N   1 
ATOM   94  C  CA  . GLY A 1 18 ? -8.432  -6.931  -4.729  1.00 10.48 ? 18  GLY A CA  1 
ATOM   95  C  C   . GLY A 1 18 ? -9.834  -6.769  -5.294  1.00 10.71 ? 18  GLY A C   1 
ATOM   96  O  O   . GLY A 1 18 ? -10.041 -6.920  -6.501  1.00 10.87 ? 18  GLY A O   1 
ATOM   97  N  N   . ASP A 1 19 ? -10.800 -6.460  -4.427  1.00 11.52 ? 19  ASP A N   1 
ATOM   98  C  CA  . ASP A 1 19 ? -12.178 -6.177  -4.856  1.00 11.72 ? 19  ASP A CA  1 
ATOM   99  C  C   . ASP A 1 19 ? -12.218 -4.925  -5.724  1.00 11.48 ? 19  ASP A C   1 
ATOM   100 O  O   . ASP A 1 19 ? -12.901 -4.895  -6.748  1.00 11.21 ? 19  ASP A O   1 
ATOM   101 C  CB  . ASP A 1 19 ? -13.109 -5.992  -3.644  1.00 12.33 ? 19  ASP A CB  1 
ATOM   102 C  CG  . ASP A 1 19 ? -14.517 -5.545  -4.036  1.00 14.23 ? 19  ASP A CG  1 
ATOM   103 O  OD1 . ASP A 1 19 ? -14.804 -4.331  -3.987  1.00 18.92 ? 19  ASP A OD1 1 
ATOM   104 O  OD2 . ASP A 1 19 ? -15.329 -6.406  -4.411  1.00 17.35 ? 19  ASP A OD2 1 
ATOM   105 N  N   . ARG A 1 20 ? -11.487 -3.890  -5.320  1.00 11.44 ? 20  ARG A N   1 
ATOM   106 C  CA  . ARG A 1 20 ? -11.425 -2.656  -6.096  1.00 11.67 ? 20  ARG A CA  1 
ATOM   107 C  C   . ARG A 1 20 ? -10.841 -2.903  -7.489  1.00 11.10 ? 20  ARG A C   1 
ATOM   108 O  O   . ARG A 1 20 ? -11.291 -2.319  -8.469  1.00 10.77 ? 20  ARG A O   1 
ATOM   109 C  CB  . ARG A 1 20 ? -10.598 -1.589  -5.372  1.00 12.36 ? 20  ARG A CB  1 
ATOM   110 C  CG  . ARG A 1 20 ? -11.141 -1.161  -4.013  1.00 13.65 ? 20  ARG A CG  1 
ATOM   111 C  CD  . ARG A 1 20 ? -12.436 -0.370  -4.103  1.00 15.61 ? 20  ARG A CD  1 
ATOM   112 N  NE  . ARG A 1 20 ? -12.977 -0.068  -2.773  1.00 16.05 ? 20  ARG A NE  1 
ATOM   113 C  CZ  . ARG A 1 20 ? -13.702 -0.903  -2.029  1.00 17.37 ? 20  ARG A CZ  1 
ATOM   114 N  NH1 . ARG A 1 20 ? -14.135 -0.517  -0.833  1.00 17.84 ? 20  ARG A NH1 1 
ATOM   115 N  NH2 . ARG A 1 20 ? -13.998 -2.126  -2.460  1.00 18.90 ? 20  ARG A NH2 1 
ATOM   116 N  N   . ALA A 1 21 ? -9.828  -3.763  -7.579  1.00 11.21 ? 21  ALA A N   1 
ATOM   117 C  CA  . ALA A 1 21 ? -9.237  -4.098  -8.874  1.00 12.07 ? 21  ALA A CA  1 
ATOM   118 C  C   . ALA A 1 21 ? -10.230 -4.833  -9.777  1.00 12.36 ? 21  ALA A C   1 
ATOM   119 O  O   . ALA A 1 21 ? -10.203 -4.676  -11.003 1.00 11.50 ? 21  ALA A O   1 
ATOM   120 C  CB  . ALA A 1 21 ? -7.970  -4.929  -8.690  1.00 11.86 ? 21  ALA A CB  1 
ATOM   121 N  N   . ARG A 1 22 ? -11.103 -5.637  -9.173  1.00 13.53 ? 22  ARG A N   1 
ATOM   122 C  CA  . ARG A 1 22 ? -12.131 -6.362  -9.920  1.00 14.88 ? 22  ARG A CA  1 
ATOM   123 C  C   . ARG A 1 22 ? -13.235 -5.437  -10.415 1.00 15.24 ? 22  ARG A C   1 
ATOM   124 O  O   . ARG A 1 22 ? -13.599 -5.461  -11.593 1.00 15.96 ? 22  ARG A O   1 
ATOM   125 C  CB  . ARG A 1 22 ? -12.775 -7.445  -9.048  1.00 15.34 ? 22  ARG A CB  1 
ATOM   126 C  CG  . ARG A 1 22 ? -12.002 -8.736  -8.953  1.00 16.79 ? 22  ARG A CG  1 
ATOM   127 C  CD  . ARG A 1 22 ? -12.868 -9.830  -8.333  1.00 18.21 ? 22  ARG A CD  1 
ATOM   128 N  NE  . ARG A 1 22 ? -12.807 -9.820  -6.876  1.00 21.47 ? 22  ARG A NE  1 
ATOM   129 C  CZ  . ARG A 1 22 ? -11.906 -10.473 -6.143  1.00 22.43 ? 22  ARG A CZ  1 
ATOM   130 N  NH1 . ARG A 1 22 ? -10.958 -11.218 -6.708  1.00 23.72 ? 22  ARG A NH1 1 
ATOM   131 N  NH2 . ARG A 1 22 ? -11.957 -10.386 -4.824  1.00 22.70 ? 22  ARG A NH2 1 
ATOM   132 N  N   . THR A 1 23 ? -13.772 -4.627  -9.506  1.00 15.44 ? 23  THR A N   1 
ATOM   133 C  CA  . THR A 1 23 ? -14.971 -3.835  -9.786  1.00 15.78 ? 23  THR A CA  1 
ATOM   134 C  C   . THR A 1 23 ? -14.667 -2.471  -10.401 1.00 15.81 ? 23  THR A C   1 
ATOM   135 O  O   . THR A 1 23 ? -15.539 -1.876  -11.043 1.00 16.64 ? 23  THR A O   1 
ATOM   136 C  CB  . THR A 1 23 ? -15.840 -3.655  -8.522  1.00 16.12 ? 23  THR A CB  1 
ATOM   137 O  OG1 . THR A 1 23 ? -15.127 -2.883  -7.548  1.00 16.27 ? 23  THR A OG1 1 
ATOM   138 C  CG2 . THR A 1 23 ? -16.205 -5.006  -7.930  1.00 16.49 ? 23  THR A CG2 1 
ATOM   139 N  N   . ARG A 1 24 ? -13.442 -1.981  -10.205 1.00 15.50 ? 24  ARG A N   1 
ATOM   140 C  CA  . ARG A 1 24 ? -12.973 -0.732  -10.803 1.00 15.42 ? 24  ARG A CA  1 
ATOM   141 C  C   . ARG A 1 24 ? -13.924 0.450   -10.566 1.00 15.94 ? 24  ARG A C   1 
ATOM   142 O  O   . ARG A 1 24 ? -14.437 1.044   -11.515 1.00 16.49 ? 24  ARG A O   1 
ATOM   143 C  CB  . ARG A 1 24 ? -12.706 -0.931  -12.303 1.00 15.15 ? 24  ARG A CB  1 
ATOM   144 C  CG  . ARG A 1 24 ? -11.601 -1.953  -12.588 1.00 14.31 ? 24  ARG A CG  1 
ATOM   145 C  CD  . ARG A 1 24 ? -11.384 -2.180  -14.078 1.00 14.43 ? 24  ARG A CD  1 
ATOM   146 N  NE  . ARG A 1 24 ? -10.947 -0.963  -14.754 1.00 13.27 ? 24  ARG A NE  1 
ATOM   147 C  CZ  . ARG A 1 24 ? -9.694  -0.508  -14.800 1.00 13.04 ? 24  ARG A CZ  1 
ATOM   148 N  NH1 . ARG A 1 24 ? -8.689  -1.171  -14.242 1.00 12.12 ? 24  ARG A NH1 1 
ATOM   149 N  NH2 . ARG A 1 24 ? -9.436  0.626   -15.438 1.00 14.12 ? 24  ARG A NH2 1 
ATOM   150 N  N   . PRO A 1 25 ? -14.138 0.809   -9.289  1.00 16.00 ? 25  PRO A N   1 
ATOM   151 C  CA  . PRO A 1 25 ? -15.005 1.945   -9.009  1.00 16.31 ? 25  PRO A CA  1 
ATOM   152 C  C   . PRO A 1 25 ? -14.288 3.257   -9.288  1.00 16.53 ? 25  PRO A C   1 
ATOM   153 O  O   . PRO A 1 25 ? -13.055 3.331   -9.203  1.00 16.87 ? 25  PRO A O   1 
ATOM   154 C  CB  . PRO A 1 25 ? -15.316 1.791   -7.521  1.00 16.36 ? 25  PRO A CB  1 
ATOM   155 C  CG  . PRO A 1 25 ? -14.160 1.084   -6.965  1.00 16.07 ? 25  PRO A CG  1 
ATOM   156 C  CD  . PRO A 1 25 ? -13.585 0.223   -8.057  1.00 16.02 ? 25  PRO A CD  1 
ATOM   157 N  N   . ALA A 1 26 ? -15.052 4.292   -9.611  1.00 17.01 ? 26  ALA A N   1 
ATOM   158 C  CA  . ALA A 1 26 ? -14.471 5.588   -9.952  1.00 17.20 ? 26  ALA A CA  1 
ATOM   159 C  C   . ALA A 1 26 ? -13.590 6.170   -8.837  1.00 17.58 ? 26  ALA A C   1 
ATOM   160 O  O   . ALA A 1 26 ? -12.626 6.879   -9.120  1.00 18.19 ? 26  ALA A O   1 
ATOM   161 C  CB  . ALA A 1 26 ? -15.574 6.574   -10.314 1.00 17.38 ? 26  ALA A CB  1 
ATOM   162 N  N   . ASP A 1 27 ? -13.912 5.850   -7.584  1.00 17.36 ? 27  ASP A N   1 
ATOM   163 C  CA  . ASP A 1 27 ? -13.242 6.428   -6.409  1.00 17.38 ? 27  ASP A CA  1 
ATOM   164 C  C   . ASP A 1 27 ? -11.928 5.747   -5.979  1.00 17.33 ? 27  ASP A C   1 
ATOM   165 O  O   . ASP A 1 27 ? -11.260 6.220   -5.056  1.00 17.38 ? 27  ASP A O   1 
ATOM   166 C  CB  . ASP A 1 27 ? -14.218 6.394   -5.228  1.00 17.59 ? 27  ASP A CB  1 
ATOM   167 C  CG  . ASP A 1 27 ? -13.735 7.200   -4.040  1.00 18.03 ? 27  ASP A CG  1 
ATOM   168 O  OD1 . ASP A 1 27 ? -13.707 6.645   -2.926  1.00 20.23 ? 27  ASP A OD1 1 
ATOM   169 O  OD2 . ASP A 1 27 ? -13.382 8.381   -4.224  1.00 17.65 ? 27  ASP A OD2 1 
ATOM   170 N  N   . SER A 1 28 ? -11.546 4.654   -6.635  1.00 17.30 ? 28  SER A N   1 
ATOM   171 C  CA  . SER A 1 28 ? -10.418 3.847   -6.158  1.00 16.98 ? 28  SER A CA  1 
ATOM   172 C  C   . SER A 1 28 ? -9.063  4.324   -6.670  1.00 16.66 ? 28  SER A C   1 
ATOM   173 O  O   . SER A 1 28 ? -8.786  4.287   -7.872  1.00 16.66 ? 28  SER A O   1 
ATOM   174 C  CB  . SER A 1 28 ? -10.612 2.378   -6.528  1.00 17.01 ? 28  SER A CB  1 
ATOM   175 O  OG  . SER A 1 28 ? -9.495  1.604   -6.117  1.00 16.92 ? 28  SER A OG  1 
ATOM   176 N  N   . THR A 1 29 ? -8.213  4.750   -5.741  1.00 16.26 ? 29  THR A N   1 
ATOM   177 C  CA  . THR A 1 29 ? -6.830  5.103   -6.038  1.00 15.90 ? 29  THR A CA  1 
ATOM   178 C  C   . THR A 1 29 ? -6.061  3.901   -6.600  1.00 15.18 ? 29  THR A C   1 
ATOM   179 O  O   . THR A 1 29 ? -5.197  4.055   -7.467  1.00 14.39 ? 29  THR A O   1 
ATOM   180 C  CB  . THR A 1 29 ? -6.132  5.630   -4.762  1.00 16.14 ? 29  THR A CB  1 
ATOM   181 O  OG1 . THR A 1 29 ? -6.770  6.846   -4.348  1.00 17.48 ? 29  THR A OG1 1 
ATOM   182 C  CG2 . THR A 1 29 ? -4.655  5.899   -4.999  1.00 16.73 ? 29  THR A CG2 1 
ATOM   183 N  N   . THR A 1 30 ? -6.381  2.708   -6.104  1.00 14.88 ? 30  THR A N   1 
ATOM   184 C  CA  . THR A 1 30 ? -5.713  1.481   -6.529  1.00 15.02 ? 30  THR A CA  1 
ATOM   185 C  C   . THR A 1 30 ? -5.861  1.258   -8.035  1.00 14.53 ? 30  THR A C   1 
ATOM   186 O  O   . THR A 1 30 ? -4.911  0.847   -8.692  1.00 14.33 ? 30  THR A O   1 
ATOM   187 C  CB  . THR A 1 30 ? -6.264  0.252   -5.758  1.00 14.91 ? 30  THR A CB  1 
ATOM   188 O  OG1 . THR A 1 30 ? -5.971  0.392   -4.363  1.00 16.62 ? 30  THR A OG1 1 
ATOM   189 C  CG2 . THR A 1 30 ? -5.652  -1.046  -6.271  1.00 15.45 ? 30  THR A CG2 1 
ATOM   190 N  N   . VAL A 1 31 ? -7.041  1.541   -8.576  1.00 14.70 ? 31  VAL A N   1 
ATOM   191 C  CA  . VAL A 1 31 ? -7.320  1.301   -9.993  1.00 14.85 ? 31  VAL A CA  1 
ATOM   192 C  C   . VAL A 1 31 ? -6.357  2.088   -10.881 1.00 14.75 ? 31  VAL A C   1 
ATOM   193 O  O   . VAL A 1 31 ? -5.689  1.513   -11.738 1.00 13.95 ? 31  VAL A O   1 
ATOM   194 C  CB  . VAL A 1 31 ? -8.782  1.659   -10.355 1.00 15.11 ? 31  VAL A CB  1 
ATOM   195 C  CG1 . VAL A 1 31 ? -9.024  1.527   -11.859 1.00 14.96 ? 31  VAL A CG1 1 
ATOM   196 C  CG2 . VAL A 1 31 ? -9.751  0.771   -9.589  1.00 15.51 ? 31  VAL A CG2 1 
ATOM   197 N  N   . ALA A 1 32 ? -6.285  3.399   -10.662 1.00 14.97 ? 32  ALA A N   1 
ATOM   198 C  CA  . ALA A 1 32 ? -5.386  4.259   -11.422 1.00 15.36 ? 32  ALA A CA  1 
ATOM   199 C  C   . ALA A 1 32 ? -3.930  3.834   -11.238 1.00 15.44 ? 32  ALA A C   1 
ATOM   200 O  O   . ALA A 1 32 ? -3.161  3.802   -12.190 1.00 15.70 ? 32  ALA A O   1 
ATOM   201 C  CB  . ALA A 1 32 ? -5.570  5.712   -11.014 1.00 15.74 ? 32  ALA A CB  1 
ATOM   202 N  N   . ALA A 1 33 ? -3.567  3.492   -10.006 1.00 15.09 ? 33  ALA A N   1 
ATOM   203 C  CA  . ALA A 1 33 ? -2.210  3.046   -9.696  1.00 15.17 ? 33  ALA A CA  1 
ATOM   204 C  C   . ALA A 1 33 ? -1.857  1.733   -10.399 1.00 15.14 ? 33  ALA A C   1 
ATOM   205 O  O   . ALA A 1 33 ? -0.740  1.576   -10.901 1.00 15.29 ? 33  ALA A O   1 
ATOM   206 C  CB  . ALA A 1 33 ? -2.036  2.906   -8.187  1.00 14.89 ? 33  ALA A CB  1 
ATOM   207 N  N   . LEU A 1 34 ? -2.797  0.790   -10.428 1.00 15.32 ? 34  LEU A N   1 
ATOM   208 C  CA  . LEU A 1 34 ? -2.574  -0.497  -11.101 1.00 15.74 ? 34  LEU A CA  1 
ATOM   209 C  C   . LEU A 1 34 ? -2.497  -0.340  -12.618 1.00 16.46 ? 34  LEU A C   1 
ATOM   210 O  O   . LEU A 1 34 ? -1.691  -1.011  -13.267 1.00 17.46 ? 34  LEU A O   1 
ATOM   211 C  CB  . LEU A 1 34 ? -3.658  -1.509  -10.726 1.00 15.43 ? 34  LEU A CB  1 
ATOM   212 C  CG  . LEU A 1 34 ? -3.598  -2.020  -9.285  1.00 14.52 ? 34  LEU A CG  1 
ATOM   213 C  CD1 . LEU A 1 34 ? -4.825  -2.858  -8.977  1.00 14.37 ? 34  LEU A CD1 1 
ATOM   214 C  CD2 . LEU A 1 34 ? -2.319  -2.818  -9.029  1.00 14.40 ? 34  LEU A CD2 1 
ATOM   215 N  N   . ASP A 1 35 ? -3.325  0.544   -13.172 1.00 16.88 ? 35  ASP A N   1 
ATOM   216 C  CA  . ASP A 1 35 ? -3.256  0.883   -14.599 1.00 17.08 ? 35  ASP A CA  1 
ATOM   217 C  C   . ASP A 1 35 ? -1.956  1.612   -14.965 1.00 17.48 ? 35  ASP A C   1 
ATOM   218 O  O   . ASP A 1 35 ? -1.502  1.534   -16.110 1.00 18.26 ? 35  ASP A O   1 
ATOM   219 C  CB  . ASP A 1 35 ? -4.427  1.784   -15.003 1.00 17.23 ? 35  ASP A CB  1 
ATOM   220 C  CG  . ASP A 1 35 ? -5.775  1.094   -14.908 1.00 17.12 ? 35  ASP A CG  1 
ATOM   221 O  OD1 . ASP A 1 35 ? -5.830  -0.148  -14.777 1.00 17.34 ? 35  ASP A OD1 1 
ATOM   222 O  OD2 . ASP A 1 35 ? -6.793  1.816   -14.970 1.00 17.83 ? 35  ASP A OD2 1 
ATOM   223 N  N   . GLY A 1 36 ? -1.372  2.313   -13.992 1.00 17.70 ? 36  GLY A N   1 
ATOM   224 C  CA  . GLY A 1 36 ? -0.267  3.245   -14.228 1.00 17.52 ? 36  GLY A CA  1 
ATOM   225 C  C   . GLY A 1 36 ? 1.151   2.698   -14.280 1.00 17.77 ? 36  GLY A C   1 
ATOM   226 O  O   . GLY A 1 36 ? 2.074   3.425   -14.641 1.00 18.37 ? 36  GLY A O   1 
ATOM   227 N  N   . GLY A 1 37 ? 1.346   1.439   -13.899 1.00 17.25 ? 37  GLY A N   1 
ATOM   228 C  CA  . GLY A 1 37 ? 2.649   0.786   -14.059 1.00 16.74 ? 37  GLY A CA  1 
ATOM   229 C  C   . GLY A 1 37 ? 3.511   0.748   -12.808 1.00 15.74 ? 37  GLY A C   1 
ATOM   230 O  O   . GLY A 1 37 ? 3.369   1.573   -11.903 1.00 15.32 ? 37  GLY A O   1 
ATOM   231 N  N   . VAL A 1 38 ? 4.419   -0.221  -12.775 1.00 14.90 ? 38  VAL A N   1 
ATOM   232 C  CA  . VAL A 1 38 ? 5.225   -0.511  -11.591 1.00 14.35 ? 38  VAL A CA  1 
ATOM   233 C  C   . VAL A 1 38 ? 6.192   0.610   -11.193 1.00 13.78 ? 38  VAL A C   1 
ATOM   234 O  O   . VAL A 1 38 ? 6.440   0.824   -10.011 1.00 12.94 ? 38  VAL A O   1 
ATOM   235 C  CB  . VAL A 1 38 ? 6.018   -1.837  -11.781 1.00 14.96 ? 38  VAL A CB  1 
ATOM   236 C  CG1 . VAL A 1 38 ? 7.106   -1.694  -12.836 1.00 15.89 ? 38  VAL A CG1 1 
ATOM   237 C  CG2 . VAL A 1 38 ? 6.619   -2.304  -10.471 1.00 15.50 ? 38  VAL A CG2 1 
ATOM   238 N  N   . HIS A 1 39 ? 6.744   1.319   -12.172 1.00 13.23 ? 39  HIS A N   1 
ATOM   239 C  CA  . HIS A 1 39 ? 7.758   2.332   -11.890 1.00 13.13 ? 39  HIS A CA  1 
ATOM   240 C  C   . HIS A 1 39 ? 7.223   3.424   -10.966 1.00 12.83 ? 39  HIS A C   1 
ATOM   241 O  O   . HIS A 1 39 ? 7.881   3.805   -9.988  1.00 12.31 ? 39  HIS A O   1 
ATOM   242 C  CB  . HIS A 1 39 ? 8.283   2.938   -13.193 1.00 12.99 ? 39  HIS A CB  1 
ATOM   243 C  CG  . HIS A 1 39 ? 9.560   3.696   -13.031 1.00 13.07 ? 39  HIS A CG  1 
ATOM   244 N  ND1 . HIS A 1 39 ? 9.598   5.052   -12.803 1.00 13.38 ? 39  HIS A ND1 1 
ATOM   245 C  CD2 . HIS A 1 39 ? 10.849  3.282   -13.060 1.00 13.24 ? 39  HIS A CD2 1 
ATOM   246 C  CE1 . HIS A 1 39 ? 10.856  5.442   -12.702 1.00 12.52 ? 39  HIS A CE1 1 
ATOM   247 N  NE2 . HIS A 1 39 ? 11.634  4.387   -12.851 1.00 13.95 ? 39  HIS A NE2 1 
ATOM   248 N  N   . ALA A 1 40 ? 6.017   3.894   -11.254 1.00 12.59 ? 40  ALA A N   1 
ATOM   249 C  CA  . ALA A 1 40 ? 5.371   4.914   -10.438 1.00 12.60 ? 40  ALA A CA  1 
ATOM   250 C  C   . ALA A 1 40 ? 5.049   4.389   -9.035  1.00 12.30 ? 40  ALA A C   1 
ATOM   251 O  O   . ALA A 1 40 ? 5.088   5.146   -8.071  1.00 12.19 ? 40  ALA A O   1 
ATOM   252 C  CB  . ALA A 1 40 ? 4.107   5.414   -11.121 1.00 12.78 ? 40  ALA A CB  1 
ATOM   253 N  N   . LEU A 1 41 ? 4.720   3.101   -8.923  1.00 11.91 ? 41  LEU A N   1 
ATOM   254 C  CA  . LEU A 1 41 ? 4.435   2.496   -7.619  1.00 11.85 ? 41  LEU A CA  1 
ATOM   255 C  C   . LEU A 1 41 ? 5.686   2.416   -6.752  1.00 11.65 ? 41  LEU A C   1 
ATOM   256 O  O   . LEU A 1 41 ? 5.632   2.697   -5.555  1.00 11.53 ? 41  LEU A O   1 
ATOM   257 C  CB  . LEU A 1 41 ? 3.832   1.094   -7.784  1.00 11.88 ? 41  LEU A CB  1 
ATOM   258 C  CG  . LEU A 1 41 ? 2.500   1.002   -8.528  1.00 11.99 ? 41  LEU A CG  1 
ATOM   259 C  CD1 . LEU A 1 41 ? 2.037   -0.441  -8.643  1.00 11.40 ? 41  LEU A CD1 1 
ATOM   260 C  CD2 . LEU A 1 41 ? 1.450   1.836   -7.840  1.00 12.67 ? 41  LEU A CD2 1 
ATOM   261 N  N   . GLY A 1 42 ? 6.808   2.017   -7.342  1.00 11.60 ? 42  GLY A N   1 
ATOM   262 C  CA  . GLY A 1 42 ? 8.072   1.984   -6.616  1.00 12.14 ? 42  GLY A CA  1 
ATOM   263 C  C   . GLY A 1 42 ? 8.474   3.355   -6.111  1.00 12.67 ? 42  GLY A C   1 
ATOM   264 O  O   . GLY A 1 42 ? 8.934   3.505   -4.975  1.00 12.21 ? 42  GLY A O   1 
ATOM   265 N  N   . LYS A 1 43 ? 8.293   4.362   -6.956  1.00 13.17 ? 43  LYS A N   1 
ATOM   266 C  CA  . LYS A 1 43 ? 8.579   5.747   -6.593  1.00 13.88 ? 43  LYS A CA  1 
ATOM   267 C  C   . LYS A 1 43 ? 7.732   6.194   -5.404  1.00 13.37 ? 43  LYS A C   1 
ATOM   268 O  O   . LYS A 1 43 ? 8.241   6.784   -4.455  1.00 12.60 ? 43  LYS A O   1 
ATOM   269 C  CB  . LYS A 1 43 ? 8.313   6.652   -7.793  1.00 14.35 ? 43  LYS A CB  1 
ATOM   270 C  CG  . LYS A 1 43 ? 8.837   8.059   -7.648  1.00 15.86 ? 43  LYS A CG  1 
ATOM   271 C  CD  . LYS A 1 43 ? 8.757   8.796   -8.981  1.00 16.09 ? 43  LYS A CD  1 
ATOM   272 C  CE  . LYS A 1 43 ? 9.773   8.258   -9.993  1.00 18.02 ? 43  LYS A CE  1 
ATOM   273 N  NZ  . LYS A 1 43 ? 10.196  9.263   -11.006 1.00 18.82 ? 43  LYS A NZ  1 
ATOM   274 N  N   . LYS A 1 44 ? 6.439   5.902   -5.458  1.00 12.97 ? 44  LYS A N   1 
ATOM   275 C  CA  . LYS A 1 44 ? 5.521   6.243   -4.384  1.00 13.17 ? 44  LYS A CA  1 
ATOM   276 C  C   . LYS A 1 44 ? 5.900   5.564   -3.073  1.00 12.10 ? 44  LYS A C   1 
ATOM   277 O  O   . LYS A 1 44 ? 5.885   6.181   -2.012  1.00 11.18 ? 44  LYS A O   1 
ATOM   278 C  CB  . LYS A 1 44 ? 4.109   5.831   -4.782  1.00 14.03 ? 44  LYS A CB  1 
ATOM   279 C  CG  . LYS A 1 44 ? 3.022   6.489   -3.989  1.00 16.10 ? 44  LYS A CG  1 
ATOM   280 C  CD  . LYS A 1 44 ? 2.908   7.965   -4.317  1.00 17.76 ? 44  LYS A CD  1 
ATOM   281 C  CE  . LYS A 1 44 ? 1.701   8.585   -3.651  1.00 18.00 ? 44  LYS A CE  1 
ATOM   282 N  NZ  . LYS A 1 44 ? 1.813   10.067  -3.598  1.00 20.28 ? 44  LYS A NZ  1 
ATOM   283 N  N   . LEU A 1 45 ? 6.246   4.287   -3.157  1.00 11.13 ? 45  LEU A N   1 
ATOM   284 C  CA  . LEU A 1 45 ? 6.676   3.543   -1.982  1.00 11.17 ? 45  LEU A CA  1 
ATOM   285 C  C   . LEU A 1 45 ? 7.924   4.161   -1.350  1.00 10.73 ? 45  LEU A C   1 
ATOM   286 O  O   . LEU A 1 45 ? 8.011   4.296   -0.128  1.00 10.67 ? 45  LEU A O   1 
ATOM   287 C  CB  . LEU A 1 45 ? 6.953   2.093   -2.361  1.00 11.19 ? 45  LEU A CB  1 
ATOM   288 C  CG  . LEU A 1 45 ? 7.249   1.162   -1.186  1.00 11.75 ? 45  LEU A CG  1 
ATOM   289 C  CD1 . LEU A 1 45 ? 5.977   0.825   -0.448  1.00 12.78 ? 45  LEU A CD1 1 
ATOM   290 C  CD2 . LEU A 1 45 ? 7.939   -0.088  -1.691  1.00 12.46 ? 45  LEU A CD2 1 
ATOM   291 N  N   . LEU A 1 46 ? 8.898   4.526   -2.178  1.00 10.82 ? 46  LEU A N   1 
ATOM   292 C  CA  . LEU A 1 46 ? 10.111  5.149   -1.670  1.00 11.18 ? 46  LEU A CA  1 
ATOM   293 C  C   . LEU A 1 46 ? 9.821   6.509   -1.006  1.00 10.94 ? 46  LEU A C   1 
ATOM   294 O  O   . LEU A 1 46 ? 10.342  6.807   0.082   1.00 10.75 ? 46  LEU A O   1 
ATOM   295 C  CB  . LEU A 1 46 ? 11.130  5.288   -2.803  1.00 11.04 ? 46  LEU A CB  1 
ATOM   296 C  CG  . LEU A 1 46 ? 12.497  5.837   -2.394  1.00 11.38 ? 46  LEU A CG  1 
ATOM   297 C  CD1 . LEU A 1 46 ? 13.187  4.931   -1.373  1.00 12.69 ? 46  LEU A CD1 1 
ATOM   298 C  CD2 . LEU A 1 46 ? 13.365  6.044   -3.640  1.00 11.54 ? 46  LEU A CD2 1 
ATOM   299 N  N   . GLU A 1 47 ? 9.006   7.332   -1.662  1.00 11.26 ? 47  GLU A N   1 
ATOM   300 C  CA  . GLU A 1 47 ? 8.542   8.601   -1.087  1.00 11.84 ? 47  GLU A CA  1 
ATOM   301 C  C   . GLU A 1 47 ? 7.954   8.384   0.304   1.00 10.96 ? 47  GLU A C   1 
ATOM   302 O  O   . GLU A 1 47 ? 8.277   9.103   1.254   1.00 11.01 ? 47  GLU A O   1 
ATOM   303 C  CB  . GLU A 1 47 ? 7.467   9.243   -1.977  1.00 12.03 ? 47  GLU A CB  1 
ATOM   304 C  CG  . GLU A 1 47 ? 6.628   10.345  -1.306  1.00 13.16 ? 47  GLU A CG  1 
ATOM   305 C  CD  . GLU A 1 47 ? 5.433   10.778  -2.148  1.00 14.95 ? 47  GLU A CD  1 
ATOM   306 O  OE1 . GLU A 1 47 ? 4.529   11.443  -1.601  1.00 19.37 ? 47  GLU A OE1 1 
ATOM   307 O  OE2 . GLU A 1 47 ? 5.385   10.447  -3.351  1.00 19.36 ? 47  GLU A OE2 1 
ATOM   308 N  N   . GLU A 1 48 ? 7.084   7.385   0.416   1.00 10.39 ? 48  GLU A N   1 
ATOM   309 C  CA  . GLU A 1 48 ? 6.412   7.132   1.682   1.00 10.22 ? 48  GLU A CA  1 
ATOM   310 C  C   . GLU A 1 48 ? 7.377   6.647   2.752   1.00 9.32  ? 48  GLU A C   1 
ATOM   311 O  O   . GLU A 1 48 ? 7.227   7.009   3.916   1.00 8.91  ? 48  GLU A O   1 
ATOM   312 C  CB  . GLU A 1 48 ? 5.229   6.172   1.506   1.00 11.22 ? 48  GLU A CB  1 
ATOM   313 C  CG  . GLU A 1 48 ? 3.914   6.895   1.257   1.00 14.45 ? 48  GLU A CG  1 
ATOM   314 C  CD  . GLU A 1 48 ? 3.669   8.021   2.256   1.00 16.27 ? 48  GLU A CD  1 
ATOM   315 O  OE1 . GLU A 1 48 ? 3.326   9.132   1.809   1.00 20.28 ? 48  GLU A OE1 1 
ATOM   316 O  OE2 . GLU A 1 48 ? 3.863   7.807   3.476   1.00 17.74 ? 48  GLU A OE2 1 
ATOM   317 N  N   . ALA A 1 49 ? 8.377   5.855   2.369   1.00 8.66  ? 49  ALA A N   1 
ATOM   318 C  CA  . ALA A 1 49 ? 9.405   5.446   3.321   1.00 8.76  ? 49  ALA A CA  1 
ATOM   319 C  C   . ALA A 1 49 ? 10.141  6.665   3.889   1.00 8.50  ? 49  ALA A C   1 
ATOM   320 O  O   . ALA A 1 49 ? 10.443  6.710   5.082   1.00 8.53  ? 49  ALA A O   1 
ATOM   321 C  CB  . ALA A 1 49 ? 10.373  4.479   2.681   1.00 8.87  ? 49  ALA A CB  1 
ATOM   322 N  N   . GLY A 1 50 ? 10.409  7.653   3.037   1.00 8.31  ? 50  GLY A N   1 
ATOM   323 C  CA  . GLY A 1 50 ? 11.009  8.916   3.479   1.00 8.22  ? 50  GLY A CA  1 
ATOM   324 C  C   . GLY A 1 50 ? 10.095  9.678   4.434   1.00 8.17  ? 50  GLY A C   1 
ATOM   325 O  O   . GLY A 1 50 ? 10.542  10.176  5.463   1.00 8.49  ? 50  GLY A O   1 
ATOM   326 N  N   . GLU A 1 51 ? 8.809   9.756   4.105   1.00 7.94  ? 51  GLU A N   1 
ATOM   327 C  CA  . GLU A 1 51 ? 7.821   10.386  4.984   1.00 8.16  ? 51  GLU A CA  1 
ATOM   328 C  C   . GLU A 1 51 ? 7.750   9.673   6.336   1.00 8.00  ? 51  GLU A C   1 
ATOM   329 O  O   . GLU A 1 51 ? 7.623   10.315  7.375   1.00 8.26  ? 51  GLU A O   1 
ATOM   330 C  CB  . GLU A 1 51 ? 6.433   10.351  4.342   1.00 8.39  ? 51  GLU A CB  1 
ATOM   331 C  CG  . GLU A 1 51 ? 6.297   11.204  3.100   1.00 9.91  ? 51  GLU A CG  1 
ATOM   332 C  CD  . GLU A 1 51 ? 6.038   12.667  3.383   1.00 11.31 ? 51  GLU A CD  1 
ATOM   333 O  OE1 . GLU A 1 51 ? 5.748   13.384  2.403   1.00 13.16 ? 51  GLU A OE1 1 
ATOM   334 O  OE2 . GLU A 1 51 ? 6.114   13.100  4.556   1.00 12.66 ? 51  GLU A OE2 1 
ATOM   335 N  N   . VAL A 1 52 ? 7.801   8.343   6.320   1.00 7.55  ? 52  VAL A N   1 
ATOM   336 C  CA  . VAL A 1 52 ? 7.809   7.569   7.555   1.00 7.79  ? 52  VAL A CA  1 
ATOM   337 C  C   . VAL A 1 52 ? 9.042   7.894   8.398   1.00 8.25  ? 52  VAL A C   1 
ATOM   338 O  O   . VAL A 1 52 ? 8.938   8.077   9.607   1.00 8.20  ? 52  VAL A O   1 
ATOM   339 C  CB  . VAL A 1 52 ? 7.721   6.058   7.269   1.00 7.78  ? 52  VAL A CB  1 
ATOM   340 C  CG1 . VAL A 1 52 ? 8.032   5.243   8.521   1.00 8.73  ? 52  VAL A CG1 1 
ATOM   341 C  CG2 . VAL A 1 52 ? 6.327   5.718   6.730   1.00 7.05  ? 52  VAL A CG2 1 
ATOM   342 N  N   . TRP A 1 53 ? 10.209  7.979   7.770   1.00 8.39  ? 53  TRP A N   1 
ATOM   343 C  CA  . TRP A 1 53 ? 11.424  8.309   8.515   1.00 8.59  ? 53  TRP A CA  1 
ATOM   344 C  C   . TRP A 1 53 ? 11.292  9.702   9.160   1.00 8.64  ? 53  TRP A C   1 
ATOM   345 O  O   . TRP A 1 53 ? 11.561  9.880   10.353  1.00 8.94  ? 53  TRP A O   1 
ATOM   346 C  CB  . TRP A 1 53 ? 12.653  8.260   7.600   1.00 8.62  ? 53  TRP A CB  1 
ATOM   347 C  CG  . TRP A 1 53 ? 13.983  8.273   8.324   1.00 8.45  ? 53  TRP A CG  1 
ATOM   348 C  CD1 . TRP A 1 53 ? 14.196  8.381   9.675   1.00 9.50  ? 53  TRP A CD1 1 
ATOM   349 C  CD2 . TRP A 1 53 ? 15.280  8.194   7.723   1.00 9.31  ? 53  TRP A CD2 1 
ATOM   350 N  NE1 . TRP A 1 53 ? 15.537  8.351   9.945   1.00 9.33  ? 53  TRP A NE1 1 
ATOM   351 C  CE2 . TRP A 1 53 ? 16.227  8.250   8.766   1.00 9.72  ? 53  TRP A CE2 1 
ATOM   352 C  CE3 . TRP A 1 53 ? 15.735  8.088   6.404   1.00 10.90 ? 53  TRP A CE3 1 
ATOM   353 C  CZ2 . TRP A 1 53 ? 17.602  8.194   8.535   1.00 10.78 ? 53  TRP A CZ2 1 
ATOM   354 C  CZ3 . TRP A 1 53 ? 17.107  8.033   6.174   1.00 10.73 ? 53  TRP A CZ3 1 
ATOM   355 C  CH2 . TRP A 1 53 ? 18.020  8.085   7.237   1.00 10.65 ? 53  TRP A CH2 1 
ATOM   356 N  N   . LEU A 1 54 ? 10.889  10.694  8.374   1.00 8.63  ? 54  LEU A N   1 
ATOM   357 C  CA  . LEU A 1 54 ? 10.668  12.042  8.908   1.00 8.82  ? 54  LEU A CA  1 
ATOM   358 C  C   . LEU A 1 54 ? 9.729   12.024  10.108  1.00 8.54  ? 54  LEU A C   1 
ATOM   359 O  O   . LEU A 1 54 ? 10.017  12.637  11.135  1.00 8.53  ? 54  LEU A O   1 
ATOM   360 C  CB  . LEU A 1 54 ? 10.087  12.967  7.842   1.00 9.32  ? 54  LEU A CB  1 
ATOM   361 C  CG  . LEU A 1 54 ? 11.089  13.588  6.872   1.00 11.49 ? 54  LEU A CG  1 
ATOM   362 C  CD1 . LEU A 1 54 ? 10.333  14.148  5.689   1.00 12.42 ? 54  LEU A CD1 1 
ATOM   363 C  CD2 . LEU A 1 54 ? 11.924  14.670  7.525   1.00 13.41 ? 54  LEU A CD2 1 
ATOM   364 N  N   . ALA A 1 55 ? 8.611   11.317  9.980   1.00 7.95  ? 55  ALA A N   1 
ATOM   365 C  CA  . ALA A 1 55 ? 7.627   11.268  11.053  1.00 8.17  ? 55  ALA A CA  1 
ATOM   366 C  C   . ALA A 1 55 ? 8.157   10.529  12.279  1.00 8.29  ? 55  ALA A C   1 
ATOM   367 O  O   . ALA A 1 55 ? 7.894   10.940  13.409  1.00 8.44  ? 55  ALA A O   1 
ATOM   368 C  CB  . ALA A 1 55 ? 6.338   10.630  10.564  1.00 7.98  ? 55  ALA A CB  1 
ATOM   369 N  N   . ALA A 1 56 ? 8.921   9.460   12.060  1.00 8.65  ? 56  ALA A N   1 
ATOM   370 C  CA  . ALA A 1 56 ? 9.500   8.681   13.162  1.00 9.04  ? 56  ALA A CA  1 
ATOM   371 C  C   . ALA A 1 56 ? 10.478  9.508   13.990  1.00 9.49  ? 56  ALA A C   1 
ATOM   372 O  O   . ALA A 1 56 ? 10.573  9.340   15.206  1.00 9.33  ? 56  ALA A O   1 
ATOM   373 C  CB  . ALA A 1 56 ? 10.196  7.431   12.625  1.00 9.20  ? 56  ALA A CB  1 
ATOM   374 N  N   . GLU A 1 57 ? 11.212  10.385  13.321  1.00 10.07 ? 57  GLU A N   1 
ATOM   375 C  CA  . GLU A 1 57 ? 12.210  11.231  13.967  1.00 10.82 ? 57  GLU A CA  1 
ATOM   376 C  C   . GLU A 1 57 ? 11.625  12.475  14.614  1.00 11.00 ? 57  GLU A C   1 
ATOM   377 O  O   . GLU A 1 57 ? 12.160  12.958  15.616  1.00 11.63 ? 57  GLU A O   1 
ATOM   378 C  CB  . GLU A 1 57 ? 13.223  11.694  12.922  1.00 11.78 ? 57  GLU A CB  1 
ATOM   379 C  CG  . GLU A 1 57 ? 14.061  10.593  12.351  1.00 13.66 ? 57  GLU A CG  1 
ATOM   380 C  CD  . GLU A 1 57 ? 15.431  10.495  12.969  1.00 15.52 ? 57  GLU A CD  1 
ATOM   381 O  OE1 . GLU A 1 57 ? 16.169  9.621   12.521  1.00 15.99 ? 57  GLU A OE1 1 
ATOM   382 O  OE2 . GLU A 1 57 ? 15.785  11.270  13.881  1.00 18.97 ? 57  GLU A OE2 1 
ATOM   383 N  N   . HIS A 1 58 ? 10.574  13.028  14.020  1.00 10.51 ? 58  HIS A N   1 
ATOM   384 C  CA  . HIS A 1 58 ? 10.172  14.392  14.345  1.00 10.55 ? 58  HIS A CA  1 
ATOM   385 C  C   . HIS A 1 58 ? 8.702   14.649  14.601  1.00 10.30 ? 58  HIS A C   1 
ATOM   386 O  O   . HIS A 1 58 ? 8.369   15.752  15.024  1.00 11.49 ? 58  HIS A O   1 
ATOM   387 C  CB  . HIS A 1 58 ? 10.626  15.336  13.224  1.00 11.21 ? 58  HIS A CB  1 
ATOM   388 C  CG  . HIS A 1 58 ? 12.110  15.397  13.060  1.00 12.32 ? 58  HIS A CG  1 
ATOM   389 N  ND1 . HIS A 1 58 ? 12.928  16.074  13.939  1.00 13.98 ? 58  HIS A ND1 1 
ATOM   390 C  CD2 . HIS A 1 58 ? 12.925  14.853  12.128  1.00 13.28 ? 58  HIS A CD2 1 
ATOM   391 C  CE1 . HIS A 1 58 ? 14.184  15.943  13.553  1.00 13.74 ? 58  HIS A CE1 1 
ATOM   392 N  NE2 . HIS A 1 58 ? 14.210  15.212  12.454  1.00 14.17 ? 58  HIS A NE2 1 
ATOM   393 N  N   . GLU A 1 59 ? 7.819   13.682  14.354  1.00 9.05  ? 59  GLU A N   1 
ATOM   394 C  CA  . GLU A 1 59 ? 6.386   13.963  14.429  1.00 8.71  ? 59  GLU A CA  1 
ATOM   395 C  C   . GLU A 1 59 ? 5.665   13.104  15.465  1.00 8.20  ? 59  GLU A C   1 
ATOM   396 O  O   . GLU A 1 59 ? 6.264   12.229  16.086  1.00 8.07  ? 59  GLU A O   1 
ATOM   397 C  CB  . GLU A 1 59 ? 5.751   13.826  13.040  1.00 8.61  ? 59  GLU A CB  1 
ATOM   398 C  CG  . GLU A 1 59 ? 6.426   14.694  11.958  1.00 9.39  ? 59  GLU A CG  1 
ATOM   399 C  CD  . GLU A 1 59 ? 6.385   16.192  12.236  1.00 11.78 ? 59  GLU A CD  1 
ATOM   400 O  OE1 . GLU A 1 59 ? 5.477   16.658  12.954  1.00 12.65 ? 59  GLU A OE1 1 
ATOM   401 O  OE2 . GLU A 1 59 ? 7.270   16.915  11.717  1.00 13.67 ? 59  GLU A OE2 1 
ATOM   402 N  N   . SER A 1 60 ? 4.377   13.387  15.652  1.00 7.92  ? 60  SER A N   1 
ATOM   403 C  CA  . SER A 1 60 ? 3.571   12.731  16.669  1.00 7.95  ? 60  SER A CA  1 
ATOM   404 C  C   . SER A 1 60 ? 3.332   11.265  16.336  1.00 7.88  ? 60  SER A C   1 
ATOM   405 O  O   . SER A 1 60 ? 3.506   10.840  15.188  1.00 7.82  ? 60  SER A O   1 
ATOM   406 C  CB  . SER A 1 60 ? 2.224   13.436  16.785  1.00 8.00  ? 60  SER A CB  1 
ATOM   407 O  OG  . SER A 1 60 ? 1.469   13.218  15.606  1.00 7.99  ? 60  SER A OG  1 
ATOM   408 N  N   . ASN A 1 61 ? 2.927   10.499  17.343  1.00 7.80  ? 61  ASN A N   1 
ATOM   409 C  CA  . ASN A 1 61 ? 2.534   9.116   17.120  1.00 7.85  ? 61  ASN A CA  1 
ATOM   410 C  C   . ASN A 1 61 ? 1.460   9.003   16.039  1.00 7.73  ? 61  ASN A C   1 
ATOM   411 O  O   . ASN A 1 61 ? 1.508   8.100   15.200  1.00 7.70  ? 61  ASN A O   1 
ATOM   412 C  CB  . ASN A 1 61 ? 1.974   8.485   18.400  1.00 8.33  ? 61  ASN A CB  1 
ATOM   413 C  CG  . ASN A 1 61 ? 3.043   8.034   19.373  1.00 9.30  ? 61  ASN A CG  1 
ATOM   414 O  OD1 . ASN A 1 61 ? 4.172   8.517   19.361  1.00 9.84  ? 61  ASN A OD1 1 
ATOM   415 N  ND2 . ASN A 1 61 ? 2.677   7.084   20.238  1.00 10.90 ? 61  ASN A ND2 1 
ATOM   416 N  N   . ASP A 1 62 ? 0.481   9.906   16.067  1.00 8.05  ? 62  ASP A N   1 
ATOM   417 C  CA  . ASP A 1 62 ? -0.588  9.899   15.077  1.00 8.14  ? 62  ASP A CA  1 
ATOM   418 C  C   . ASP A 1 62 ? -0.074  10.142  13.661  1.00 7.67  ? 62  ASP A C   1 
ATOM   419 O  O   . ASP A 1 62 ? -0.492  9.465   12.719  1.00 7.60  ? 62  ASP A O   1 
ATOM   420 C  CB  . ASP A 1 62 ? -1.623  10.966  15.420  1.00 8.42  ? 62  ASP A CB  1 
ATOM   421 C  CG  . ASP A 1 62 ? -2.809  10.937  14.490  1.00 11.46 ? 62  ASP A CG  1 
ATOM   422 O  OD1 . ASP A 1 62 ? -2.995  11.878  13.700  1.00 13.81 ? 62  ASP A OD1 1 
ATOM   423 O  OD2 . ASP A 1 62 ? -3.581  9.963   14.584  1.00 12.09 ? 62  ASP A OD2 1 
ATOM   424 N  N   . ALA A 1 63 ? 0.813   11.119  13.514  1.00 7.59  ? 63  ALA A N   1 
ATOM   425 C  CA  . ALA A 1 63 ? 1.388   11.431  12.217  1.00 7.58  ? 63  ALA A CA  1 
ATOM   426 C  C   . ALA A 1 63 ? 2.191   10.241  11.687  1.00 7.52  ? 63  ALA A C   1 
ATOM   427 O  O   . ALA A 1 63 ? 2.108   9.894   10.508  1.00 7.84  ? 63  ALA A O   1 
ATOM   428 C  CB  . ALA A 1 63 ? 2.257   12.671  12.305  1.00 8.10  ? 63  ALA A CB  1 
ATOM   429 N  N   . LEU A 1 64 ? 2.944   9.596   12.567  1.00 7.24  ? 64  LEU A N   1 
ATOM   430 C  CA  . LEU A 1 64 ? 3.691   8.408   12.176  1.00 7.00  ? 64  LEU A CA  1 
ATOM   431 C  C   . LEU A 1 64 ? 2.762   7.259   11.767  1.00 7.01  ? 64  LEU A C   1 
ATOM   432 O  O   . LEU A 1 64 ? 3.001   6.587   10.763  1.00 7.41  ? 64  LEU A O   1 
ATOM   433 C  CB  . LEU A 1 64 ? 4.602   7.962   13.312  1.00 6.95  ? 64  LEU A CB  1 
ATOM   434 C  CG  . LEU A 1 64 ? 5.396   6.681   13.035  1.00 6.75  ? 64  LEU A CG  1 
ATOM   435 C  CD1 . LEU A 1 64 ? 6.298   6.818   11.802  1.00 7.47  ? 64  LEU A CD1 1 
ATOM   436 C  CD2 . LEU A 1 64 ? 6.221   6.327   14.263  1.00 7.17  ? 64  LEU A CD2 1 
ATOM   437 N  N   . ALA A 1 65 ? 1.702   7.039   12.533  1.00 7.05  ? 65  ALA A N   1 
ATOM   438 C  CA  . ALA A 1 65 ? 0.726   6.012   12.188  1.00 7.24  ? 65  ALA A CA  1 
ATOM   439 C  C   . ALA A 1 65 ? 0.113   6.279   10.815  1.00 7.36  ? 65  ALA A C   1 
ATOM   440 O  O   . ALA A 1 65 ? -0.093  5.347   10.033  1.00 7.94  ? 65  ALA A O   1 
ATOM   441 C  CB  . ALA A 1 65 ? -0.348  5.929   13.256  1.00 7.48  ? 65  ALA A CB  1 
ATOM   442 N  N   . GLU A 1 66 ? -0.186  7.544   10.527  1.00 7.71  ? 66  GLU A N   1 
ATOM   443 C  CA  . GLU A 1 66 ? -0.707  7.930   9.220   1.00 7.48  ? 66  GLU A CA  1 
ATOM   444 C  C   . GLU A 1 66 ? 0.253   7.553   8.096   1.00 7.46  ? 66  GLU A C   1 
ATOM   445 O  O   . GLU A 1 66 ? -0.151  6.934   7.112   1.00 7.50  ? 66  GLU A O   1 
ATOM   446 C  CB  . GLU A 1 66 ? -1.029  9.431   9.182   1.00 8.16  ? 66  GLU A CB  1 
ATOM   447 C  CG  . GLU A 1 66 ? -1.408  9.972   7.813   1.00 9.82  ? 66  GLU A CG  1 
ATOM   448 C  CD  . GLU A 1 66 ? -2.631  9.313   7.212   1.00 12.22 ? 66  GLU A CD  1 
ATOM   449 O  OE1 . GLU A 1 66 ? -3.546  8.942   7.970   1.00 13.55 ? 66  GLU A OE1 1 
ATOM   450 O  OE2 . GLU A 1 66 ? -2.689  9.190   5.970   1.00 14.88 ? 66  GLU A OE2 1 
ATOM   451 N  N   . GLU A 1 67 ? 1.515   7.941   8.220   1.00 7.14  ? 67  GLU A N   1 
ATOM   452 C  CA  . GLU A 1 67 ? 2.473   7.656   7.157   1.00 7.05  ? 67  GLU A CA  1 
ATOM   453 C  C   . GLU A 1 67 ? 2.741   6.157   7.023   1.00 6.85  ? 67  GLU A C   1 
ATOM   454 O  O   . GLU A 1 67 ? 2.815   5.652   5.908   1.00 6.87  ? 67  GLU A O   1 
ATOM   455 C  CB  . GLU A 1 67 ? 3.779   8.430   7.360   1.00 7.52  ? 67  GLU A CB  1 
ATOM   456 C  CG  . GLU A 1 67 ? 3.611   9.958   7.384   1.00 8.93  ? 67  GLU A CG  1 
ATOM   457 C  CD  . GLU A 1 67 ? 2.881   10.525  6.172   1.00 10.76 ? 67  GLU A CD  1 
ATOM   458 O  OE1 . GLU A 1 67 ? 3.076   10.026  5.042   1.00 12.38 ? 67  GLU A OE1 1 
ATOM   459 O  OE2 . GLU A 1 67 ? 2.118   11.500  6.349   1.00 14.74 ? 67  GLU A OE2 1 
ATOM   460 N  N   . ILE A 1 68 ? 2.820   5.441   8.142   1.00 6.53  ? 68  ILE A N   1 
ATOM   461 C  CA  . ILE A 1 68 ? 2.955   3.992   8.088   1.00 6.86  ? 68  ILE A CA  1 
ATOM   462 C  C   . ILE A 1 68 ? 1.766   3.353   7.375   1.00 7.21  ? 68  ILE A C   1 
ATOM   463 O  O   . ILE A 1 68 ? 1.950   2.456   6.548   1.00 7.53  ? 68  ILE A O   1 
ATOM   464 C  CB  . ILE A 1 68 ? 3.183   3.388   9.481   1.00 6.84  ? 68  ILE A CB  1 
ATOM   465 C  CG1 . ILE A 1 68 ? 4.597   3.743   9.957   1.00 6.95  ? 68  ILE A CG1 1 
ATOM   466 C  CG2 . ILE A 1 68 ? 2.999   1.882   9.448   1.00 6.37  ? 68  ILE A CG2 1 
ATOM   467 C  CD1 . ILE A 1 68 ? 4.941   3.256   11.343  1.00 7.63  ? 68  ILE A CD1 1 
ATOM   468 N  N   . SER A 1 69 ? 0.555   3.822   7.659   1.00 6.98  ? 69  SER A N   1 
ATOM   469 C  CA  . SER A 1 69 ? -0.617  3.258   7.007   1.00 7.55  ? 69  SER A CA  1 
ATOM   470 C  C   . SER A 1 69 ? -0.524  3.434   5.485   1.00 7.85  ? 69  SER A C   1 
ATOM   471 O  O   . SER A 1 69 ? -0.913  2.536   4.731   1.00 7.84  ? 69  SER A O   1 
ATOM   472 C  CB  . SER A 1 69 ? -1.915  3.849   7.574   1.00 7.87  ? 69  SER A CB  1 
ATOM   473 O  OG  . SER A 1 69 ? -2.184  5.159   7.099   1.00 9.16  ? 69  SER A OG  1 
ATOM   474 N  N   . GLN A 1 70 ? 0.010   4.568   5.034   1.00 7.60  ? 70  GLN A N   1 
ATOM   475 C  CA  . GLN A 1 70 ? 0.184   4.802   3.608   1.00 7.89  ? 70  GLN A CA  1 
ATOM   476 C  C   . GLN A 1 70 ? 1.285   3.926   3.015   1.00 7.55  ? 70  GLN A C   1 
ATOM   477 O  O   . GLN A 1 70 ? 1.144   3.417   1.905   1.00 7.14  ? 70  GLN A O   1 
ATOM   478 C  CB  . GLN A 1 70 ? 0.430   6.279   3.341   1.00 8.62  ? 70  GLN A CB  1 
ATOM   479 C  CG  . GLN A 1 70 ? -0.860  7.078   3.483   1.00 11.12 ? 70  GLN A CG  1 
ATOM   480 C  CD  . GLN A 1 70 ? -1.829  6.782   2.349   1.00 14.50 ? 70  GLN A CD  1 
ATOM   481 O  OE1 . GLN A 1 70 ? -2.940  6.296   2.569   1.00 17.50 ? 70  GLN A OE1 1 
ATOM   482 N  NE2 . GLN A 1 70 ? -1.397  7.052   1.122   1.00 16.55 ? 70  GLN A NE2 1 
ATOM   483 N  N   . LEU A 1 71 ? 2.376   3.731   3.747   1.00 7.33  ? 71  LEU A N   1 
ATOM   484 C  CA  . LEU A 1 71 ? 3.425   2.819   3.301   1.00 7.29  ? 71  LEU A CA  1 
ATOM   485 C  C   . LEU A 1 71 ? 2.850   1.413   3.120   1.00 7.12  ? 71  LEU A C   1 
ATOM   486 O  O   . LEU A 1 71 ? 3.133   0.751   2.119   1.00 7.00  ? 71  LEU A O   1 
ATOM   487 C  CB  . LEU A 1 71 ? 4.578   2.793   4.303   1.00 7.36  ? 71  LEU A CB  1 
ATOM   488 C  CG  . LEU A 1 71 ? 5.786   1.939   3.900   1.00 7.67  ? 71  LEU A CG  1 
ATOM   489 C  CD1 . LEU A 1 71 ? 6.512   2.558   2.710   1.00 9.41  ? 71  LEU A CD1 1 
ATOM   490 C  CD2 . LEU A 1 71 ? 6.733   1.795   5.065   1.00 8.15  ? 71  LEU A CD2 1 
ATOM   491 N  N   . LEU A 1 72 ? 2.054   0.954   4.082   1.00 7.13  ? 72  LEU A N   1 
ATOM   492 C  CA  . LEU A 1 72 ? 1.444   -0.371  3.987   1.00 7.37  ? 72  LEU A CA  1 
ATOM   493 C  C   . LEU A 1 72 ? 0.490   -0.463  2.796   1.00 7.09  ? 72  LEU A C   1 
ATOM   494 O  O   . LEU A 1 72 ? 0.481   -1.461  2.068   1.00 6.98  ? 72  LEU A O   1 
ATOM   495 C  CB  . LEU A 1 72 ? 0.721   -0.733  5.289   1.00 7.59  ? 72  LEU A CB  1 
ATOM   496 C  CG  . LEU A 1 72 ? 1.607   -0.866  6.539   1.00 8.40  ? 72  LEU A CG  1 
ATOM   497 C  CD1 . LEU A 1 72 ? 0.776   -1.241  7.743   1.00 10.12 ? 72  LEU A CD1 1 
ATOM   498 C  CD2 . LEU A 1 72 ? 2.726   -1.877  6.311   1.00 9.22  ? 72  LEU A CD2 1 
ATOM   499 N  N   . TYR A 1 73 ? -0.314  0.578   2.608   1.00 7.25  ? 73  TYR A N   1 
ATOM   500 C  CA  . TYR A 1 73 ? -1.206  0.648   1.453   1.00 7.43  ? 73  TYR A CA  1 
ATOM   501 C  C   . TYR A 1 73 ? -0.444  0.497   0.128   1.00 7.28  ? 73  TYR A C   1 
ATOM   502 O  O   . TYR A 1 73 ? -0.794  -0.342  -0.705  1.00 6.95  ? 73  TYR A O   1 
ATOM   503 C  CB  . TYR A 1 73 ? -2.006  1.961   1.484   1.00 8.54  ? 73  TYR A CB  1 
ATOM   504 C  CG  . TYR A 1 73 ? -2.759  2.226   0.203   1.00 8.81  ? 73  TYR A CG  1 
ATOM   505 C  CD1 . TYR A 1 73 ? -2.237  3.078   -0.763  1.00 10.20 ? 73  TYR A CD1 1 
ATOM   506 C  CD2 . TYR A 1 73 ? -3.976  1.610   -0.055  1.00 10.41 ? 73  TYR A CD2 1 
ATOM   507 C  CE1 . TYR A 1 73 ? -2.907  3.300   -1.951  1.00 10.88 ? 73  TYR A CE1 1 
ATOM   508 C  CE2 . TYR A 1 73 ? -4.652  1.835   -1.237  1.00 10.92 ? 73  TYR A CE2 1 
ATOM   509 C  CZ  . TYR A 1 73 ? -4.118  2.685   -2.176  1.00 10.80 ? 73  TYR A CZ  1 
ATOM   510 O  OH  . TYR A 1 73 ? -4.779  2.906   -3.357  1.00 12.19 ? 73  TYR A OH  1 
ATOM   511 N  N   . TRP A 1 74 ? 0.595   1.306   -0.076  1.00 7.23  ? 74  TRP A N   1 
ATOM   512 C  CA  . TRP A 1 74 ? 1.336   1.242   -1.333  1.00 7.54  ? 74  TRP A CA  1 
ATOM   513 C  C   . TRP A 1 74 ? 2.076   -0.083  -1.505  1.00 7.10  ? 74  TRP A C   1 
ATOM   514 O  O   . TRP A 1 74 ? 2.234   -0.563  -2.626  1.00 6.89  ? 74  TRP A O   1 
ATOM   515 C  CB  . TRP A 1 74 ? 2.281   2.439   -1.490  1.00 9.24  ? 74  TRP A CB  1 
ATOM   516 C  CG  . TRP A 1 74 ? 1.525   3.702   -1.734  1.00 10.47 ? 74  TRP A CG  1 
ATOM   517 C  CD1 . TRP A 1 74 ? 1.392   4.757   -0.881  1.00 12.36 ? 74  TRP A CD1 1 
ATOM   518 C  CD2 . TRP A 1 74 ? 0.769   4.036   -2.907  1.00 11.29 ? 74  TRP A CD2 1 
ATOM   519 N  NE1 . TRP A 1 74 ? 0.611   5.727   -1.448  1.00 12.87 ? 74  TRP A NE1 1 
ATOM   520 C  CE2 . TRP A 1 74 ? 0.210   5.310   -2.690  1.00 12.27 ? 74  TRP A CE2 1 
ATOM   521 C  CE3 . TRP A 1 74 ? 0.516   3.386   -4.120  1.00 11.87 ? 74  TRP A CE3 1 
ATOM   522 C  CZ2 . TRP A 1 74 ? -0.586  5.949   -3.643  1.00 12.74 ? 74  TRP A CZ2 1 
ATOM   523 C  CZ3 . TRP A 1 74 ? -0.277  4.025   -5.069  1.00 12.18 ? 74  TRP A CZ3 1 
ATOM   524 C  CH2 . TRP A 1 74 ? -0.817  5.292   -4.821  1.00 12.33 ? 74  TRP A CH2 1 
ATOM   525 N  N   . THR A 1 75 ? 2.511   -0.690  -0.405  1.00 6.47  ? 75  THR A N   1 
ATOM   526 C  CA  . THR A 1 75 ? 3.125   -2.007  -0.474  1.00 6.39  ? 75  THR A CA  1 
ATOM   527 C  C   . THR A 1 75 ? 2.121   -3.027  -1.034  1.00 6.40  ? 75  THR A C   1 
ATOM   528 O  O   . THR A 1 75 ? 2.463   -3.845  -1.878  1.00 6.34  ? 75  THR A O   1 
ATOM   529 C  CB  . THR A 1 75 ? 3.621   -2.439  0.913   1.00 6.36  ? 75  THR A CB  1 
ATOM   530 O  OG1 . THR A 1 75 ? 4.648   -1.543  1.355   1.00 7.72  ? 75  THR A OG1 1 
ATOM   531 C  CG2 . THR A 1 75 ? 4.193   -3.828  0.862   1.00 7.17  ? 75  THR A CG2 1 
ATOM   532 N  N   . GLN A 1 76 ? 0.879   -2.964  -0.560  1.00 6.08  ? 76  GLN A N   1 
ATOM   533 C  CA  . GLN A 1 76 ? -0.186  -3.850  -1.047  1.00 6.51  ? 76  GLN A CA  1 
ATOM   534 C  C   . GLN A 1 76 ? -0.515  -3.613  -2.515  1.00 6.42  ? 76  GLN A C   1 
ATOM   535 O  O   . GLN A 1 76 ? -0.700  -4.562  -3.274  1.00 6.69  ? 76  GLN A O   1 
ATOM   536 C  CB  . GLN A 1 76 ? -1.446  -3.729  -0.180  1.00 6.45  ? 76  GLN A CB  1 
ATOM   537 C  CG  . GLN A 1 76 ? -1.240  -4.268  1.230   1.00 6.90  ? 76  GLN A CG  1 
ATOM   538 C  CD  . GLN A 1 76 ? -2.516  -4.466  2.017   1.00 7.42  ? 76  GLN A CD  1 
ATOM   539 O  OE1 . GLN A 1 76 ? -2.471  -4.724  3.222   1.00 10.45 ? 76  GLN A OE1 1 
ATOM   540 N  NE2 . GLN A 1 76 ? -3.645  -4.334  1.361   1.00 7.26  ? 76  GLN A NE2 1 
ATOM   541 N  N   . VAL A 1 77 ? -0.561  -2.351  -2.930  1.00 6.76  ? 77  VAL A N   1 
ATOM   542 C  CA  . VAL A 1 77 ? -0.828  -2.046  -4.333  1.00 7.14  ? 77  VAL A CA  1 
ATOM   543 C  C   . VAL A 1 77 ? 0.291   -2.630  -5.215  1.00 7.36  ? 77  VAL A C   1 
ATOM   544 O  O   . VAL A 1 77 ? 0.017   -3.214  -6.264  1.00 7.40  ? 77  VAL A O   1 
ATOM   545 C  CB  . VAL A 1 77 ? -0.991  -0.531  -4.569  1.00 7.24  ? 77  VAL A CB  1 
ATOM   546 C  CG1 . VAL A 1 77 ? -1.183  -0.261  -6.048  1.00 7.98  ? 77  VAL A CG1 1 
ATOM   547 C  CG2 . VAL A 1 77 ? -2.181  0.018   -3.784  1.00 8.13  ? 77  VAL A CG2 1 
ATOM   548 N  N   . LEU A 1 78 ? 1.536   -2.498  -4.766  1.00 7.33  ? 78  LEU A N   1 
ATOM   549 C  CA  . LEU A 1 78 ? 2.659   -3.106  -5.475  1.00 7.81  ? 78  LEU A CA  1 
ATOM   550 C  C   . LEU A 1 78 ? 2.539   -4.630  -5.554  1.00 7.78  ? 78  LEU A C   1 
ATOM   551 O  O   . LEU A 1 78 ? 2.780   -5.214  -6.609  1.00 7.81  ? 78  LEU A O   1 
ATOM   552 C  CB  . LEU A 1 78 ? 3.976   -2.708  -4.810  1.00 7.95  ? 78  LEU A CB  1 
ATOM   553 C  CG  . LEU A 1 78 ? 5.253   -3.111  -5.536  1.00 9.46  ? 78  LEU A CG  1 
ATOM   554 C  CD1 . LEU A 1 78 ? 5.315   -2.461  -6.913  1.00 11.47 ? 78  LEU A CD1 1 
ATOM   555 C  CD2 . LEU A 1 78 ? 6.437   -2.707  -4.691  1.00 9.33  ? 78  LEU A CD2 1 
HETATM 556 N  N   . MSE A 1 79 ? 2.168   -5.275  -4.450  1.00 7.64  ? 79  MSE A N   1 
HETATM 557 C  CA  . MSE A 1 79 ? 1.943   -6.725  -4.450  1.00 7.90  ? 79  MSE A CA  1 
HETATM 558 C  C   . MSE A 1 79 ? 0.909   -7.108  -5.506  1.00 7.96  ? 79  MSE A C   1 
HETATM 559 O  O   . MSE A 1 79 ? 1.118   -8.029  -6.290  1.00 8.22  ? 79  MSE A O   1 
HETATM 560 C  CB  . MSE A 1 79 ? 1.477   -7.206  -3.074  1.00 7.82  ? 79  MSE A CB  1 
HETATM 561 C  CG  . MSE A 1 79 ? 2.539   -7.157  -2.006  1.00 8.24  ? 79  MSE A CG  1 
HETATM 562 SE SE  . MSE A 1 79 ? 1.845   -7.487  -0.225  1.00 9.53  ? 79  MSE A SE  1 
HETATM 563 C  CE  . MSE A 1 79 ? 1.194   -9.320  -0.483  1.00 9.59  ? 79  MSE A CE  1 
ATOM   564 N  N   . ILE A 1 80 ? -0.207  -6.389  -5.536  1.00 8.04  ? 80  ILE A N   1 
ATOM   565 C  CA  . ILE A 1 80 ? -1.254  -6.685  -6.513  1.00 8.29  ? 80  ILE A CA  1 
ATOM   566 C  C   . ILE A 1 80 ? -0.775  -6.426  -7.951  1.00 8.61  ? 80  ILE A C   1 
ATOM   567 O  O   . ILE A 1 80 ? -1.083  -7.195  -8.864  1.00 9.13  ? 80  ILE A O   1 
ATOM   568 C  CB  . ILE A 1 80 ? -2.531  -5.891  -6.192  1.00 8.31  ? 80  ILE A CB  1 
ATOM   569 C  CG1 . ILE A 1 80 ? -3.118  -6.363  -4.855  1.00 9.09  ? 80  ILE A CG1 1 
ATOM   570 C  CG2 . ILE A 1 80 ? -3.568  -6.052  -7.307  1.00 8.67  ? 80  ILE A CG2 1 
ATOM   571 C  CD1 . ILE A 1 80 ? -4.141  -5.426  -4.266  1.00 9.53  ? 80  ILE A CD1 1 
ATOM   572 N  N   . SER A 1 81 ? -0.020  -5.353  -8.165  1.00 8.44  ? 81  SER A N   1 
ATOM   573 C  CA  . SER A 1 81 ? 0.534   -5.064  -9.495  1.00 9.14  ? 81  SER A CA  1 
ATOM   574 C  C   . SER A 1 81 ? 1.384   -6.216  -10.033 1.00 9.44  ? 81  SER A C   1 
ATOM   575 O  O   . SER A 1 81 ? 1.304   -6.561  -11.210 1.00 10.45 ? 81  SER A O   1 
ATOM   576 C  CB  . SER A 1 81 ? 1.384   -3.795  -9.450  1.00 9.46  ? 81  SER A CB  1 
ATOM   577 O  OG  . SER A 1 81 ? 1.987   -3.555  -10.706 1.00 11.72 ? 81  SER A OG  1 
ATOM   578 N  N   . ARG A 1 82 ? 2.204   -6.805  -9.173  1.00 9.37  ? 82  ARG A N   1 
ATOM   579 C  CA  . ARG A 1 82 ? 3.095   -7.893  -9.577  1.00 10.00 ? 82  ARG A CA  1 
ATOM   580 C  C   . ARG A 1 82 ? 2.487   -9.293  -9.425  1.00 10.57 ? 82  ARG A C   1 
ATOM   581 O  O   . ARG A 1 82 ? 3.133   -10.287 -9.772  1.00 11.28 ? 82  ARG A O   1 
ATOM   582 C  CB  . ARG A 1 82 ? 4.413   -7.786  -8.798  1.00 10.15 ? 82  ARG A CB  1 
ATOM   583 C  CG  . ARG A 1 82 ? 5.404   -6.758  -9.381  1.00 9.76  ? 82  ARG A CG  1 
ATOM   584 C  CD  . ARG A 1 82 ? 6.041   -7.212  -10.704 1.00 9.83  ? 82  ARG A CD  1 
ATOM   585 N  NE  . ARG A 1 82 ? 6.670   -8.523  -10.588 1.00 9.55  ? 82  ARG A NE  1 
ATOM   586 C  CZ  . ARG A 1 82 ? 7.944   -8.751  -10.283 1.00 9.39  ? 82  ARG A CZ  1 
ATOM   587 N  NH1 . ARG A 1 82 ? 8.803   -7.766  -10.076 1.00 10.21 ? 82  ARG A NH1 1 
ATOM   588 N  NH2 . ARG A 1 82 ? 8.357   -10.002 -10.201 1.00 9.75  ? 82  ARG A NH2 1 
ATOM   589 N  N   . GLY A 1 83 ? 1.269   -9.386  -8.906  1.00 10.92 ? 83  GLY A N   1 
ATOM   590 C  CA  . GLY A 1 83 ? 0.594   -10.676 -8.793  1.00 11.29 ? 83  GLY A CA  1 
ATOM   591 C  C   . GLY A 1 83 ? 1.000   -11.510 -7.597  1.00 11.83 ? 83  GLY A C   1 
ATOM   592 O  O   . GLY A 1 83 ? 0.888   -12.734 -7.634  1.00 13.24 ? 83  GLY A O   1 
ATOM   593 N  N   . LEU A 1 84 ? 1.464   -10.862 -6.532  1.00 11.21 ? 84  LEU A N   1 
ATOM   594 C  CA  . LEU A 1 84 ? 1.801   -11.561 -5.292  1.00 11.58 ? 84  LEU A CA  1 
ATOM   595 C  C   . LEU A 1 84 ? 0.578   -11.721 -4.399  1.00 11.98 ? 84  LEU A C   1 
ATOM   596 O  O   . LEU A 1 84 ? -0.258  -10.820 -4.314  1.00 12.45 ? 84  LEU A O   1 
ATOM   597 C  CB  . LEU A 1 84 ? 2.857   -10.802 -4.489  1.00 11.29 ? 84  LEU A CB  1 
ATOM   598 C  CG  . LEU A 1 84 ? 4.272   -10.708 -5.057  1.00 12.01 ? 84  LEU A CG  1 
ATOM   599 C  CD1 . LEU A 1 84 ? 5.159   -9.936  -4.097  1.00 11.66 ? 84  LEU A CD1 1 
ATOM   600 C  CD2 . LEU A 1 84 ? 4.860   -12.069 -5.343  1.00 13.92 ? 84  LEU A CD2 1 
ATOM   601 N  N   . SER A 1 85 ? 0.511   -12.857 -3.706  1.00 12.46 ? 85  SER A N   1 
ATOM   602 C  CA  . SER A 1 85 ? -0.511  -13.113 -2.688  1.00 12.56 ? 85  SER A CA  1 
ATOM   603 C  C   . SER A 1 85 ? 0.031   -12.768 -1.310  1.00 12.76 ? 85  SER A C   1 
ATOM   604 O  O   . SER A 1 85 ? 1.239   -12.628 -1.137  1.00 12.73 ? 85  SER A O   1 
ATOM   605 C  CB  . SER A 1 85 ? -0.919  -14.589 -2.715  1.00 13.17 ? 85  SER A CB  1 
ATOM   606 O  OG  . SER A 1 85 ? 0.172   -15.428 -2.351  1.00 13.62 ? 85  SER A OG  1 
ATOM   607 N  N   . LEU A 1 86 ? -0.853  -12.641 -0.318  1.00 12.66 ? 86  LEU A N   1 
ATOM   608 C  CA  . LEU A 1 86 ? -0.418  -12.491 1.069   1.00 12.70 ? 86  LEU A CA  1 
ATOM   609 C  C   . LEU A 1 86 ? 0.491   -13.652 1.464   1.00 12.15 ? 86  LEU A C   1 
ATOM   610 O  O   . LEU A 1 86 ? 1.518   -13.435 2.097   1.00 11.68 ? 86  LEU A O   1 
ATOM   611 C  CB  . LEU A 1 86 ? -1.609  -12.417 2.037   1.00 13.14 ? 86  LEU A CB  1 
ATOM   612 C  CG  . LEU A 1 86 ? -2.441  -11.140 1.977   1.00 14.57 ? 86  LEU A CG  1 
ATOM   613 C  CD1 . LEU A 1 86 ? -3.712  -11.311 2.773   1.00 15.67 ? 86  LEU A CD1 1 
ATOM   614 C  CD2 . LEU A 1 86 ? -1.661  -9.945  2.470   1.00 14.74 ? 86  LEU A CD2 1 
ATOM   615 N  N   . ASP A 1 87 ? 0.096   -14.875 1.101   1.00 12.22 ? 87  ASP A N   1 
ATOM   616 C  CA  . ASP A 1 87 ? 0.872   -16.077 1.425   1.00 12.29 ? 87  ASP A CA  1 
ATOM   617 C  C   . ASP A 1 87 ? 2.287   -16.026 0.864   1.00 11.55 ? 87  ASP A C   1 
ATOM   618 O  O   . ASP A 1 87 ? 3.220   -16.471 1.524   1.00 10.92 ? 87  ASP A O   1 
ATOM   619 C  CB  . ASP A 1 87 ? 0.177   -17.348 0.908   1.00 13.02 ? 87  ASP A CB  1 
ATOM   620 C  CG  . ASP A 1 87 ? -0.987  -17.793 1.778   1.00 15.45 ? 87  ASP A CG  1 
ATOM   621 O  OD1 . ASP A 1 87 ? -1.235  -17.195 2.844   1.00 17.94 ? 87  ASP A OD1 1 
ATOM   622 O  OD2 . ASP A 1 87 ? -1.666  -18.757 1.375   1.00 18.66 ? 87  ASP A OD2 1 
ATOM   623 N  N   . ASP A 1 88 ? 2.448   -15.477 -0.340  1.00 10.82 ? 88  ASP A N   1 
ATOM   624 C  CA  . ASP A 1 88 ? 3.781   -15.325 -0.933  1.00 10.80 ? 88  ASP A CA  1 
ATOM   625 C  C   . ASP A 1 88 ? 4.719   -14.542 -0.008  1.00 10.18 ? 88  ASP A C   1 
ATOM   626 O  O   . ASP A 1 88 ? 5.894   -14.872 0.119   1.00 10.04 ? 88  ASP A O   1 
ATOM   627 C  CB  . ASP A 1 88 ? 3.711   -14.605 -2.282  1.00 10.93 ? 88  ASP A CB  1 
ATOM   628 C  CG  . ASP A 1 88 ? 3.120   -15.461 -3.393  1.00 11.63 ? 88  ASP A CG  1 
ATOM   629 O  OD1 . ASP A 1 88 ? 3.189   -16.711 -3.310  1.00 13.86 ? 88  ASP A OD1 1 
ATOM   630 O  OD2 . ASP A 1 88 ? 2.598   -14.871 -4.364  1.00 12.02 ? 88  ASP A OD2 1 
ATOM   631 N  N   . VAL A 1 89 ? 4.192   -13.492 0.617   1.00 9.64  ? 89  VAL A N   1 
ATOM   632 C  CA  . VAL A 1 89 ? 4.970   -12.662 1.529   1.00 10.01 ? 89  VAL A CA  1 
ATOM   633 C  C   . VAL A 1 89 ? 5.048   -13.284 2.922   1.00 10.11 ? 89  VAL A C   1 
ATOM   634 O  O   . VAL A 1 89 ? 6.114   -13.332 3.522   1.00 10.25 ? 89  VAL A O   1 
ATOM   635 C  CB  . VAL A 1 89 ? 4.386   -11.239 1.587   1.00 9.31  ? 89  VAL A CB  1 
ATOM   636 C  CG1 . VAL A 1 89 ? 5.054   -10.396 2.682   1.00 9.15  ? 89  VAL A CG1 1 
ATOM   637 C  CG2 . VAL A 1 89 ? 4.528   -10.579 0.220   1.00 9.41  ? 89  VAL A CG2 1 
ATOM   638 N  N   . TYR A 1 90 ? 3.920   -13.767 3.425   1.00 10.75 ? 90  TYR A N   1 
ATOM   639 C  CA  . TYR A 1 90 ? 3.864   -14.272 4.790   1.00 11.66 ? 90  TYR A CA  1 
ATOM   640 C  C   . TYR A 1 90 ? 4.729   -15.507 5.005   1.00 12.04 ? 90  TYR A C   1 
ATOM   641 O  O   . TYR A 1 90 ? 5.246   -15.699 6.100   1.00 12.22 ? 90  TYR A O   1 
ATOM   642 C  CB  . TYR A 1 90 ? 2.422   -14.570 5.195   1.00 12.02 ? 90  TYR A CB  1 
ATOM   643 C  CG  . TYR A 1 90 ? 1.553   -13.352 5.469   1.00 11.92 ? 90  TYR A CG  1 
ATOM   644 C  CD1 . TYR A 1 90 ? 2.055   -12.049 5.399   1.00 11.91 ? 90  TYR A CD1 1 
ATOM   645 C  CD2 . TYR A 1 90 ? 0.220   -13.513 5.831   1.00 11.57 ? 90  TYR A CD2 1 
ATOM   646 C  CE1 . TYR A 1 90 ? 1.239   -10.949 5.669   1.00 12.12 ? 90  TYR A CE1 1 
ATOM   647 C  CE2 . TYR A 1 90 ? -0.594  -12.415 6.106   1.00 12.52 ? 90  TYR A CE2 1 
ATOM   648 C  CZ  . TYR A 1 90 ? -0.077  -11.149 6.024   1.00 12.09 ? 90  TYR A CZ  1 
ATOM   649 O  OH  . TYR A 1 90 ? -0.889  -10.079 6.308   1.00 13.30 ? 90  TYR A OH  1 
ATOM   650 N  N   . ARG A 1 91 ? 4.912   -16.316 3.961   1.00 12.73 ? 91  ARG A N   1 
ATOM   651 C  CA  . ARG A 1 91 ? 5.773   -17.499 4.053   1.00 13.67 ? 91  ARG A CA  1 
ATOM   652 C  C   . ARG A 1 91 ? 7.230   -17.157 4.353   1.00 13.54 ? 91  ARG A C   1 
ATOM   653 O  O   . ARG A 1 91 ? 7.993   -18.034 4.758   1.00 13.70 ? 91  ARG A O   1 
ATOM   654 C  CB  . ARG A 1 91 ? 5.685   -18.344 2.776   1.00 14.04 ? 91  ARG A CB  1 
ATOM   655 C  CG  . ARG A 1 91 ? 4.484   -19.284 2.741   1.00 15.92 ? 91  ARG A CG  1 
ATOM   656 C  CD  . ARG A 1 91 ? 4.636   -20.333 1.657   1.00 16.88 ? 91  ARG A CD  1 
ATOM   657 N  NE  . ARG A 1 91 ? 4.739   -19.720 0.340   1.00 19.01 ? 91  ARG A NE  1 
ATOM   658 C  CZ  . ARG A 1 91 ? 3.728   -19.530 -0.509  1.00 19.55 ? 91  ARG A CZ  1 
ATOM   659 N  NH1 . ARG A 1 91 ? 2.489   -19.929 -0.220  1.00 19.99 ? 91  ARG A NH1 1 
ATOM   660 N  NH2 . ARG A 1 91 ? 3.965   -18.944 -1.675  1.00 19.59 ? 91  ARG A NH2 1 
ATOM   661 N  N   . LYS A 1 92 ? 7.610   -15.892 4.174   1.00 13.50 ? 92  LYS A N   1 
ATOM   662 C  CA  . LYS A 1 92 ? 8.983   -15.457 4.394   1.00 13.92 ? 92  LYS A CA  1 
ATOM   663 C  C   . LYS A 1 92 ? 9.195   -14.770 5.742   1.00 13.76 ? 92  LYS A C   1 
ATOM   664 O  O   . LYS A 1 92 ? 10.316  -14.377 6.066   1.00 14.51 ? 92  LYS A O   1 
ATOM   665 C  CB  . LYS A 1 92 ? 9.420   -14.556 3.239   1.00 13.84 ? 92  LYS A CB  1 
ATOM   666 C  CG  . LYS A 1 92 ? 9.401   -15.310 1.918   1.00 14.48 ? 92  LYS A CG  1 
ATOM   667 C  CD  . LYS A 1 92 ? 9.959   -14.515 0.775   1.00 14.43 ? 92  LYS A CD  1 
ATOM   668 C  CE  . LYS A 1 92 ? 9.968   -15.342 -0.496  1.00 13.88 ? 92  LYS A CE  1 
ATOM   669 N  NZ  . LYS A 1 92 ? 10.871  -16.530 -0.420  1.00 13.33 ? 92  LYS A NZ  1 
ATOM   670 N  N   . LEU A 1 93 ? 8.134   -14.651 6.536   1.00 13.96 ? 93  LEU A N   1 
ATOM   671 C  CA  . LEU A 1 93 ? 8.228   -13.998 7.842   1.00 14.00 ? 93  LEU A CA  1 
ATOM   672 C  C   . LEU A 1 93 ? 8.414   -14.986 8.987   1.00 13.67 ? 93  LEU A C   1 
ATOM   673 O  O   . LEU A 1 93 ? 8.924   -14.609 10.048  1.00 13.33 ? 93  LEU A O   1 
ATOM   674 C  CB  . LEU A 1 93 ? 6.987   -13.154 8.098   1.00 14.20 ? 93  LEU A CB  1 
ATOM   675 C  CG  . LEU A 1 93 ? 6.841   -11.954 7.165   1.00 14.96 ? 93  LEU A CG  1 
ATOM   676 C  CD1 . LEU A 1 93 ? 5.487   -11.325 7.367   1.00 15.36 ? 93  LEU A CD1 1 
ATOM   677 C  CD2 . LEU A 1 93 ? 7.955   -10.933 7.386   1.00 15.37 ? 93  LEU A CD2 1 
HETATM 678 O  O   . HOH B 2 .  ? -3.306  -10.278 7.858   1.00 13.94 ? 94  HOH A O   1 
HETATM 679 O  O   . HOH B 2 .  ? -2.723  -15.548 0.291   1.00 16.23 ? 95  HOH A O   1 
HETATM 680 O  O   . HOH B 2 .  ? 3.275   15.821  14.304  1.00 9.82  ? 96  HOH A O   1 
HETATM 681 O  O   . HOH B 2 .  ? -0.188  11.502  18.549  1.00 9.01  ? 97  HOH A O   1 
HETATM 682 O  O   . HOH B 2 .  ? -8.519  -8.748  -8.004  1.00 14.55 ? 98  HOH A O   1 
HETATM 683 O  O   . HOH B 2 .  ? 6.345   12.822  7.238   1.00 9.76  ? 99  HOH A O   1 
HETATM 684 O  O   . HOH B 2 .  ? 8.033   -15.798 12.282  1.00 15.82 ? 100 HOH A O   1 
HETATM 685 O  O   . HOH B 2 .  ? 9.020   -18.606 0.233   1.00 21.85 ? 101 HOH A O   1 
HETATM 686 O  O   . HOH B 2 .  ? -8.666  -3.809  -12.981 1.00 9.92  ? 102 HOH A O   1 
HETATM 687 O  O   . HOH B 2 .  ? 1.288   3.291   -11.216 1.00 15.08 ? 103 HOH A O   1 
HETATM 688 O  O   . HOH B 2 .  ? 6.473   7.886   20.654  1.00 14.65 ? 104 HOH A O   1 
HETATM 689 O  O   . HOH B 2 .  ? -5.008  -5.848  -10.685 1.00 13.94 ? 105 HOH A O   1 
HETATM 690 O  O   . HOH B 2 .  ? -4.678  -2.726  -14.070 1.00 15.23 ? 106 HOH A O   1 
HETATM 691 O  O   . HOH B 2 .  ? -3.314  7.826   16.234  1.00 18.08 ? 107 HOH A O   1 
HETATM 692 O  O   . HOH B 2 .  ? 6.723   -17.309 -0.944  1.00 15.68 ? 108 HOH A O   1 
HETATM 693 O  O   . HOH B 2 .  ? -3.812  -13.213 -0.833  1.00 16.85 ? 109 HOH A O   1 
HETATM 694 O  O   . HOH B 2 .  ? -10.890 -9.582  -2.509  1.00 23.93 ? 110 HOH A O   1 
HETATM 695 O  O   . HOH B 2 .  ? -16.698 -8.143  -7.550  1.00 49.21 ? 111 HOH A O   1 
HETATM 696 O  O   . HOH B 2 .  ? 0.678   1.065   -17.701 1.00 43.99 ? 112 HOH A O   1 
HETATM 697 O  O   . HOH B 2 .  ? -2.412  -10.471 -5.870  1.00 15.97 ? 113 HOH A O   1 
HETATM 698 O  O   . HOH B 2 .  ? -4.166  5.371   5.280   1.00 19.35 ? 114 HOH A O   1 
HETATM 699 O  O   . HOH B 2 .  ? 8.860   16.258  9.695   1.00 14.71 ? 115 HOH A O   1 
HETATM 700 O  O   . HOH B 2 .  ? 0.103   5.938   19.609  1.00 20.68 ? 116 HOH A O   1 
HETATM 701 O  O   . HOH B 2 .  ? -6.630  -9.195  -3.003  1.00 15.61 ? 117 HOH A O   1 
HETATM 702 O  O   . HOH B 2 .  ? 9.101   -3.276  -15.190 1.00 36.33 ? 118 HOH A O   1 
HETATM 703 O  O   . HOH B 2 .  ? 4.529   7.803   -8.602  1.00 21.39 ? 119 HOH A O   1 
HETATM 704 O  O   . HOH B 2 .  ? -12.577 -3.519  9.692   1.00 33.33 ? 120 HOH A O   1 
HETATM 705 O  O   . HOH B 2 .  ? 1.350   -14.898 -9.433  1.00 28.93 ? 121 HOH A O   1 
HETATM 706 O  O   . HOH B 2 .  ? -2.519  -9.459  -8.409  1.00 21.33 ? 122 HOH A O   1 
HETATM 707 O  O   . HOH B 2 .  ? -3.677  -15.128 3.059   1.00 27.99 ? 123 HOH A O   1 
HETATM 708 O  O   . HOH B 2 .  ? -0.235  15.301  15.741  1.00 14.38 ? 124 HOH A O   1 
HETATM 709 O  O   . HOH B 2 .  ? -4.372  10.506  9.984   1.00 14.52 ? 125 HOH A O   1 
HETATM 710 O  O   . HOH B 2 .  ? 4.262   13.340  9.055   1.00 13.62 ? 126 HOH A O   1 
HETATM 711 O  O   . HOH B 2 .  ? -2.421  -6.171  -11.130 1.00 15.05 ? 127 HOH A O   1 
HETATM 712 O  O   . HOH B 2 .  ? -1.732  -4.092  -12.959 1.00 22.59 ? 128 HOH A O   1 
HETATM 713 O  O   . HOH B 2 .  ? -14.452 -7.290  -13.449 1.00 18.99 ? 129 HOH A O   1 
HETATM 714 O  O   . HOH B 2 .  ? 11.761  9.768   17.611  1.00 19.01 ? 130 HOH A O   1 
HETATM 715 O  O   . HOH B 2 .  ? -5.021  -10.126 -4.976  1.00 22.70 ? 131 HOH A O   1 
HETATM 716 O  O   . HOH B 2 .  ? 4.932   3.678   -14.032 1.00 19.52 ? 132 HOH A O   1 
HETATM 717 O  O   . HOH B 2 .  ? 8.077   19.303  12.735  1.00 27.37 ? 133 HOH A O   1 
HETATM 718 O  O   . HOH B 2 .  ? 3.608   -5.114  -12.364 1.00 20.36 ? 134 HOH A O   1 
HETATM 719 O  O   . HOH B 2 .  ? -13.210 -5.123  7.590   1.00 30.65 ? 135 HOH A O   1 
HETATM 720 O  O   . HOH B 2 .  ? 0.507   -5.842  -13.705 1.00 24.23 ? 136 HOH A O   1 
HETATM 721 O  O   . HOH B 2 .  ? 4.170   5.868   22.366  1.00 17.90 ? 137 HOH A O   1 
HETATM 722 O  O   . HOH B 2 .  ? 14.602  2.940   -14.156 1.00 15.92 ? 138 HOH A O   1 
HETATM 723 O  O   . HOH B 2 .  ? -8.660  1.533   1.859   1.00 17.13 ? 139 HOH A O   1 
HETATM 724 O  O   . HOH B 2 .  ? 1.689   12.294  8.835   1.00 18.95 ? 140 HOH A O   1 
HETATM 725 O  O   . HOH B 2 .  ? 0.471   -8.871  -12.348 1.00 22.06 ? 141 HOH A O   1 
HETATM 726 O  O   . HOH B 2 .  ? 5.914   -17.669 8.028   1.00 16.52 ? 142 HOH A O   1 
HETATM 727 O  O   . HOH B 2 .  ? 0.417   -2.275  -12.441 1.00 21.77 ? 143 HOH A O   1 
HETATM 728 O  O   . HOH B 2 .  ? 4.158   -2.310  -14.926 1.00 30.48 ? 144 HOH A O   1 
HETATM 729 O  O   . HOH B 2 .  ? -11.988 -6.780  3.362   1.00 19.36 ? 145 HOH A O   1 
HETATM 730 O  O   . HOH B 2 .  ? -12.377 1.761   0.477   1.00 23.10 ? 146 HOH A O   1 
HETATM 731 O  O   . HOH B 2 .  ? -6.150  -12.391 0.302   1.00 27.58 ? 147 HOH A O   1 
HETATM 732 O  O   . HOH B 2 .  ? -0.552  13.401  9.477   1.00 20.24 ? 148 HOH A O   1 
HETATM 733 O  O   . HOH B 2 .  ? 3.628   -7.661  -13.332 1.00 20.81 ? 149 HOH A O   1 
HETATM 734 O  O   . HOH B 2 .  ? -4.333  -13.015 7.330   1.00 22.24 ? 150 HOH A O   1 
HETATM 735 O  O   . HOH B 2 .  ? 2.288   11.051  2.724   1.00 20.36 ? 151 HOH A O   1 
HETATM 736 O  O   . HOH B 2 .  ? 6.580   0.773   -15.198 1.00 23.36 ? 152 HOH A O   1 
HETATM 737 O  O   . HOH B 2 .  ? -10.993 -2.630  12.701  1.00 47.79 ? 153 HOH A O   1 
HETATM 738 O  O   . HOH B 2 .  ? -3.603  6.433   -8.136  1.00 22.80 ? 154 HOH A O   1 
HETATM 739 O  O   . HOH B 2 .  ? -14.952 -2.996  2.285   1.00 45.15 ? 155 HOH A O   1 
HETATM 740 O  O   . HOH B 2 .  ? 1.984   16.240  12.003  1.00 22.79 ? 156 HOH A O   1 
HETATM 741 O  O   . HOH B 2 .  ? 4.044   15.138  5.069   1.00 20.72 ? 157 HOH A O   1 
HETATM 742 O  O   . HOH B 2 .  ? -7.677  -11.496 8.230   1.00 20.14 ? 158 HOH A O   1 
HETATM 743 O  O   . HOH B 2 .  ? 16.979  13.846  14.325  1.00 26.78 ? 159 HOH A O   1 
HETATM 744 O  O   . HOH B 2 .  ? -14.590 -4.387  11.175  1.00 24.71 ? 160 HOH A O   1 
HETATM 745 O  O   . HOH B 2 .  ? -14.861 -6.586  9.403   1.00 21.10 ? 161 HOH A O   1 
HETATM 746 O  O   . HOH B 2 .  ? -13.877 -1.224  7.681   1.00 24.41 ? 162 HOH A O   1 
HETATM 747 O  O   . HOH B 2 .  ? 6.950   -21.086 -2.537  1.00 29.25 ? 163 HOH A O   1 
HETATM 748 O  O   . HOH B 2 .  ? -10.030 -10.462 9.095   0.50 25.69 ? 164 HOH A O   1 
HETATM 749 O  O   . HOH B 2 .  ? -7.402  4.526   -14.213 1.00 24.33 ? 165 HOH A O   1 
HETATM 750 O  O   . HOH B 2 .  ? -7.124  -10.779 -6.431  1.00 23.60 ? 166 HOH A O   1 
HETATM 751 O  O   . HOH B 2 .  ? 0.920   -16.370 -5.891  1.00 23.38 ? 167 HOH A O   1 
HETATM 752 O  O   . HOH B 2 .  ? -8.220  -2.735  14.022  1.00 28.76 ? 168 HOH A O   1 
HETATM 753 O  O   . HOH B 2 .  ? 5.563   -4.940  -14.172 1.00 24.30 ? 169 HOH A O   1 
HETATM 754 O  O   . HOH B 2 .  ? -0.665  -1.651  -15.796 1.00 36.44 ? 170 HOH A O   1 
HETATM 755 O  O   . HOH B 2 .  ? -2.847  5.328   -14.409 1.00 25.77 ? 171 HOH A O   1 
HETATM 756 O  O   . HOH B 2 .  ? -3.393  1.736   -18.603 1.00 35.30 ? 172 HOH A O   1 
HETATM 757 O  O   . HOH B 2 .  ? 3.636   15.905  9.659   1.00 23.44 ? 173 HOH A O   1 
HETATM 758 O  O   . HOH B 2 .  ? 0.372   8.681   0.233   1.00 26.98 ? 174 HOH A O   1 
HETATM 759 O  O   . HOH B 2 .  ? 1.865   7.923   -8.141  1.00 44.92 ? 175 HOH A O   1 
HETATM 760 O  O   . HOH B 2 .  ? -1.996  6.411   -10.396 1.00 28.79 ? 176 HOH A O   1 
HETATM 761 O  O   . HOH B 2 .  ? -12.358 0.715   -17.839 1.00 34.20 ? 177 HOH A O   1 
HETATM 762 O  O   . HOH B 2 .  ? -13.903 -8.295  7.152   0.50 24.15 ? 178 HOH A O   1 
HETATM 763 O  O   . HOH B 2 .  ? -14.713 -4.396  -0.035  1.00 43.46 ? 179 HOH A O   1 
HETATM 764 O  O   . HOH B 2 .  ? 0.783   9.315   2.546   1.00 27.90 ? 180 HOH A O   1 
HETATM 765 O  O   . HOH B 2 .  ? -9.447  5.069   -12.247 1.00 23.41 ? 181 HOH A O   1 
HETATM 766 O  O   . HOH B 2 .  ? -5.866  8.284   -9.123  1.00 36.59 ? 182 HOH A O   1 
HETATM 767 O  O   . HOH B 2 .  ? -13.048 -0.886  10.230  1.00 29.91 ? 183 HOH A O   1 
HETATM 768 O  O   . HOH B 2 .  ? -13.579 0.523   -15.500 1.00 28.56 ? 184 HOH A O   1 
HETATM 769 O  O   . HOH B 2 .  ? -0.866  -14.699 -6.960  1.00 25.82 ? 185 HOH A O   1 
HETATM 770 O  O   . HOH B 2 .  ? 3.078   -18.435 -5.307  1.00 30.72 ? 186 HOH A O   1 
HETATM 771 O  O   . HOH B 2 .  ? -7.699  -11.261 -1.797  1.00 30.83 ? 187 HOH A O   1 
HETATM 772 O  O   . HOH B 2 .  ? 6.941   -19.999 7.234   1.00 34.69 ? 188 HOH A O   1 
HETATM 773 O  O   . HOH B 2 .  ? 6.970   7.354   -12.636 1.00 33.57 ? 189 HOH A O   1 
HETATM 774 O  O   . HOH B 2 .  ? -2.532  12.332  10.860  1.00 20.64 ? 190 HOH A O   1 
HETATM 775 O  O   . HOH B 2 .  ? -7.794  -13.210 -7.489  1.00 33.31 ? 191 HOH A O   1 
HETATM 776 O  O   . HOH B 2 .  ? -4.489  -13.830 -3.279  1.00 34.78 ? 192 HOH A O   1 
HETATM 777 O  O   . HOH B 2 .  ? 10.461  14.669  17.925  1.00 36.68 ? 193 HOH A O   1 
HETATM 778 O  O   . HOH B 2 .  ? -0.152  -18.098 -2.748  1.00 33.15 ? 194 HOH A O   1 
HETATM 779 O  O   . HOH B 2 .  ? -3.170  7.918   -1.152  1.00 31.41 ? 195 HOH A O   1 
HETATM 780 O  O   . HOH B 2 .  ? -0.694  10.475  4.613   1.00 43.75 ? 196 HOH A O   1 
HETATM 781 O  O   . HOH B 2 .  ? -13.604 -7.380  0.347   1.00 35.90 ? 197 HOH A O   1 
HETATM 782 O  O   . HOH B 2 .  ? 12.953  3.885   -16.064 1.00 28.74 ? 198 HOH A O   1 
HETATM 783 O  O   . HOH B 2 .  ? -9.759  -5.563  15.156  1.00 49.87 ? 199 HOH A O   1 
HETATM 784 O  O   . HOH B 2 .  ? -1.748  14.490  13.607  1.00 20.91 ? 200 HOH A O   1 
HETATM 785 O  O   . HOH B 2 .  ? 10.180  8.655   -4.752  1.00 24.63 ? 201 HOH A O   1 
HETATM 786 O  O   . HOH B 2 .  ? -1.854  14.017  7.156   1.00 29.72 ? 202 HOH A O   1 
HETATM 787 O  O   . HOH B 2 .  ? -17.877 -5.388  -11.655 1.00 36.42 ? 203 HOH A O   1 
HETATM 788 O  O   . HOH B 2 .  ? -0.414  15.283  11.369  1.00 23.02 ? 204 HOH A O   1 
HETATM 789 O  O   . HOH B 2 .  ? 2.790   -9.947  -12.887 1.00 30.80 ? 205 HOH A O   1 
HETATM 790 O  O   . HOH B 2 .  ? -9.442  -0.172  12.264  1.00 23.50 ? 206 HOH A O   1 
HETATM 791 O  O   . HOH B 2 .  ? -12.953 2.988   -3.984  1.00 37.33 ? 207 HOH A O   1 
HETATM 792 O  O   . HOH B 2 .  ? -16.300 -2.590  5.403   1.00 42.02 ? 208 HOH A O   1 
HETATM 793 O  O   . HOH B 2 .  ? 5.201   8.751   -11.120 1.00 30.10 ? 209 HOH A O   1 
HETATM 794 O  O   . HOH B 2 .  ? -10.349 7.927   -8.492  1.00 34.57 ? 210 HOH A O   1 
HETATM 795 O  O   . HOH B 2 .  ? -4.284  -14.248 -8.283  1.00 46.53 ? 211 HOH A O   1 
HETATM 796 O  O   . HOH B 2 .  ? -7.574  -8.572  14.226  1.00 26.97 ? 212 HOH A O   1 
HETATM 797 O  O   . HOH B 2 .  ? -18.287 -6.714  -3.244  1.00 52.84 ? 213 HOH A O   1 
HETATM 798 O  O   . HOH B 2 .  ? -5.542  6.502   -14.506 1.00 38.11 ? 214 HOH A O   1 
HETATM 799 O  O   . HOH B 2 .  ? 7.412   -17.969 11.078  1.00 29.28 ? 215 HOH A O   1 
HETATM 800 O  O   . HOH B 2 .  ? -16.932 0.235   -12.616 1.00 27.50 ? 216 HOH A O   1 
HETATM 801 O  O   . HOH B 2 .  ? 8.196   -7.905  -13.832 1.00 43.23 ? 217 HOH A O   1 
HETATM 802 O  O   . HOH B 2 .  ? -19.557 -4.749  -9.592  1.00 35.09 ? 218 HOH A O   1 
HETATM 803 O  O   . HOH B 2 .  ? -2.889  -11.991 -8.041  1.00 37.12 ? 219 HOH A O   1 
HETATM 804 O  O   . HOH B 2 .  ? 8.966   -20.080 5.677   1.00 29.72 ? 220 HOH A O   1 
HETATM 805 O  O   . HOH B 2 .  ? -6.479  -13.413 8.407   1.00 47.30 ? 221 HOH A O   1 
HETATM 806 O  O   . HOH B 2 .  ? -8.562  6.055   -9.831  1.00 52.95 ? 222 HOH A O   1 
HETATM 807 O  O   . HOH B 2 .  ? -6.038  8.130   7.493   1.00 34.47 ? 223 HOH A O   1 
HETATM 808 O  O   . HOH B 2 .  ? -7.414  -16.294 -7.231  1.00 38.72 ? 224 HOH A O   1 
HETATM 809 O  O   . HOH B 2 .  ? 6.149   6.010   -14.768 1.00 37.62 ? 225 HOH A O   1 
HETATM 810 O  O   . HOH B 2 .  ? -8.807  -10.431 -4.037  1.00 41.64 ? 226 HOH A O   1 
HETATM 811 O  O   . HOH B 2 .  ? 8.552   5.309   -16.185 1.00 36.84 ? 227 HOH A O   1 
HETATM 812 O  O   . HOH B 2 .  ? 17.888  10.793  15.829  1.00 31.91 ? 228 HOH A O   1 
HETATM 813 O  O   . HOH B 2 .  ? -20.180 -4.869  -2.125  1.00 44.51 ? 229 HOH A O   1 
HETATM 814 O  O   . HOH B 2 .  ? 6.135   -9.602  -13.971 1.00 32.40 ? 230 HOH A O   1 
HETATM 815 O  O   . HOH B 2 .  ? -16.353 -1.447  8.656   1.00 34.21 ? 231 HOH A O   1 
HETATM 816 O  O   . HOH B 2 .  ? -0.803  9.516   -2.061  1.00 40.33 ? 232 HOH A O   1 
HETATM 817 O  O   . HOH B 2 .  ? -3.444  -16.492 -4.002  1.00 44.19 ? 233 HOH A O   1 
HETATM 818 O  O   . HOH B 2 .  ? -18.742 -3.921  -4.246  1.00 37.69 ? 234 HOH A O   1 
HETATM 819 O  O   . HOH B 2 .  ? -6.177  -14.966 1.430   1.00 35.32 ? 235 HOH A O   1 
HETATM 820 O  O   . HOH B 2 .  ? -1.420  8.907   -5.379  1.00 32.57 ? 236 HOH A O   1 
HETATM 821 O  O   . HOH B 2 .  ? -10.309 -11.723 -1.117  1.00 32.56 ? 237 HOH A O   1 
HETATM 822 O  O   . HOH B 2 .  ? 11.007  -19.054 4.209   1.00 31.71 ? 238 HOH A O   1 
HETATM 823 O  O   . HOH B 2 .  ? -2.933  -17.837 -1.487  1.00 35.63 ? 239 HOH A O   1 
HETATM 824 O  O   . HOH B 2 .  ? -8.260  -11.969 1.741   1.00 46.00 ? 240 HOH A O   1 
HETATM 825 O  O   . HOH B 2 .  ? -14.472 -3.388  15.223  1.00 36.47 ? 241 HOH A O   1 
HETATM 826 O  O   . HOH B 2 .  ? 3.864   8.587   -1.456  1.00 39.85 ? 242 HOH A O   1 
HETATM 827 O  O   . HOH B 2 .  ? -3.592  -14.030 5.270   1.00 38.31 ? 243 HOH A O   1 
HETATM 828 O  O   . HOH B 2 .  ? -19.663 -5.049  -6.564  1.00 34.11 ? 244 HOH A O   1 
# 
loop_
_atom_site_anisotrop.id 
_atom_site_anisotrop.type_symbol 
_atom_site_anisotrop.pdbx_label_atom_id 
_atom_site_anisotrop.pdbx_label_alt_id 
_atom_site_anisotrop.pdbx_label_comp_id 
_atom_site_anisotrop.pdbx_label_asym_id 
_atom_site_anisotrop.pdbx_label_seq_id 
_atom_site_anisotrop.pdbx_PDB_ins_code 
_atom_site_anisotrop.U[1][1] 
_atom_site_anisotrop.U[2][2] 
_atom_site_anisotrop.U[3][3] 
_atom_site_anisotrop.U[1][2] 
_atom_site_anisotrop.U[1][3] 
_atom_site_anisotrop.U[2][3] 
_atom_site_anisotrop.pdbx_auth_seq_id 
_atom_site_anisotrop.pdbx_auth_comp_id 
_atom_site_anisotrop.pdbx_auth_asym_id 
_atom_site_anisotrop.pdbx_auth_atom_id 
1   N  N   . VAL A 7  ? 0.2064 0.2071 0.2074 -0.0006 -0.0008 -0.0005 7   VAL A N   
2   C  CA  . VAL A 7  ? 0.2017 0.2044 0.2048 -0.0018 0.0006  -0.0010 7   VAL A CA  
3   C  C   . VAL A 7  ? 0.2009 0.2013 0.2037 -0.0019 0.0005  -0.0025 7   VAL A C   
4   O  O   . VAL A 7  ? 0.2145 0.2002 0.2142 -0.0037 0.0001  -0.0058 7   VAL A O   
5   C  CB  . VAL A 7  ? 0.2049 0.2073 0.2068 -0.0041 0.0014  0.0003  7   VAL A CB  
6   C  CG1 . VAL A 7  ? 0.2059 0.2033 0.2030 -0.0013 -0.0036 0.0028  7   VAL A CG1 
7   C  CG2 . VAL A 7  ? 0.2097 0.2151 0.2104 -0.0002 0.0046  -0.0013 7   VAL A CG2 
8   N  N   . LYS A 8  ? 0.1951 0.1976 0.1984 -0.0021 0.0019  -0.0024 8   LYS A N   
9   C  CA  . LYS A 8  ? 0.1898 0.1943 0.1955 -0.0021 0.0015  -0.0007 8   LYS A CA  
10  C  C   . LYS A 8  ? 0.1844 0.1917 0.1847 -0.0013 0.0002  0.0005  8   LYS A C   
11  O  O   . LYS A 8  ? 0.1840 0.1903 0.1814 -0.0036 -0.0006 0.0011  8   LYS A O   
12  C  CB  . LYS A 8  ? 0.1953 0.1955 0.1968 -0.0033 0.0024  -0.0006 8   LYS A CB  
13  C  CG  . LYS A 8  ? 0.1952 0.2003 0.2029 -0.0039 0.0053  0.0005  8   LYS A CG  
14  C  CD  . LYS A 8  ? 0.2004 0.2048 0.2058 -0.0053 0.0018  0.0012  8   LYS A CD  
15  C  CE  . LYS A 8  ? 0.2129 0.2097 0.2129 -0.0030 -0.0011 -0.0003 8   LYS A CE  
16  N  NZ  . LYS A 8  ? 0.2048 0.2081 0.2067 -0.0123 0.0087  0.0029  8   LYS A NZ  
17  N  N   . THR A 9  ? 0.1748 0.1784 0.1771 -0.0022 -0.0042 0.0024  9   THR A N   
18  C  CA  . THR A 9  ? 0.1750 0.1813 0.1740 -0.0037 -0.0012 0.0035  9   THR A CA  
19  C  C   . THR A 9  ? 0.1659 0.1808 0.1753 -0.0016 -0.0014 0.0060  9   THR A C   
20  O  O   . THR A 9  ? 0.1666 0.1939 0.1768 -0.0033 -0.0025 0.0142  9   THR A O   
21  C  CB  . THR A 9  ? 0.1710 0.1758 0.1726 0.0002  -0.0031 0.0024  9   THR A CB  
22  O  OG1 . THR A 9  ? 0.1771 0.1834 0.1635 0.0006  0.0016  0.0078  9   THR A OG1 
23  C  CG2 . THR A 9  ? 0.1753 0.1827 0.1722 0.0003  -0.0005 -0.0030 9   THR A CG2 
24  N  N   . PHE A 10 ? 0.1603 0.1779 0.1691 -0.0054 -0.0018 0.0067  10  PHE A N   
25  C  CA  . PHE A 10 ? 0.1554 0.1766 0.1658 -0.0099 -0.0015 0.0045  10  PHE A CA  
26  C  C   . PHE A 10 ? 0.1519 0.1701 0.1612 -0.0132 -0.0056 0.0105  10  PHE A C   
27  O  O   . PHE A 10 ? 0.1165 0.1621 0.1498 -0.0233 -0.0026 0.0143  10  PHE A O   
28  C  CB  . PHE A 10 ? 0.1594 0.1780 0.1684 -0.0085 -0.0021 0.0073  10  PHE A CB  
29  C  CG  . PHE A 10 ? 0.1478 0.1831 0.1682 -0.0154 -0.0005 0.0101  10  PHE A CG  
30  C  CD1 . PHE A 10 ? 0.1646 0.1816 0.1617 -0.0134 0.0004  0.0034  10  PHE A CD1 
31  C  CD2 . PHE A 10 ? 0.1695 0.1860 0.1856 -0.0093 -0.0007 0.0083  10  PHE A CD2 
32  C  CE1 . PHE A 10 ? 0.1509 0.1803 0.1622 -0.0110 -0.0073 0.0147  10  PHE A CE1 
33  C  CE2 . PHE A 10 ? 0.1673 0.1767 0.1808 -0.0083 -0.0014 0.0067  10  PHE A CE2 
34  C  CZ  . PHE A 10 ? 0.1531 0.1637 0.1774 -0.0077 -0.0028 0.0141  10  PHE A CZ  
35  N  N   . GLU A 11 ? 0.1552 0.1728 0.1603 -0.0166 -0.0012 0.0140  11  GLU A N   
36  C  CA  . GLU A 11 ? 0.1483 0.1620 0.1585 -0.0113 -0.0013 0.0100  11  GLU A CA  
37  C  C   . GLU A 11 ? 0.1286 0.1434 0.1413 -0.0156 0.0011  0.0087  11  GLU A C   
38  O  O   . GLU A 11 ? 0.1131 0.1290 0.1215 -0.0192 -0.0011 0.0148  11  GLU A O   
39  C  CB  . GLU A 11 ? 0.1578 0.1654 0.1683 -0.0113 -0.0026 0.0114  11  GLU A CB  
40  C  CG  . GLU A 11 ? 0.1754 0.1807 0.1785 -0.0103 -0.0038 0.0083  11  GLU A CG  
41  C  CD  . GLU A 11 ? 0.1914 0.1884 0.2018 -0.0102 -0.0011 0.0056  11  GLU A CD  
42  O  OE1 . GLU A 11 ? 0.2680 0.2405 0.2469 -0.0082 -0.0119 0.0148  11  GLU A OE1 
43  O  OE2 . GLU A 11 ? 0.2543 0.2317 0.2522 0.0024  -0.0083 -0.0070 11  GLU A OE2 
44  N  N   . ASP A 12 ? 0.1247 0.1409 0.1292 -0.0223 -0.0021 0.0050  12  ASP A N   
45  C  CA  . ASP A 12 ? 0.1301 0.1395 0.1351 -0.0156 0.0048  0.0018  12  ASP A CA  
46  C  C   . ASP A 12 ? 0.1235 0.1365 0.1268 -0.0145 0.0030  -0.0020 12  ASP A C   
47  O  O   . ASP A 12 ? 0.1032 0.1332 0.1311 -0.0160 0.0055  -0.0030 12  ASP A O   
48  C  CB  . ASP A 12 ? 0.1372 0.1507 0.1398 -0.0142 0.0076  -0.0002 12  ASP A CB  
49  C  CG  . ASP A 12 ? 0.1596 0.1643 0.1574 -0.0153 0.0066  0.0017  12  ASP A CG  
50  O  OD1 . ASP A 12 ? 0.1776 0.1819 0.1819 -0.0278 0.0185  0.0099  12  ASP A OD1 
51  O  OD2 . ASP A 12 ? 0.1433 0.1945 0.1716 -0.0270 0.0221  0.0005  12  ASP A OD2 
52  N  N   . LEU A 13 ? 0.1191 0.1307 0.1218 -0.0170 0.0031  -0.0026 13  LEU A N   
53  C  CA  . LEU A 13 ? 0.1198 0.1288 0.1220 -0.0152 0.0012  -0.0031 13  LEU A CA  
54  C  C   . LEU A 13 ? 0.1037 0.1223 0.1142 -0.0177 -0.0008 -0.0004 13  LEU A C   
55  O  O   . LEU A 13 ? 0.0932 0.1210 0.1055 -0.0181 -0.0026 0.0033  13  LEU A O   
56  C  CB  . LEU A 13 ? 0.1189 0.1289 0.1241 -0.0177 0.0021  -0.0037 13  LEU A CB  
57  C  CG  . LEU A 13 ? 0.1276 0.1271 0.1217 -0.0145 0.0019  -0.0029 13  LEU A CG  
58  C  CD1 . LEU A 13 ? 0.1463 0.1432 0.1467 -0.0069 0.0018  -0.0038 13  LEU A CD1 
59  C  CD2 . LEU A 13 ? 0.1286 0.1303 0.1245 -0.0112 0.0000  -0.0087 13  LEU A CD2 
60  N  N   . PHE A 14 ? 0.0999 0.1206 0.1080 -0.0158 -0.0035 0.0042  14  PHE A N   
61  C  CA  . PHE A 14 ? 0.1063 0.1213 0.1158 -0.0139 -0.0033 0.0002  14  PHE A CA  
62  C  C   . PHE A 14 ? 0.1009 0.1207 0.1126 -0.0115 -0.0052 0.0016  14  PHE A C   
63  O  O   . PHE A 14 ? 0.0924 0.1251 0.1109 -0.0060 -0.0108 -0.0028 14  PHE A O   
64  C  CB  . PHE A 14 ? 0.1125 0.1257 0.1201 -0.0111 -0.0032 0.0000  14  PHE A CB  
65  C  CG  . PHE A 14 ? 0.1097 0.1251 0.1095 -0.0078 -0.0043 0.0059  14  PHE A CG  
66  C  CD1 . PHE A 14 ? 0.1350 0.1397 0.1279 -0.0089 -0.0037 0.0012  14  PHE A CD1 
67  C  CD2 . PHE A 14 ? 0.1148 0.1241 0.1120 -0.0124 -0.0085 0.0010  14  PHE A CD2 
68  C  CE1 . PHE A 14 ? 0.1374 0.1297 0.1279 -0.0055 -0.0086 -0.0051 14  PHE A CE1 
69  C  CE2 . PHE A 14 ? 0.1340 0.1481 0.1384 -0.0027 -0.0005 -0.0047 14  PHE A CE2 
70  C  CZ  . PHE A 14 ? 0.1316 0.1408 0.1269 0.0003  0.0028  -0.0030 14  PHE A CZ  
71  N  N   . ALA A 15 ? 0.0973 0.1275 0.1109 -0.0152 -0.0045 -0.0014 15  ALA A N   
72  C  CA  . ALA A 15 ? 0.1090 0.1356 0.1196 -0.0123 -0.0054 -0.0031 15  ALA A CA  
73  C  C   . ALA A 15 ? 0.1075 0.1376 0.1179 -0.0115 0.0014  -0.0009 15  ALA A C   
74  O  O   . ALA A 15 ? 0.1079 0.1491 0.1201 -0.0152 -0.0068 -0.0057 15  ALA A O   
75  C  CB  . ALA A 15 ? 0.1227 0.1433 0.1247 -0.0137 -0.0036 0.0002  15  ALA A CB  
76  N  N   . GLU A 16 ? 0.1193 0.1461 0.1246 -0.0098 0.0026  -0.0052 16  GLU A N   
77  C  CA  . GLU A 16 ? 0.1219 0.1469 0.1278 -0.0049 0.0017  -0.0041 16  GLU A CA  
78  C  C   . GLU A 16 ? 0.1137 0.1426 0.1199 -0.0033 0.0001  -0.0045 16  GLU A C   
79  O  O   . GLU A 16 ? 0.1100 0.1404 0.1127 0.0023  -0.0026 -0.0104 16  GLU A O   
80  C  CB  . GLU A 16 ? 0.1305 0.1566 0.1343 -0.0039 0.0011  -0.0056 16  GLU A CB  
81  C  CG  . GLU A 16 ? 0.1452 0.1614 0.1534 -0.0010 0.0025  -0.0059 16  GLU A CG  
82  C  CD  . GLU A 16 ? 0.1651 0.1769 0.1659 0.0039  0.0019  -0.0107 16  GLU A CD  
83  O  OE1 . GLU A 16 ? 0.2338 0.2228 0.2273 0.0042  -0.0026 -0.0084 16  GLU A OE1 
84  O  OE2 . GLU A 16 ? 0.2229 0.2235 0.1977 0.0168  0.0024  -0.0113 16  GLU A OE2 
85  N  N   . LEU A 17 ? 0.1077 0.1338 0.1158 -0.0022 -0.0009 -0.0071 17  LEU A N   
86  C  CA  . LEU A 17 ? 0.1128 0.1300 0.1199 -0.0028 -0.0001 -0.0053 17  LEU A CA  
87  C  C   . LEU A 17 ? 0.1056 0.1281 0.1185 -0.0040 -0.0003 -0.0060 17  LEU A C   
88  O  O   . LEU A 17 ? 0.0870 0.1322 0.1196 -0.0004 -0.0016 -0.0079 17  LEU A O   
89  C  CB  . LEU A 17 ? 0.1089 0.1227 0.1162 -0.0042 -0.0012 -0.0053 17  LEU A CB  
90  C  CG  . LEU A 17 ? 0.1174 0.1304 0.1239 -0.0079 -0.0072 -0.0049 17  LEU A CG  
91  C  CD1 . LEU A 17 ? 0.1239 0.1280 0.1471 -0.0140 -0.0060 0.0062  17  LEU A CD1 
92  C  CD2 . LEU A 17 ? 0.1357 0.1455 0.1473 -0.0043 -0.0065 -0.0056 17  LEU A CD2 
93  N  N   . GLY A 18 ? 0.1174 0.1302 0.1214 0.0010  -0.0010 -0.0075 18  GLY A N   
94  C  CA  . GLY A 18 ? 0.1321 0.1392 0.1266 -0.0022 -0.0025 -0.0070 18  GLY A CA  
95  C  C   . GLY A 18 ? 0.1340 0.1441 0.1287 -0.0041 -0.0036 -0.0079 18  GLY A C   
96  O  O   . GLY A 18 ? 0.1426 0.1490 0.1213 -0.0058 -0.0065 -0.0133 18  GLY A O   
97  N  N   . ASP A 19 ? 0.1427 0.1567 0.1381 -0.0051 -0.0031 -0.0076 19  ASP A N   
98  C  CA  . ASP A 19 ? 0.1422 0.1591 0.1438 -0.0020 -0.0039 -0.0068 19  ASP A CA  
99  C  C   . ASP A 19 ? 0.1361 0.1608 0.1393 -0.0040 -0.0005 -0.0057 19  ASP A C   
100 O  O   . ASP A 19 ? 0.1234 0.1706 0.1318 -0.0044 -0.0009 -0.0061 19  ASP A O   
101 C  CB  . ASP A 19 ? 0.1492 0.1681 0.1512 -0.0047 -0.0032 -0.0029 19  ASP A CB  
102 C  CG  . ASP A 19 ? 0.1728 0.1894 0.1783 0.0010  -0.0024 -0.0041 19  ASP A CG  
103 O  OD1 . ASP A 19 ? 0.2358 0.2315 0.2515 0.0118  0.0029  -0.0109 19  ASP A OD1 
104 O  OD2 . ASP A 19 ? 0.2041 0.2335 0.2215 -0.0201 -0.0075 -0.0020 19  ASP A OD2 
105 N  N   . ARG A 20 ? 0.1373 0.1581 0.1389 -0.0018 0.0000  -0.0090 20  ARG A N   
106 C  CA  . ARG A 20 ? 0.1439 0.1569 0.1426 0.0011  -0.0004 -0.0080 20  ARG A CA  
107 C  C   . ARG A 20 ? 0.1385 0.1479 0.1353 0.0024  -0.0003 -0.0088 20  ARG A C   
108 O  O   . ARG A 20 ? 0.1334 0.1501 0.1253 0.0028  -0.0010 -0.0134 20  ARG A O   
109 C  CB  . ARG A 20 ? 0.1567 0.1590 0.1538 0.0007  -0.0031 -0.0076 20  ARG A CB  
110 C  CG  . ARG A 20 ? 0.1771 0.1749 0.1667 0.0012  -0.0019 -0.0119 20  ARG A CG  
111 C  CD  . ARG A 20 ? 0.1974 0.2014 0.1943 0.0067  -0.0004 -0.0088 20  ARG A CD  
112 N  NE  . ARG A 20 ? 0.2021 0.2090 0.1985 0.0106  0.0024  -0.0153 20  ARG A NE  
113 C  CZ  . ARG A 20 ? 0.2242 0.2213 0.2142 0.0024  -0.0002 -0.0053 20  ARG A CZ  
114 N  NH1 . ARG A 20 ? 0.2315 0.2264 0.2197 -0.0017 0.0062  -0.0089 20  ARG A NH1 
115 N  NH2 . ARG A 20 ? 0.2419 0.2365 0.2395 -0.0016 -0.0035 -0.0084 20  ARG A NH2 
116 N  N   . ALA A 21 ? 0.1436 0.1472 0.1350 0.0058  -0.0023 -0.0048 21  ALA A N   
117 C  CA  . ALA A 21 ? 0.1539 0.1567 0.1479 0.0044  0.0028  -0.0057 21  ALA A CA  
118 C  C   . ALA A 21 ? 0.1580 0.1625 0.1491 0.0042  0.0017  -0.0046 21  ALA A C   
119 O  O   . ALA A 21 ? 0.1483 0.1508 0.1376 0.0053  0.0021  -0.0068 21  ALA A O   
120 C  CB  . ALA A 21 ? 0.1515 0.1538 0.1452 0.0055  0.0011  -0.0033 21  ALA A CB  
121 N  N   . ARG A 22 ? 0.1741 0.1748 0.1650 -0.0006 0.0014  -0.0067 22  ARG A N   
122 C  CA  . ARG A 22 ? 0.1888 0.1934 0.1830 -0.0021 -0.0007 -0.0069 22  ARG A CA  
123 C  C   . ARG A 22 ? 0.1938 0.1997 0.1855 0.0003  -0.0029 -0.0078 22  ARG A C   
124 O  O   . ARG A 22 ? 0.2057 0.2146 0.1861 0.0006  -0.0068 -0.0112 22  ARG A O   
125 C  CB  . ARG A 22 ? 0.1968 0.1981 0.1880 -0.0056 -0.0002 -0.0050 22  ARG A CB  
126 C  CG  . ARG A 22 ? 0.2123 0.2164 0.2089 -0.0017 0.0003  -0.0015 22  ARG A CG  
127 C  CD  . ARG A 22 ? 0.2305 0.2264 0.2350 -0.0065 0.0038  0.0003  22  ARG A CD  
128 N  NE  . ARG A 22 ? 0.2745 0.2754 0.2659 -0.0046 0.0026  0.0028  22  ARG A NE  
129 C  CZ  . ARG A 22 ? 0.2828 0.2872 0.2821 -0.0024 -0.0001 0.0073  22  ARG A CZ  
130 N  NH1 . ARG A 22 ? 0.2962 0.2998 0.3050 -0.0025 0.0057  0.0039  22  ARG A NH1 
131 N  NH2 . ARG A 22 ? 0.2875 0.2899 0.2851 0.0045  -0.0012 -0.0021 22  ARG A NH2 
132 N  N   . THR A 23 ? 0.1925 0.2043 0.1896 0.0022  -0.0020 -0.0093 23  THR A N   
133 C  CA  . THR A 23 ? 0.1953 0.2083 0.1959 0.0051  -0.0027 -0.0084 23  THR A CA  
134 C  C   . THR A 23 ? 0.1959 0.2077 0.1969 0.0060  -0.0025 -0.0087 23  THR A C   
135 O  O   . THR A 23 ? 0.2064 0.2196 0.2062 0.0108  -0.0031 -0.0096 23  THR A O   
136 C  CB  . THR A 23 ? 0.1961 0.2145 0.2017 0.0049  -0.0015 -0.0077 23  THR A CB  
137 O  OG1 . THR A 23 ? 0.1974 0.2206 0.2001 0.0136  0.0001  -0.0143 23  THR A OG1 
138 C  CG2 . THR A 23 ? 0.2008 0.2207 0.2049 0.0036  -0.0029 -0.0057 23  THR A CG2 
139 N  N   . ARG A 24 ? 0.1923 0.2041 0.1926 0.0096  -0.0018 -0.0102 24  ARG A N   
140 C  CA  . ARG A 24 ? 0.1916 0.2010 0.1930 0.0095  -0.0034 -0.0085 24  ARG A CA  
141 C  C   . ARG A 24 ? 0.1988 0.2063 0.2003 0.0109  -0.0035 -0.0082 24  ARG A C   
142 O  O   . ARG A 24 ? 0.2033 0.2139 0.2091 0.0106  -0.0023 -0.0059 24  ARG A O   
143 C  CB  . ARG A 24 ? 0.1902 0.1953 0.1899 0.0105  -0.0065 -0.0085 24  ARG A CB  
144 C  CG  . ARG A 24 ? 0.1810 0.1838 0.1788 0.0102  -0.0037 -0.0048 24  ARG A CG  
145 C  CD  . ARG A 24 ? 0.1841 0.1833 0.1808 0.0079  -0.0038 -0.0057 24  ARG A CD  
146 N  NE  . ARG A 24 ? 0.1708 0.1692 0.1642 0.0122  -0.0027 -0.0122 24  ARG A NE  
147 C  CZ  . ARG A 24 ? 0.1734 0.1655 0.1562 0.0050  -0.0037 -0.0100 24  ARG A CZ  
148 N  NH1 . ARG A 24 ? 0.1733 0.1374 0.1498 0.0043  -0.0056 -0.0125 24  ARG A NH1 
149 N  NH2 . ARG A 24 ? 0.1921 0.1719 0.1723 0.0054  -0.0100 -0.0014 24  ARG A NH2 
150 N  N   . PRO A 25 ? 0.1983 0.2069 0.2026 0.0108  -0.0019 -0.0089 25  PRO A N   
151 C  CA  . PRO A 25 ? 0.2026 0.2096 0.2074 0.0091  -0.0015 -0.0092 25  PRO A CA  
152 C  C   . PRO A 25 ? 0.2054 0.2109 0.2120 0.0069  -0.0007 -0.0097 25  PRO A C   
153 O  O   . PRO A 25 ? 0.2072 0.2129 0.2209 0.0073  0.0009  -0.0171 25  PRO A O   
154 C  CB  . PRO A 25 ? 0.2037 0.2090 0.2085 0.0080  -0.0014 -0.0062 25  PRO A CB  
155 C  CG  . PRO A 25 ? 0.2014 0.2071 0.2020 0.0111  -0.0002 -0.0109 25  PRO A CG  
156 C  CD  . PRO A 25 ? 0.2000 0.2074 0.2012 0.0087  -0.0017 -0.0116 25  PRO A CD  
157 N  N   . ALA A 26 ? 0.2122 0.2149 0.2190 0.0050  -0.0005 -0.0069 26  ALA A N   
158 C  CA  . ALA A 26 ? 0.2155 0.2177 0.2199 0.0015  0.0009  -0.0052 26  ALA A CA  
159 C  C   . ALA A 26 ? 0.2197 0.2215 0.2265 0.0012  0.0003  -0.0048 26  ALA A C   
160 O  O   . ALA A 26 ? 0.2200 0.2319 0.2391 -0.0001 0.0073  -0.0066 26  ALA A O   
161 C  CB  . ALA A 26 ? 0.2183 0.2201 0.2217 0.0004  -0.0018 -0.0038 26  ALA A CB  
162 N  N   . ASP A 27 ? 0.2175 0.2186 0.2233 0.0045  0.0000  -0.0060 27  ASP A N   
163 C  CA  . ASP A 27 ? 0.2192 0.2176 0.2235 0.0052  -0.0023 -0.0055 27  ASP A CA  
164 C  C   . ASP A 27 ? 0.2200 0.2160 0.2221 0.0075  -0.0019 -0.0077 27  ASP A C   
165 O  O   . ASP A 27 ? 0.2231 0.2131 0.2240 0.0122  -0.0028 -0.0097 27  ASP A O   
166 C  CB  . ASP A 27 ? 0.2209 0.2204 0.2268 0.0044  -0.0016 -0.0057 27  ASP A CB  
167 C  CG  . ASP A 27 ? 0.2237 0.2295 0.2317 0.0047  -0.0012 -0.0054 27  ASP A CG  
168 O  OD1 . ASP A 27 ? 0.2544 0.2633 0.2508 0.0056  -0.0011 0.0007  27  ASP A OD1 
169 O  OD2 . ASP A 27 ? 0.2160 0.2264 0.2279 0.0117  0.0027  -0.0069 27  ASP A OD2 
170 N  N   . SER A 28 ? 0.2212 0.2134 0.2224 0.0071  -0.0025 -0.0078 28  SER A N   
171 C  CA  . SER A 28 ? 0.2165 0.2121 0.2166 0.0053  -0.0033 -0.0065 28  SER A CA  
172 C  C   . SER A 28 ? 0.2152 0.2058 0.2121 0.0066  -0.0030 -0.0064 28  SER A C   
173 O  O   . SER A 28 ? 0.2147 0.2088 0.2094 0.0068  -0.0030 -0.0069 28  SER A O   
174 C  CB  . SER A 28 ? 0.2159 0.2119 0.2182 0.0078  -0.0035 -0.0073 28  SER A CB  
175 O  OG  . SER A 28 ? 0.2096 0.2086 0.2245 0.0084  -0.0081 -0.0135 28  SER A OG  
176 N  N   . THR A 29 ? 0.2118 0.1993 0.2064 0.0066  -0.0023 -0.0062 29  THR A N   
177 C  CA  . THR A 29 ? 0.2075 0.1944 0.2020 0.0057  -0.0036 -0.0064 29  THR A CA  
178 C  C   . THR A 29 ? 0.1981 0.1861 0.1925 0.0041  -0.0038 -0.0061 29  THR A C   
179 O  O   . THR A 29 ? 0.1959 0.1711 0.1798 0.0018  -0.0061 -0.0049 29  THR A O   
180 C  CB  . THR A 29 ? 0.2109 0.1964 0.2059 0.0048  -0.0024 -0.0093 29  THR A CB  
181 O  OG1 . THR A 29 ? 0.2301 0.2062 0.2277 0.0161  -0.0078 -0.0106 29  THR A OG1 
182 C  CG2 . THR A 29 ? 0.2161 0.2059 0.2133 0.0025  -0.0025 -0.0060 29  THR A CG2 
183 N  N   . THR A 30 ? 0.1921 0.1862 0.1871 0.0012  0.0002  -0.0052 30  THR A N   
184 C  CA  . THR A 30 ? 0.1937 0.1873 0.1894 0.0015  -0.0006 -0.0046 30  THR A CA  
185 C  C   . THR A 30 ? 0.1861 0.1797 0.1863 0.0016  0.0000  -0.0050 30  THR A C   
186 O  O   . THR A 30 ? 0.1878 0.1702 0.1864 0.0076  0.0041  -0.0096 30  THR A O   
187 C  CB  . THR A 30 ? 0.1909 0.1875 0.1882 -0.0010 -0.0005 -0.0049 30  THR A CB  
188 O  OG1 . THR A 30 ? 0.2183 0.2151 0.1980 -0.0094 -0.0049 0.0045  30  THR A OG1 
189 C  CG2 . THR A 30 ? 0.1964 0.1926 0.1980 0.0027  0.0008  -0.0013 30  THR A CG2 
190 N  N   . VAL A 31 ? 0.1886 0.1840 0.1858 0.0037  -0.0016 -0.0083 31  VAL A N   
191 C  CA  . VAL A 31 ? 0.1894 0.1880 0.1869 0.0047  -0.0027 -0.0051 31  VAL A CA  
192 C  C   . VAL A 31 ? 0.1878 0.1876 0.1850 0.0054  -0.0037 -0.0043 31  VAL A C   
193 O  O   . VAL A 31 ? 0.1786 0.1819 0.1695 0.0069  -0.0062 -0.0011 31  VAL A O   
194 C  CB  . VAL A 31 ? 0.1903 0.1919 0.1918 0.0056  -0.0028 -0.0068 31  VAL A CB  
195 C  CG1 . VAL A 31 ? 0.1870 0.1902 0.1911 0.0079  -0.0044 -0.0041 31  VAL A CG1 
196 C  CG2 . VAL A 31 ? 0.1952 0.2007 0.1935 0.0010  -0.0079 -0.0081 31  VAL A CG2 
197 N  N   . ALA A 32 ? 0.1886 0.1906 0.1894 0.0038  -0.0039 -0.0018 32  ALA A N   
198 C  CA  . ALA A 32 ? 0.1952 0.1958 0.1922 0.0037  -0.0035 0.0010  32  ALA A CA  
199 C  C   . ALA A 32 ? 0.1949 0.1992 0.1926 0.0026  -0.0034 0.0023  32  ALA A C   
200 O  O   . ALA A 32 ? 0.2008 0.2058 0.1896 0.0033  -0.0052 0.0068  32  ALA A O   
201 C  CB  . ALA A 32 ? 0.1983 0.1985 0.2011 0.0026  -0.0045 0.0015  32  ALA A CB  
202 N  N   . ALA A 33 ? 0.1918 0.1948 0.1864 0.0025  -0.0017 0.0037  33  ALA A N   
203 C  CA  . ALA A 33 ? 0.1916 0.1980 0.1865 0.0028  -0.0017 0.0037  33  ALA A CA  
204 C  C   . ALA A 33 ? 0.1904 0.2016 0.1830 0.0046  0.0004  0.0031  33  ALA A C   
205 O  O   . ALA A 33 ? 0.1866 0.2132 0.1808 0.0080  -0.0005 0.0012  33  ALA A O   
206 C  CB  . ALA A 33 ? 0.1905 0.1932 0.1821 0.0039  -0.0012 0.0049  33  ALA A CB  
207 N  N   . LEU A 34 ? 0.1927 0.2020 0.1873 0.0070  0.0000  0.0003  34  LEU A N   
208 C  CA  . LEU A 34 ? 0.1990 0.2041 0.1946 0.0062  0.0003  0.0004  34  LEU A CA  
209 C  C   . LEU A 34 ? 0.2095 0.2149 0.2009 0.0087  0.0018  0.0013  34  LEU A C   
210 O  O   . LEU A 34 ? 0.2189 0.2306 0.2136 0.0143  0.0016  0.0004  34  LEU A O   
211 C  CB  . LEU A 34 ? 0.1944 0.1998 0.1919 0.0070  0.0006  -0.0018 34  LEU A CB  
212 C  CG  . LEU A 34 ? 0.1797 0.1842 0.1876 0.0081  0.0006  -0.0032 34  LEU A CG  
213 C  CD1 . LEU A 34 ? 0.1768 0.1805 0.1885 0.0041  -0.0024 -0.0033 34  LEU A CD1 
214 C  CD2 . LEU A 34 ? 0.1786 0.1833 0.1850 0.0106  -0.0049 -0.0026 34  LEU A CD2 
215 N  N   . ASP A 35 ? 0.2139 0.2211 0.2063 0.0066  -0.0010 0.0022  35  ASP A N   
216 C  CA  . ASP A 35 ? 0.2157 0.2232 0.2098 0.0036  0.0001  0.0029  35  ASP A CA  
217 C  C   . ASP A 35 ? 0.2195 0.2298 0.2148 0.0019  0.0006  0.0042  35  ASP A C   
218 O  O   . ASP A 35 ? 0.2272 0.2478 0.2186 0.0034  0.0000  0.0053  35  ASP A O   
219 C  CB  . ASP A 35 ? 0.2168 0.2236 0.2139 0.0029  -0.0011 0.0037  35  ASP A CB  
220 C  CG  . ASP A 35 ? 0.2153 0.2225 0.2125 0.0041  -0.0018 0.0026  35  ASP A CG  
221 O  OD1 . ASP A 35 ? 0.2188 0.2269 0.2129 -0.0020 -0.0091 -0.0020 35  ASP A OD1 
222 O  OD2 . ASP A 35 ? 0.2200 0.2310 0.2264 0.0036  -0.0021 0.0110  35  ASP A OD2 
223 N  N   . GLY A 36 ? 0.2198 0.2318 0.2206 -0.0010 0.0000  0.0049  36  GLY A N   
224 C  CA  . GLY A 36 ? 0.2200 0.2268 0.2189 -0.0003 -0.0018 0.0048  36  GLY A CA  
225 C  C   . GLY A 36 ? 0.2244 0.2289 0.2217 0.0010  -0.0017 0.0046  36  GLY A C   
226 O  O   . GLY A 36 ? 0.2299 0.2387 0.2293 0.0011  -0.0017 0.0100  36  GLY A O   
227 N  N   . GLY A 37 ? 0.2181 0.2230 0.2140 0.0021  -0.0018 0.0027  37  GLY A N   
228 C  CA  . GLY A 37 ? 0.2138 0.2164 0.2059 0.0008  -0.0040 -0.0004 37  GLY A CA  
229 C  C   . GLY A 37 ? 0.2021 0.2029 0.1926 0.0014  -0.0023 -0.0022 37  GLY A C   
230 O  O   . GLY A 37 ? 0.1974 0.1942 0.1901 0.0018  -0.0016 -0.0043 37  GLY A O   
231 N  N   . VAL A 38 ? 0.1934 0.1923 0.1803 -0.0015 -0.0040 -0.0024 38  VAL A N   
232 C  CA  . VAL A 38 ? 0.1843 0.1854 0.1754 -0.0007 -0.0015 -0.0005 38  VAL A CA  
233 C  C   . VAL A 38 ? 0.1766 0.1802 0.1665 -0.0004 0.0000  -0.0001 38  VAL A C   
234 O  O   . VAL A 38 ? 0.1669 0.1713 0.1535 0.0003  0.0010  -0.0039 38  VAL A O   
235 C  CB  . VAL A 38 ? 0.1935 0.1893 0.1856 0.0015  -0.0019 -0.0017 38  VAL A CB  
236 C  CG1 . VAL A 38 ? 0.2009 0.2023 0.2004 0.0027  0.0001  -0.0002 38  VAL A CG1 
237 C  CG2 . VAL A 38 ? 0.2040 0.1980 0.1866 0.0009  -0.0037 -0.0031 38  VAL A CG2 
238 N  N   . HIS A 39 ? 0.1685 0.1732 0.1608 -0.0044 0.0010  -0.0012 39  HIS A N   
239 C  CA  . HIS A 39 ? 0.1660 0.1729 0.1598 -0.0047 0.0006  0.0015  39  HIS A CA  
240 C  C   . HIS A 39 ? 0.1619 0.1700 0.1554 -0.0075 -0.0004 0.0002  39  HIS A C   
241 O  O   . HIS A 39 ? 0.1454 0.1735 0.1488 -0.0133 -0.0017 -0.0001 39  HIS A O   
242 C  CB  . HIS A 39 ? 0.1648 0.1718 0.1569 -0.0083 0.0005  0.0023  39  HIS A CB  
243 C  CG  . HIS A 39 ? 0.1671 0.1749 0.1547 -0.0096 0.0047  0.0069  39  HIS A CG  
244 N  ND1 . HIS A 39 ? 0.1542 0.1858 0.1683 -0.0126 0.0106  0.0041  39  HIS A ND1 
245 C  CD2 . HIS A 39 ? 0.1725 0.1697 0.1608 -0.0034 0.0026  0.0126  39  HIS A CD2 
246 C  CE1 . HIS A 39 ? 0.1596 0.1631 0.1528 -0.0127 -0.0001 0.0094  39  HIS A CE1 
247 N  NE2 . HIS A 39 ? 0.1784 0.1841 0.1673 -0.0126 -0.0044 0.0023  39  HIS A NE2 
248 N  N   . ALA A 40 ? 0.1603 0.1635 0.1546 -0.0095 -0.0019 0.0027  40  ALA A N   
249 C  CA  . ALA A 40 ? 0.1597 0.1625 0.1564 -0.0077 0.0001  0.0029  40  ALA A CA  
250 C  C   . ALA A 40 ? 0.1571 0.1564 0.1538 -0.0086 0.0015  0.0038  40  ALA A C   
251 O  O   . ALA A 40 ? 0.1570 0.1572 0.1488 -0.0134 -0.0023 0.0062  40  ALA A O   
252 C  CB  . ALA A 40 ? 0.1622 0.1623 0.1612 -0.0036 0.0015  0.0026  40  ALA A CB  
253 N  N   . LEU A 41 ? 0.1498 0.1514 0.1512 -0.0087 -0.0011 -0.0017 41  LEU A N   
254 C  CA  . LEU A 41 ? 0.1489 0.1538 0.1472 -0.0092 0.0018  -0.0020 41  LEU A CA  
255 C  C   . LEU A 41 ? 0.1473 0.1555 0.1397 -0.0127 0.0039  -0.0028 41  LEU A C   
256 O  O   . LEU A 41 ? 0.1481 0.1631 0.1268 -0.0187 0.0087  -0.0043 41  LEU A O   
257 C  CB  . LEU A 41 ? 0.1504 0.1508 0.1501 -0.0073 0.0011  -0.0031 41  LEU A CB  
258 C  CG  . LEU A 41 ? 0.1508 0.1487 0.1557 -0.0076 -0.0008 -0.0014 41  LEU A CG  
259 C  CD1 . LEU A 41 ? 0.1399 0.1423 0.1507 -0.0069 0.0037  0.0014  41  LEU A CD1 
260 C  CD2 . LEU A 41 ? 0.1532 0.1579 0.1700 -0.0015 -0.0003 -0.0021 41  LEU A CD2 
261 N  N   . GLY A 42 ? 0.1458 0.1575 0.1373 -0.0116 0.0031  -0.0030 42  GLY A N   
262 C  CA  . GLY A 42 ? 0.1517 0.1653 0.1443 -0.0080 0.0039  -0.0012 42  GLY A CA  
263 C  C   . GLY A 42 ? 0.1562 0.1741 0.1506 -0.0089 0.0034  -0.0025 42  GLY A C   
264 O  O   . GLY A 42 ? 0.1388 0.1885 0.1366 -0.0161 0.0050  -0.0052 42  GLY A O   
265 N  N   . LYS A 43 ? 0.1658 0.1792 0.1553 -0.0110 0.0025  -0.0004 43  LYS A N   
266 C  CA  . LYS A 43 ? 0.1777 0.1814 0.1680 -0.0101 0.0009  0.0023  43  LYS A CA  
267 C  C   . LYS A 43 ? 0.1737 0.1741 0.1599 -0.0150 0.0008  0.0015  43  LYS A C   
268 O  O   . LYS A 43 ? 0.1699 0.1714 0.1372 -0.0265 -0.0034 0.0067  43  LYS A O   
269 C  CB  . LYS A 43 ? 0.1849 0.1878 0.1726 -0.0101 -0.0003 0.0040  43  LYS A CB  
270 C  CG  . LYS A 43 ? 0.2011 0.1984 0.2028 -0.0035 -0.0028 0.0043  43  LYS A CG  
271 C  CD  . LYS A 43 ? 0.2071 0.2018 0.2024 -0.0052 0.0012  0.0081  43  LYS A CD  
272 C  CE  . LYS A 43 ? 0.2290 0.2254 0.2302 0.0002  0.0069  0.0055  43  LYS A CE  
273 N  NZ  . LYS A 43 ? 0.2435 0.2368 0.2346 -0.0007 0.0060  0.0116  43  LYS A NZ  
274 N  N   . LYS A 44 ? 0.1702 0.1656 0.1567 -0.0125 -0.0004 0.0013  44  LYS A N   
275 C  CA  . LYS A 44 ? 0.1719 0.1644 0.1637 -0.0090 0.0005  0.0004  44  LYS A CA  
276 C  C   . LYS A 44 ? 0.1601 0.1492 0.1504 -0.0072 0.0038  -0.0018 44  LYS A C   
277 O  O   . LYS A 44 ? 0.1491 0.1326 0.1429 -0.0115 0.0071  -0.0014 44  LYS A O   
278 C  CB  . LYS A 44 ? 0.1806 0.1765 0.1757 -0.0098 -0.0018 0.0006  44  LYS A CB  
279 C  CG  . LYS A 44 ? 0.2003 0.2090 0.2022 -0.0044 0.0028  -0.0029 44  LYS A CG  
280 C  CD  . LYS A 44 ? 0.2261 0.2206 0.2279 0.0012  0.0027  -0.0033 44  LYS A CD  
281 C  CE  . LYS A 44 ? 0.2243 0.2266 0.2329 0.0060  0.0035  -0.0035 44  LYS A CE  
282 N  NZ  . LYS A 44 ? 0.2585 0.2443 0.2677 0.0027  0.0006  -0.0028 44  LYS A NZ  
283 N  N   . LEU A 45 ? 0.1487 0.1382 0.1360 -0.0051 0.0065  -0.0007 45  LEU A N   
284 C  CA  . LEU A 45 ? 0.1474 0.1410 0.1358 -0.0013 0.0072  -0.0003 45  LEU A CA  
285 C  C   . LEU A 45 ? 0.1423 0.1377 0.1275 -0.0045 0.0115  0.0015  45  LEU A C   
286 O  O   . LEU A 45 ? 0.1475 0.1344 0.1233 -0.0024 0.0088  -0.0023 45  LEU A O   
287 C  CB  . LEU A 45 ? 0.1478 0.1412 0.1362 0.0026  0.0083  -0.0007 45  LEU A CB  
288 C  CG  . LEU A 45 ? 0.1584 0.1428 0.1449 -0.0005 0.0037  0.0004  45  LEU A CG  
289 C  CD1 . LEU A 45 ? 0.1605 0.1596 0.1654 -0.0015 0.0024  0.0048  45  LEU A CD1 
290 C  CD2 . LEU A 45 ? 0.1657 0.1529 0.1545 0.0074  0.0039  0.0009  45  LEU A CD2 
291 N  N   . LEU A 46 ? 0.1371 0.1423 0.1315 -0.0044 0.0111  -0.0005 46  LEU A N   
292 C  CA  . LEU A 46 ? 0.1408 0.1473 0.1363 -0.0055 0.0100  0.0017  46  LEU A CA  
293 C  C   . LEU A 46 ? 0.1356 0.1473 0.1324 -0.0088 0.0082  0.0011  46  LEU A C   
294 O  O   . LEU A 46 ? 0.1318 0.1515 0.1248 -0.0186 0.0103  0.0049  46  LEU A O   
295 C  CB  . LEU A 46 ? 0.1369 0.1486 0.1338 -0.0014 0.0098  0.0003  46  LEU A CB  
296 C  CG  . LEU A 46 ? 0.1412 0.1503 0.1407 -0.0090 0.0090  0.0034  46  LEU A CG  
297 C  CD1 . LEU A 46 ? 0.1471 0.1701 0.1648 -0.0030 0.0064  0.0060  46  LEU A CD1 
298 C  CD2 . LEU A 46 ? 0.1395 0.1559 0.1429 -0.0086 0.0091  0.0031  46  LEU A CD2 
299 N  N   . GLU A 47 ? 0.1442 0.1476 0.1360 -0.0107 0.0046  0.0042  47  GLU A N   
300 C  CA  . GLU A 47 ? 0.1518 0.1506 0.1473 -0.0079 0.0041  0.0019  47  GLU A CA  
301 C  C   . GLU A 47 ? 0.1416 0.1380 0.1368 -0.0080 0.0053  -0.0015 47  GLU A C   
302 O  O   . GLU A 47 ? 0.1444 0.1349 0.1390 -0.0083 0.0017  0.0013  47  GLU A O   
303 C  CB  . GLU A 47 ? 0.1555 0.1527 0.1485 -0.0082 0.0001  0.0006  47  GLU A CB  
304 C  CG  . GLU A 47 ? 0.1653 0.1684 0.1658 -0.0031 -0.0010 0.0022  47  GLU A CG  
305 C  CD  . GLU A 47 ? 0.1857 0.1915 0.1906 0.0033  -0.0058 0.0051  47  GLU A CD  
306 O  OE1 . GLU A 47 ? 0.2390 0.2635 0.2334 0.0128  0.0066  -0.0010 47  GLU A OE1 
307 O  OE2 . GLU A 47 ? 0.2554 0.2541 0.2259 0.0002  -0.0134 0.0004  47  GLU A OE2 
308 N  N   . GLU A 48 ? 0.1326 0.1297 0.1322 -0.0054 0.0036  -0.0044 48  GLU A N   
309 C  CA  . GLU A 48 ? 0.1283 0.1307 0.1293 -0.0029 0.0044  -0.0052 48  GLU A CA  
310 C  C   . GLU A 48 ? 0.1203 0.1174 0.1164 -0.0063 0.0061  -0.0048 48  GLU A C   
311 O  O   . GLU A 48 ? 0.1115 0.1128 0.1141 -0.0081 0.0066  -0.0105 48  GLU A O   
312 C  CB  . GLU A 48 ? 0.1426 0.1448 0.1386 -0.0072 0.0021  -0.0028 48  GLU A CB  
313 C  CG  . GLU A 48 ? 0.1764 0.1840 0.1884 -0.0028 0.0004  0.0011  48  GLU A CG  
314 C  CD  . GLU A 48 ? 0.1968 0.2050 0.2164 -0.0016 0.0111  -0.0053 48  GLU A CD  
315 O  OE1 . GLU A 48 ? 0.2550 0.2494 0.2659 0.0081  0.0003  -0.0043 48  GLU A OE1 
316 O  OE2 . GLU A 48 ? 0.2095 0.2135 0.2509 -0.0016 0.0131  0.0065  48  GLU A OE2 
317 N  N   . ALA A 49 ? 0.1091 0.1131 0.1069 -0.0093 0.0099  -0.0064 49  ALA A N   
318 C  CA  . ALA A 49 ? 0.1095 0.1126 0.1106 -0.0031 0.0118  -0.0064 49  ALA A CA  
319 C  C   . ALA A 49 ? 0.1058 0.1110 0.1059 -0.0003 0.0141  -0.0092 49  ALA A C   
320 O  O   . ALA A 49 ? 0.1047 0.1131 0.1061 -0.0022 0.0168  -0.0098 49  ALA A O   
321 C  CB  . ALA A 49 ? 0.1123 0.1129 0.1116 -0.0004 0.0114  -0.0059 49  ALA A CB  
322 N  N   . GLY A 50 ? 0.1028 0.1064 0.1064 -0.0006 0.0134  -0.0109 50  GLY A N   
323 C  CA  . GLY A 50 ? 0.1013 0.1060 0.1048 -0.0012 0.0117  -0.0067 50  GLY A CA  
324 C  C   . GLY A 50 ? 0.1007 0.1080 0.1016 -0.0028 0.0113  -0.0063 50  GLY A C   
325 O  O   . GLY A 50 ? 0.1088 0.1094 0.1041 -0.0088 0.0130  -0.0111 50  GLY A O   
326 N  N   . GLU A 51 ? 0.1003 0.1033 0.0979 -0.0024 0.0103  -0.0043 51  GLU A N   
327 C  CA  . GLU A 51 ? 0.1044 0.1018 0.1037 -0.0024 0.0114  -0.0077 51  GLU A CA  
328 C  C   . GLU A 51 ? 0.1016 0.1015 0.1008 -0.0010 0.0066  -0.0081 51  GLU A C   
329 O  O   . GLU A 51 ? 0.1036 0.1100 0.1001 -0.0005 0.0083  -0.0142 51  GLU A O   
330 C  CB  . GLU A 51 ? 0.1101 0.1042 0.1045 -0.0015 0.0090  -0.0037 51  GLU A CB  
331 C  CG  . GLU A 51 ? 0.1282 0.1252 0.1228 -0.0004 0.0056  0.0007  51  GLU A CG  
332 C  CD  . GLU A 51 ? 0.1516 0.1402 0.1376 0.0024  0.0002  0.0051  51  GLU A CD  
333 O  OE1 . GLU A 51 ? 0.1932 0.1482 0.1585 0.0087  0.0034  0.0128  51  GLU A OE1 
334 O  OE2 . GLU A 51 ? 0.1824 0.1426 0.1557 -0.0001 0.0132  -0.0019 51  GLU A OE2 
335 N  N   . VAL A 52 ? 0.0990 0.0971 0.0906 -0.0039 0.0084  -0.0113 52  VAL A N   
336 C  CA  . VAL A 52 ? 0.1012 0.0955 0.0990 0.0000  0.0072  -0.0087 52  VAL A CA  
337 C  C   . VAL A 52 ? 0.1073 0.1030 0.1032 -0.0036 0.0062  -0.0095 52  VAL A C   
338 O  O   . VAL A 52 ? 0.1048 0.1034 0.1033 -0.0066 0.0028  -0.0196 52  VAL A O   
339 C  CB  . VAL A 52 ? 0.0996 0.0952 0.1005 0.0013  0.0069  -0.0099 52  VAL A CB  
340 C  CG1 . VAL A 52 ? 0.1102 0.1068 0.1144 0.0029  0.0069  -0.0056 52  VAL A CG1 
341 C  CG2 . VAL A 52 ? 0.0932 0.0832 0.0915 0.0002  0.0077  -0.0066 52  VAL A CG2 
342 N  N   . TRP A 53 ? 0.1058 0.1070 0.1057 0.0007  0.0029  -0.0106 53  TRP A N   
343 C  CA  . TRP A 53 ? 0.1056 0.1122 0.1085 -0.0017 0.0043  -0.0082 53  TRP A CA  
344 C  C   . TRP A 53 ? 0.1032 0.1189 0.1060 -0.0030 0.0063  -0.0123 53  TRP A C   
345 O  O   . TRP A 53 ? 0.1041 0.1285 0.1070 -0.0006 -0.0008 -0.0189 53  TRP A O   
346 C  CB  . TRP A 53 ? 0.0988 0.1188 0.1097 -0.0013 0.0082  -0.0061 53  TRP A CB  
347 C  CG  . TRP A 53 ? 0.0952 0.1160 0.1097 -0.0044 0.0080  -0.0041 53  TRP A CG  
348 C  CD1 . TRP A 53 ? 0.1144 0.1303 0.1160 -0.0001 0.0122  -0.0073 53  TRP A CD1 
349 C  CD2 . TRP A 53 ? 0.1140 0.1229 0.1166 -0.0023 0.0049  -0.0088 53  TRP A CD2 
350 N  NE1 . TRP A 53 ? 0.1187 0.1296 0.1062 -0.0070 0.0105  -0.0011 53  TRP A NE1 
351 C  CE2 . TRP A 53 ? 0.1194 0.1277 0.1223 -0.0075 0.0032  -0.0007 53  TRP A CE2 
352 C  CE3 . TRP A 53 ? 0.1258 0.1416 0.1466 -0.0012 -0.0035 -0.0014 53  TRP A CE3 
353 C  CZ2 . TRP A 53 ? 0.1366 0.1346 0.1382 -0.0042 -0.0041 -0.0042 53  TRP A CZ2 
354 C  CZ3 . TRP A 53 ? 0.1319 0.1375 0.1383 -0.0057 -0.0032 0.0004  53  TRP A CZ3 
355 C  CH2 . TRP A 53 ? 0.1258 0.1329 0.1459 -0.0052 -0.0068 0.0038  53  TRP A CH2 
356 N  N   . LEU A 54 ? 0.1010 0.1195 0.1072 -0.0024 0.0084  -0.0130 54  LEU A N   
357 C  CA  . LEU A 54 ? 0.1088 0.1158 0.1103 -0.0042 0.0071  -0.0083 54  LEU A CA  
358 C  C   . LEU A 54 ? 0.1071 0.1120 0.1051 -0.0042 0.0072  -0.0095 54  LEU A C   
359 O  O   . LEU A 54 ? 0.1101 0.1103 0.1037 -0.0072 0.0047  -0.0094 54  LEU A O   
360 C  CB  . LEU A 54 ? 0.1150 0.1224 0.1164 -0.0015 0.0058  -0.0088 54  LEU A CB  
361 C  CG  . LEU A 54 ? 0.1432 0.1495 0.1440 -0.0019 0.0073  -0.0002 54  LEU A CG  
362 C  CD1 . LEU A 54 ? 0.1555 0.1625 0.1537 -0.0074 0.0002  0.0034  54  LEU A CD1 
363 C  CD2 . LEU A 54 ? 0.1683 0.1656 0.1755 -0.0056 0.0055  0.0010  54  LEU A CD2 
364 N  N   . ALA A 55 ? 0.1022 0.1045 0.0952 -0.0040 0.0063  -0.0094 55  ALA A N   
365 C  CA  . ALA A 55 ? 0.1034 0.1025 0.1044 -0.0027 0.0064  -0.0088 55  ALA A CA  
366 C  C   . ALA A 55 ? 0.1068 0.1050 0.1029 -0.0026 0.0042  -0.0072 55  ALA A C   
367 O  O   . ALA A 55 ? 0.1094 0.1047 0.1065 -0.0046 0.0011  -0.0113 55  ALA A O   
368 C  CB  . ALA A 55 ? 0.1033 0.0980 0.1017 -0.0039 0.0043  -0.0069 55  ALA A CB  
369 N  N   . ALA A 56 ? 0.1087 0.1135 0.1063 -0.0015 0.0017  -0.0084 56  ALA A N   
370 C  CA  . ALA A 56 ? 0.1164 0.1140 0.1129 0.0024  0.0016  -0.0063 56  ALA A CA  
371 C  C   . ALA A 56 ? 0.1210 0.1227 0.1166 0.0041  -0.0003 -0.0067 56  ALA A C   
372 O  O   . ALA A 56 ? 0.1179 0.1259 0.1106 0.0062  -0.0059 -0.0090 56  ALA A O   
373 C  CB  . ALA A 56 ? 0.1193 0.1147 0.1153 0.0061  -0.0043 -0.0080 56  ALA A CB  
374 N  N   . GLU A 57 ? 0.1268 0.1309 0.1247 -0.0005 -0.0018 -0.0082 57  GLU A N   
375 C  CA  . GLU A 57 ? 0.1350 0.1387 0.1372 -0.0038 -0.0015 -0.0085 57  GLU A CA  
376 C  C   . GLU A 57 ? 0.1404 0.1428 0.1347 -0.0061 -0.0009 -0.0104 57  GLU A C   
377 O  O   . GLU A 57 ? 0.1490 0.1592 0.1336 -0.0087 -0.0059 -0.0195 57  GLU A O   
378 C  CB  . GLU A 57 ? 0.1443 0.1534 0.1497 -0.0046 -0.0026 -0.0082 57  GLU A CB  
379 C  CG  . GLU A 57 ? 0.1776 0.1666 0.1746 -0.0015 -0.0009 -0.0078 57  GLU A CG  
380 C  CD  . GLU A 57 ? 0.1980 0.1957 0.1959 -0.0029 -0.0084 -0.0023 57  GLU A CD  
381 O  OE1 . GLU A 57 ? 0.2077 0.1959 0.2039 -0.0067 -0.0136 -0.0124 57  GLU A OE1 
382 O  OE2 . GLU A 57 ? 0.2595 0.2287 0.2322 -0.0031 -0.0184 -0.0101 57  GLU A OE2 
383 N  N   . HIS A 58 ? 0.1349 0.1317 0.1325 -0.0086 0.0046  -0.0116 58  HIS A N   
384 C  CA  . HIS A 58 ? 0.1376 0.1313 0.1320 -0.0030 0.0048  -0.0088 58  HIS A CA  
385 C  C   . HIS A 58 ? 0.1357 0.1261 0.1294 -0.0055 0.0081  -0.0105 58  HIS A C   
386 O  O   . HIS A 58 ? 0.1486 0.1327 0.1552 -0.0016 0.0144  -0.0159 58  HIS A O   
387 C  CB  . HIS A 58 ? 0.1461 0.1394 0.1403 -0.0055 0.0047  -0.0071 58  HIS A CB  
388 C  CG  . HIS A 58 ? 0.1539 0.1576 0.1563 -0.0119 0.0050  -0.0045 58  HIS A CG  
389 N  ND1 . HIS A 58 ? 0.1757 0.1786 0.1766 -0.0182 0.0032  -0.0044 58  HIS A ND1 
390 C  CD2 . HIS A 58 ? 0.1634 0.1673 0.1739 -0.0111 0.0055  -0.0011 58  HIS A CD2 
391 C  CE1 . HIS A 58 ? 0.1656 0.1759 0.1803 -0.0124 0.0012  -0.0005 58  HIS A CE1 
392 N  NE2 . HIS A 58 ? 0.1681 0.1796 0.1904 -0.0111 0.0030  0.0007  58  HIS A NE2 
393 N  N   . GLU A 59 ? 0.1214 0.1102 0.1123 -0.0025 0.0129  -0.0070 59  GLU A N   
394 C  CA  . GLU A 59 ? 0.1184 0.1046 0.1078 -0.0002 0.0080  -0.0057 59  GLU A CA  
395 C  C   . GLU A 59 ? 0.1131 0.0975 0.1007 -0.0005 0.0057  -0.0054 59  GLU A C   
396 O  O   . GLU A 59 ? 0.1085 0.0952 0.1027 0.0027  0.0072  -0.0110 59  GLU A O   
397 C  CB  . GLU A 59 ? 0.1118 0.1071 0.1081 -0.0027 0.0074  -0.0053 59  GLU A CB  
398 C  CG  . GLU A 59 ? 0.1167 0.1201 0.1199 -0.0040 0.0161  0.0000  59  GLU A CG  
399 C  CD  . GLU A 59 ? 0.1542 0.1352 0.1580 -0.0010 0.0203  0.0038  59  GLU A CD  
400 O  OE1 . GLU A 59 ? 0.1741 0.1428 0.1637 0.0002  0.0332  0.0131  59  GLU A OE1 
401 O  OE2 . GLU A 59 ? 0.1827 0.1642 0.1723 -0.0103 0.0304  0.0118  59  GLU A OE2 
402 N  N   . SER A 60 ? 0.1123 0.0933 0.0951 -0.0022 0.0075  -0.0054 60  SER A N   
403 C  CA  . SER A 60 ? 0.1121 0.0946 0.0952 0.0016  0.0049  -0.0066 60  SER A CA  
404 C  C   . SER A 60 ? 0.1114 0.0949 0.0929 -0.0005 0.0044  -0.0078 60  SER A C   
405 O  O   . SER A 60 ? 0.1144 0.0895 0.0929 0.0057  0.0072  -0.0090 60  SER A O   
406 C  CB  . SER A 60 ? 0.1124 0.0951 0.0961 0.0017  0.0046  -0.0067 60  SER A CB  
407 O  OG  . SER A 60 ? 0.1119 0.0935 0.0979 0.0051  -0.0039 -0.0072 60  SER A OG  
408 N  N   . ASN A 61 ? 0.1102 0.0929 0.0929 -0.0023 0.0059  -0.0092 61  ASN A N   
409 C  CA  . ASN A 61 ? 0.1094 0.0917 0.0969 -0.0026 0.0057  -0.0050 61  ASN A CA  
410 C  C   . ASN A 61 ? 0.1079 0.0917 0.0938 -0.0015 0.0070  -0.0054 61  ASN A C   
411 O  O   . ASN A 61 ? 0.1185 0.0814 0.0925 0.0025  0.0112  -0.0057 61  ASN A O   
412 C  CB  . ASN A 61 ? 0.1155 0.0971 0.1039 -0.0096 0.0101  -0.0062 61  ASN A CB  
413 C  CG  . ASN A 61 ? 0.1305 0.1120 0.1106 -0.0074 0.0121  -0.0036 61  ASN A CG  
414 O  OD1 . ASN A 61 ? 0.1336 0.1248 0.1152 -0.0127 -0.0003 0.0115  61  ASN A OD1 
415 N  ND2 . ASN A 61 ? 0.1598 0.1359 0.1186 -0.0100 0.0077  0.0187  61  ASN A ND2 
416 N  N   . ASP A 62 ? 0.1093 0.0992 0.0973 -0.0008 0.0074  -0.0058 62  ASP A N   
417 C  CA  . ASP A 62 ? 0.1065 0.0991 0.1037 0.0010  0.0057  -0.0062 62  ASP A CA  
418 C  C   . ASP A 62 ? 0.1018 0.0928 0.0966 0.0033  0.0041  -0.0075 62  ASP A C   
419 O  O   . ASP A 62 ? 0.0970 0.0959 0.0959 0.0046  0.0025  -0.0101 62  ASP A O   
420 C  CB  . ASP A 62 ? 0.1123 0.0975 0.1101 0.0036  0.0058  -0.0073 62  ASP A CB  
421 C  CG  . ASP A 62 ? 0.1372 0.1509 0.1472 0.0048  0.0061  -0.0005 62  ASP A CG  
422 O  OD1 . ASP A 62 ? 0.1898 0.1709 0.1640 0.0077  -0.0027 -0.0027 62  ASP A OD1 
423 O  OD2 . ASP A 62 ? 0.1461 0.1389 0.1740 -0.0060 -0.0069 -0.0141 62  ASP A OD2 
424 N  N   . ALA A 63 ? 0.1032 0.0911 0.0940 0.0037  -0.0006 -0.0054 63  ALA A N   
425 C  CA  . ALA A 63 ? 0.1018 0.0940 0.0919 0.0022  -0.0004 -0.0054 63  ALA A CA  
426 C  C   . ALA A 63 ? 0.1031 0.0937 0.0890 0.0022  0.0019  -0.0073 63  ALA A C   
427 O  O   . ALA A 63 ? 0.1177 0.0931 0.0868 0.0035  0.0044  -0.0105 63  ALA A O   
428 C  CB  . ALA A 63 ? 0.1082 0.0971 0.1024 0.0019  0.0003  -0.0011 63  ALA A CB  
429 N  N   . LEU A 64 ? 0.0983 0.0943 0.0824 0.0006  0.0056  -0.0085 64  LEU A N   
430 C  CA  . LEU A 64 ? 0.0906 0.0898 0.0854 0.0008  0.0028  -0.0070 64  LEU A CA  
431 C  C   . LEU A 64 ? 0.0932 0.0871 0.0861 0.0009  0.0003  -0.0086 64  LEU A C   
432 O  O   . LEU A 64 ? 0.0968 0.0933 0.0913 0.0106  0.0008  -0.0141 64  LEU A O   
433 C  CB  . LEU A 64 ? 0.0858 0.0954 0.0826 0.0007  0.0027  -0.0056 64  LEU A CB  
434 C  CG  . LEU A 64 ? 0.0861 0.0891 0.0810 -0.0006 0.0000  -0.0031 64  LEU A CG  
435 C  CD1 . LEU A 64 ? 0.0897 0.0988 0.0953 -0.0024 0.0020  -0.0017 64  LEU A CD1 
436 C  CD2 . LEU A 64 ? 0.0909 0.0915 0.0899 0.0010  -0.0037 -0.0004 64  LEU A CD2 
437 N  N   . ALA A 65 ? 0.0910 0.0866 0.0900 0.0044  -0.0022 -0.0134 65  ALA A N   
438 C  CA  . ALA A 65 ? 0.0927 0.0893 0.0929 0.0015  0.0005  -0.0105 65  ALA A CA  
439 C  C   . ALA A 65 ? 0.0928 0.0902 0.0965 0.0022  0.0020  -0.0097 65  ALA A C   
440 O  O   . ALA A 65 ? 0.1027 0.0985 0.1005 -0.0053 0.0015  -0.0131 65  ALA A O   
441 C  CB  . ALA A 65 ? 0.0949 0.0913 0.0979 -0.0020 0.0000  -0.0074 65  ALA A CB  
442 N  N   . GLU A 66 ? 0.0965 0.0942 0.1019 0.0067  0.0023  -0.0108 66  GLU A N   
443 C  CA  . GLU A 66 ? 0.0942 0.0918 0.0982 0.0032  0.0016  -0.0110 66  GLU A CA  
444 C  C   . GLU A 66 ? 0.0936 0.0905 0.0992 0.0044  0.0004  -0.0098 66  GLU A C   
445 O  O   . GLU A 66 ? 0.0898 0.0987 0.0961 0.0016  -0.0016 -0.0142 66  GLU A O   
446 C  CB  . GLU A 66 ? 0.1016 0.1005 0.1079 0.0078  0.0029  -0.0146 66  GLU A CB  
447 C  CG  . GLU A 66 ? 0.1279 0.1187 0.1262 0.0119  0.0001  -0.0080 66  GLU A CG  
448 C  CD  . GLU A 66 ? 0.1560 0.1529 0.1554 0.0044  -0.0051 -0.0056 66  GLU A CD  
449 O  OE1 . GLU A 66 ? 0.1642 0.1731 0.1773 0.0032  0.0019  -0.0144 66  GLU A OE1 
450 O  OE2 . GLU A 66 ? 0.1965 0.1983 0.1704 0.0125  -0.0046 -0.0071 66  GLU A OE2 
451 N  N   . GLU A 67 ? 0.0944 0.0841 0.0925 0.0010  0.0011  -0.0072 67  GLU A N   
452 C  CA  . GLU A 67 ? 0.0925 0.0838 0.0913 0.0035  0.0023  -0.0051 67  GLU A CA  
453 C  C   . GLU A 67 ? 0.0889 0.0829 0.0884 -0.0001 0.0025  -0.0067 67  GLU A C   
454 O  O   . GLU A 67 ? 0.0888 0.0895 0.0828 -0.0017 -0.0007 -0.0113 67  GLU A O   
455 C  CB  . GLU A 67 ? 0.1002 0.0876 0.0976 -0.0030 0.0029  -0.0045 67  GLU A CB  
456 C  CG  . GLU A 67 ? 0.1105 0.1029 0.1255 -0.0006 0.0022  -0.0002 67  GLU A CG  
457 C  CD  . GLU A 67 ? 0.1517 0.1208 0.1361 0.0023  0.0048  0.0109  67  GLU A CD  
458 O  OE1 . GLU A 67 ? 0.1514 0.1550 0.1636 -0.0034 0.0096  -0.0013 67  GLU A OE1 
459 O  OE2 . GLU A 67 ? 0.1931 0.1780 0.1885 0.0216  0.0104  0.0057  67  GLU A OE2 
460 N  N   . ILE A 68 ? 0.0847 0.0786 0.0847 0.0019  0.0041  -0.0123 68  ILE A N   
461 C  CA  . ILE A 68 ? 0.0928 0.0803 0.0876 0.0017  0.0048  -0.0094 68  ILE A CA  
462 C  C   . ILE A 68 ? 0.0988 0.0825 0.0924 -0.0020 0.0056  -0.0083 68  ILE A C   
463 O  O   . ILE A 68 ? 0.1056 0.0828 0.0974 -0.0022 0.0113  -0.0144 68  ILE A O   
464 C  CB  . ILE A 68 ? 0.0944 0.0779 0.0874 -0.0014 0.0051  -0.0068 68  ILE A CB  
465 C  CG1 . ILE A 68 ? 0.0898 0.0842 0.0897 0.0012  0.0086  -0.0021 68  ILE A CG1 
466 C  CG2 . ILE A 68 ? 0.0888 0.0707 0.0824 0.0021  0.0054  -0.0015 68  ILE A CG2 
467 C  CD1 . ILE A 68 ? 0.1071 0.0903 0.0925 -0.0055 0.0043  0.0002  68  ILE A CD1 
468 N  N   . SER A 69 ? 0.0961 0.0843 0.0845 -0.0049 0.0006  -0.0106 69  SER A N   
469 C  CA  . SER A 69 ? 0.0979 0.0934 0.0955 -0.0030 -0.0011 -0.0128 69  SER A CA  
470 C  C   . SER A 69 ? 0.0997 0.0997 0.0987 -0.0034 0.0025  -0.0100 69  SER A C   
471 O  O   . SER A 69 ? 0.0948 0.1043 0.0985 -0.0068 0.0053  -0.0158 69  SER A O   
472 C  CB  . SER A 69 ? 0.0971 0.0986 0.1033 -0.0063 -0.0039 -0.0176 69  SER A CB  
473 O  OG  . SER A 69 ? 0.0983 0.1176 0.1321 -0.0058 0.0003  -0.0120 69  SER A OG  
474 N  N   . GLN A 70 ? 0.1006 0.0956 0.0924 0.0020  -0.0025 -0.0109 70  GLN A N   
475 C  CA  . GLN A 70 ? 0.1011 0.0998 0.0985 -0.0004 0.0006  -0.0058 70  GLN A CA  
476 C  C   . GLN A 70 ? 0.0949 0.0989 0.0929 -0.0024 -0.0002 -0.0063 70  GLN A C   
477 O  O   . GLN A 70 ? 0.0916 0.0957 0.0838 -0.0070 -0.0005 -0.0073 70  GLN A O   
478 C  CB  . GLN A 70 ? 0.1152 0.1090 0.1032 0.0025  -0.0015 -0.0050 70  GLN A CB  
479 C  CG  . GLN A 70 ? 0.1467 0.1348 0.1409 0.0145  0.0096  0.0005  70  GLN A CG  
480 C  CD  . GLN A 70 ? 0.1867 0.1805 0.1836 0.0093  -0.0034 0.0000  70  GLN A CD  
481 O  OE1 . GLN A 70 ? 0.2219 0.2210 0.2219 0.0001  -0.0031 0.0030  70  GLN A OE1 
482 N  NE2 . GLN A 70 ? 0.2197 0.2056 0.2035 0.0122  0.0036  0.0008  70  GLN A NE2 
483 N  N   . LEU A 71 ? 0.0930 0.0927 0.0926 -0.0020 -0.0009 -0.0046 71  LEU A N   
484 C  CA  . LEU A 71 ? 0.0941 0.0923 0.0907 -0.0027 -0.0010 -0.0046 71  LEU A CA  
485 C  C   . LEU A 71 ? 0.0918 0.0924 0.0862 -0.0053 -0.0012 -0.0064 71  LEU A C   
486 O  O   . LEU A 71 ? 0.0929 0.0860 0.0868 -0.0010 -0.0050 -0.0132 71  LEU A O   
487 C  CB  . LEU A 71 ? 0.0955 0.0946 0.0893 -0.0049 -0.0019 -0.0066 71  LEU A CB  
488 C  CG  . LEU A 71 ? 0.0975 0.0945 0.0991 -0.0025 -0.0022 -0.0013 71  LEU A CG  
489 C  CD1 . LEU A 71 ? 0.1130 0.1258 0.1187 0.0015  0.0016  0.0104  71  LEU A CD1 
490 C  CD2 . LEU A 71 ? 0.1022 0.1053 0.1021 -0.0012 -0.0043 -0.0004 71  LEU A CD2 
491 N  N   . LEU A 72 ? 0.0895 0.0908 0.0907 -0.0070 -0.0026 -0.0073 72  LEU A N   
492 C  CA  . LEU A 72 ? 0.0957 0.0892 0.0948 -0.0015 -0.0024 -0.0040 72  LEU A CA  
493 C  C   . LEU A 72 ? 0.0910 0.0891 0.0891 -0.0009 0.0027  -0.0072 72  LEU A C   
494 O  O   . LEU A 72 ? 0.0886 0.0904 0.0863 -0.0048 0.0070  -0.0085 72  LEU A O   
495 C  CB  . LEU A 72 ? 0.0961 0.0935 0.0986 -0.0011 -0.0024 -0.0055 72  LEU A CB  
496 C  CG  . LEU A 72 ? 0.1125 0.1024 0.1040 -0.0020 -0.0047 -0.0015 72  LEU A CG  
497 C  CD1 . LEU A 72 ? 0.1343 0.1312 0.1189 0.0046  0.0049  -0.0025 72  LEU A CD1 
498 C  CD2 . LEU A 72 ? 0.1200 0.1220 0.1084 0.0029  -0.0080 -0.0030 72  LEU A CD2 
499 N  N   . TYR A 73 ? 0.0888 0.0931 0.0936 0.0002  -0.0043 -0.0069 73  TYR A N   
500 C  CA  . TYR A 73 ? 0.0915 0.0927 0.0978 -0.0007 -0.0051 -0.0066 73  TYR A CA  
501 C  C   . TYR A 73 ? 0.0876 0.0914 0.0974 -0.0011 -0.0062 -0.0082 73  TYR A C   
502 O  O   . TYR A 73 ? 0.0842 0.0834 0.0961 0.0002  -0.0028 -0.0106 73  TYR A O   
503 C  CB  . TYR A 73 ? 0.1077 0.1027 0.1139 0.0040  -0.0051 -0.0083 73  TYR A CB  
504 C  CG  . TYR A 73 ? 0.1111 0.1091 0.1144 0.0030  -0.0080 -0.0073 73  TYR A CG  
505 C  CD1 . TYR A 73 ? 0.1278 0.1224 0.1372 -0.0024 -0.0098 0.0011  73  TYR A CD1 
506 C  CD2 . TYR A 73 ? 0.1316 0.1270 0.1369 -0.0023 -0.0071 0.0052  73  TYR A CD2 
507 C  CE1 . TYR A 73 ? 0.1395 0.1274 0.1466 0.0011  -0.0094 0.0099  73  TYR A CE1 
508 C  CE2 . TYR A 73 ? 0.1314 0.1404 0.1431 -0.0029 -0.0163 0.0025  73  TYR A CE2 
509 C  CZ  . TYR A 73 ? 0.1395 0.1301 0.1407 0.0057  -0.0147 -0.0012 73  TYR A CZ  
510 O  OH  . TYR A 73 ? 0.1554 0.1585 0.1492 0.0066  -0.0245 0.0075  73  TYR A OH  
511 N  N   . TRP A 74 ? 0.0897 0.0885 0.0962 -0.0040 -0.0068 -0.0030 74  TRP A N   
512 C  CA  . TRP A 74 ? 0.0934 0.0943 0.0987 -0.0065 -0.0041 -0.0029 74  TRP A CA  
513 C  C   . TRP A 74 ? 0.0879 0.0908 0.0907 -0.0085 -0.0025 -0.0012 74  TRP A C   
514 O  O   . TRP A 74 ? 0.0900 0.0859 0.0858 -0.0101 -0.0042 -0.0085 74  TRP A O   
515 C  CB  . TRP A 74 ? 0.1190 0.1130 0.1188 -0.0103 0.0011  -0.0021 74  TRP A CB  
516 C  CG  . TRP A 74 ? 0.1418 0.1211 0.1345 -0.0040 -0.0040 0.0003  74  TRP A CG  
517 C  CD1 . TRP A 74 ? 0.1750 0.1466 0.1479 0.0019  -0.0105 0.0001  74  TRP A CD1 
518 C  CD2 . TRP A 74 ? 0.1540 0.1307 0.1439 -0.0021 -0.0022 0.0091  74  TRP A CD2 
519 N  NE1 . TRP A 74 ? 0.1899 0.1470 0.1520 0.0082  -0.0092 -0.0028 74  TRP A NE1 
520 C  CE2 . TRP A 74 ? 0.1730 0.1398 0.1531 0.0041  -0.0066 -0.0006 74  TRP A CE2 
521 C  CE3 . TRP A 74 ? 0.1565 0.1454 0.1489 -0.0008 -0.0058 0.0083  74  TRP A CE3 
522 C  CZ2 . TRP A 74 ? 0.1759 0.1441 0.1638 0.0054  -0.0077 0.0046  74  TRP A CZ2 
523 C  CZ3 . TRP A 74 ? 0.1622 0.1487 0.1518 -0.0005 -0.0075 0.0051  74  TRP A CZ3 
524 C  CH2 . TRP A 74 ? 0.1624 0.1526 0.1535 0.0021  -0.0056 0.0073  74  TRP A CH2 
525 N  N   . THR A 75 ? 0.0785 0.0880 0.0790 -0.0076 -0.0031 -0.0038 75  THR A N   
526 C  CA  . THR A 75 ? 0.0785 0.0900 0.0744 -0.0057 -0.0017 -0.0066 75  THR A CA  
527 C  C   . THR A 75 ? 0.0782 0.0849 0.0799 -0.0045 -0.0031 -0.0055 75  THR A C   
528 O  O   . THR A 75 ? 0.0695 0.0915 0.0794 -0.0059 -0.0051 -0.0079 75  THR A O   
529 C  CB  . THR A 75 ? 0.0783 0.0916 0.0716 -0.0054 -0.0020 -0.0066 75  THR A CB  
530 O  OG1 . THR A 75 ? 0.0883 0.1154 0.0894 -0.0099 -0.0092 -0.0124 75  THR A OG1 
531 C  CG2 . THR A 75 ? 0.0898 0.0969 0.0854 -0.0006 -0.0054 -0.0071 75  THR A CG2 
532 N  N   . GLN A 76 ? 0.0720 0.0826 0.0761 -0.0039 -0.0039 -0.0044 76  GLN A N   
533 C  CA  . GLN A 76 ? 0.0782 0.0871 0.0820 -0.0035 -0.0007 -0.0056 76  GLN A CA  
534 C  C   . GLN A 76 ? 0.0758 0.0864 0.0816 -0.0043 0.0019  -0.0060 76  GLN A C   
535 O  O   . GLN A 76 ? 0.0859 0.0909 0.0772 -0.0066 -0.0002 -0.0069 76  GLN A O   
536 C  CB  . GLN A 76 ? 0.0736 0.0902 0.0811 -0.0055 0.0010  -0.0052 76  GLN A CB  
537 C  CG  . GLN A 76 ? 0.0808 0.0949 0.0863 0.0028  0.0001  -0.0040 76  GLN A CG  
538 C  CD  . GLN A 76 ? 0.0930 0.1049 0.0839 -0.0081 -0.0008 0.0020  76  GLN A CD  
539 O  OE1 . GLN A 76 ? 0.1321 0.1662 0.0984 -0.0189 0.0023  0.0137  76  GLN A OE1 
540 N  NE2 . GLN A 76 ? 0.0840 0.1168 0.0748 -0.0243 0.0087  0.0013  76  GLN A NE2 
541 N  N   . VAL A 77 ? 0.0853 0.0865 0.0851 -0.0032 -0.0020 -0.0100 77  VAL A N   
542 C  CA  . VAL A 77 ? 0.0892 0.0938 0.0882 0.0006  -0.0040 -0.0083 77  VAL A CA  
543 C  C   . VAL A 77 ? 0.0929 0.0978 0.0886 -0.0017 -0.0048 -0.0104 77  VAL A C   
544 O  O   . VAL A 77 ? 0.0961 0.1004 0.0848 0.0054  -0.0066 -0.0083 77  VAL A O   
545 C  CB  . VAL A 77 ? 0.0897 0.0966 0.0886 0.0005  -0.0077 -0.0063 77  VAL A CB  
546 C  CG1 . VAL A 77 ? 0.1005 0.1051 0.0974 0.0012  -0.0032 -0.0006 77  VAL A CG1 
547 C  CG2 . VAL A 77 ? 0.1063 0.1051 0.0972 0.0062  -0.0048 -0.0068 77  VAL A CG2 
548 N  N   . LEU A 78 ? 0.0953 0.0966 0.0867 0.0016  -0.0031 -0.0084 78  LEU A N   
549 C  CA  . LEU A 78 ? 0.0983 0.1047 0.0937 0.0007  -0.0038 -0.0097 78  LEU A CA  
550 C  C   . LEU A 78 ? 0.0968 0.1063 0.0923 -0.0004 -0.0028 -0.0096 78  LEU A C   
551 O  O   . LEU A 78 ? 0.0933 0.1139 0.0893 -0.0052 -0.0010 -0.0168 78  LEU A O   
552 C  CB  . LEU A 78 ? 0.0990 0.1084 0.0943 -0.0017 -0.0058 -0.0092 78  LEU A CB  
553 C  CG  . LEU A 78 ? 0.1132 0.1291 0.1168 0.0017  -0.0033 -0.0092 78  LEU A CG  
554 C  CD1 . LEU A 78 ? 0.1333 0.1647 0.1375 0.0026  -0.0047 -0.0002 78  LEU A CD1 
555 C  CD2 . LEU A 78 ? 0.1141 0.1271 0.1133 0.0032  -0.0029 -0.0068 78  LEU A CD2 
556 N  N   . MSE A 79 ? 0.1001 0.0989 0.0911 -0.0018 -0.0035 -0.0089 79  MSE A N   
557 C  CA  . MSE A 79 ? 0.1028 0.1025 0.0945 0.0009  -0.0060 -0.0080 79  MSE A CA  
558 C  C   . MSE A 79 ? 0.1050 0.1020 0.0952 0.0038  -0.0055 -0.0104 79  MSE A C   
559 O  O   . MSE A 79 ? 0.1165 0.1072 0.0883 0.0013  -0.0114 -0.0203 79  MSE A O   
560 C  CB  . MSE A 79 ? 0.1008 0.1035 0.0928 0.0023  -0.0039 -0.0083 79  MSE A CB  
561 C  CG  . MSE A 79 ? 0.1107 0.1070 0.0955 0.0045  -0.0092 -0.0023 79  MSE A CG  
562 SE SE  . MSE A 79 ? 0.1336 0.1202 0.1081 -0.0050 -0.0142 0.0036  79  MSE A SE  
563 C  CE  . MSE A 79 ? 0.1255 0.1107 0.1281 -0.0002 0.0006  0.0035  79  MSE A CE  
564 N  N   . ILE A 80 ? 0.1020 0.1053 0.0979 0.0025  -0.0119 -0.0110 80  ILE A N   
565 C  CA  . ILE A 80 ? 0.1044 0.1097 0.1006 0.0002  -0.0101 -0.0096 80  ILE A CA  
566 C  C   . ILE A 80 ? 0.1109 0.1159 0.1004 -0.0005 -0.0106 -0.0120 80  ILE A C   
567 O  O   . ILE A 80 ? 0.1209 0.1197 0.1064 -0.0027 -0.0238 -0.0211 80  ILE A O   
568 C  CB  . ILE A 80 ? 0.0984 0.1152 0.1019 0.0025  -0.0134 -0.0105 80  ILE A CB  
569 C  CG1 . ILE A 80 ? 0.1098 0.1207 0.1147 -0.0032 -0.0081 -0.0096 80  ILE A CG1 
570 C  CG2 . ILE A 80 ? 0.1098 0.1131 0.1062 0.0023  -0.0171 -0.0081 80  ILE A CG2 
571 C  CD1 . ILE A 80 ? 0.1118 0.1286 0.1216 0.0017  -0.0048 -0.0029 80  ILE A CD1 
572 N  N   . SER A 81 ? 0.1083 0.1129 0.0992 0.0000  -0.0091 -0.0074 81  SER A N   
573 C  CA  . SER A 81 ? 0.1187 0.1217 0.1067 0.0003  -0.0036 -0.0074 81  SER A CA  
574 C  C   . SER A 81 ? 0.1234 0.1255 0.1097 0.0021  -0.0019 -0.0083 81  SER A C   
575 O  O   . SER A 81 ? 0.1376 0.1453 0.1141 0.0024  -0.0034 -0.0158 81  SER A O   
576 C  CB  . SER A 81 ? 0.1245 0.1252 0.1098 -0.0023 -0.0012 -0.0055 81  SER A CB  
577 O  OG  . SER A 81 ? 0.1565 0.1612 0.1274 -0.0049 0.0030  0.0056  81  SER A OG  
578 N  N   . ARG A 82 ? 0.1246 0.1235 0.1078 0.0034  -0.0009 -0.0089 82  ARG A N   
579 C  CA  . ARG A 82 ? 0.1300 0.1274 0.1222 0.0039  -0.0008 -0.0091 82  ARG A CA  
580 C  C   . ARG A 82 ? 0.1381 0.1320 0.1314 0.0059  -0.0008 -0.0083 82  ARG A C   
581 O  O   . ARG A 82 ? 0.1553 0.1264 0.1467 0.0100  -0.0049 -0.0176 82  ARG A O   
582 C  CB  . ARG A 82 ? 0.1313 0.1299 0.1244 0.0030  -0.0010 -0.0082 82  ARG A CB  
583 C  CG  . ARG A 82 ? 0.1228 0.1247 0.1233 0.0033  -0.0077 -0.0089 82  ARG A CG  
584 C  CD  . ARG A 82 ? 0.1237 0.1248 0.1250 -0.0017 -0.0012 -0.0019 82  ARG A CD  
585 N  NE  . ARG A 82 ? 0.1146 0.1242 0.1240 -0.0022 0.0043  -0.0082 82  ARG A NE  
586 C  CZ  . ARG A 82 ? 0.1182 0.1194 0.1189 -0.0043 0.0030  -0.0011 82  ARG A CZ  
587 N  NH1 . ARG A 82 ? 0.1310 0.1234 0.1333 0.0001  -0.0001 -0.0076 82  ARG A NH1 
588 N  NH2 . ARG A 82 ? 0.1235 0.1218 0.1251 0.0033  -0.0051 -0.0007 82  ARG A NH2 
589 N  N   . GLY A 83 ? 0.1443 0.1326 0.1378 0.0040  -0.0024 -0.0104 83  GLY A N   
590 C  CA  . GLY A 83 ? 0.1455 0.1377 0.1456 0.0000  -0.0007 -0.0081 83  GLY A CA  
591 C  C   . GLY A 83 ? 0.1540 0.1414 0.1539 -0.0002 -0.0004 -0.0056 83  GLY A C   
592 O  O   . GLY A 83 ? 0.1811 0.1503 0.1718 -0.0046 -0.0060 -0.0076 83  GLY A O   
593 N  N   . LEU A 84 ? 0.1408 0.1344 0.1507 -0.0048 0.0027  -0.0041 84  LEU A N   
594 C  CA  . LEU A 84 ? 0.1435 0.1415 0.1549 -0.0025 0.0026  0.0003  84  LEU A CA  
595 C  C   . LEU A 84 ? 0.1451 0.1453 0.1645 -0.0032 0.0041  0.0041  84  LEU A C   
596 O  O   . LEU A 84 ? 0.1468 0.1526 0.1736 -0.0009 0.0055  0.0103  84  LEU A O   
597 C  CB  . LEU A 84 ? 0.1392 0.1410 0.1486 -0.0009 0.0015  0.0007  84  LEU A CB  
598 C  CG  . LEU A 84 ? 0.1449 0.1556 0.1558 -0.0076 0.0026  -0.0037 84  LEU A CG  
599 C  CD1 . LEU A 84 ? 0.1466 0.1508 0.1455 -0.0057 0.0005  -0.0079 84  LEU A CD1 
600 C  CD2 . LEU A 84 ? 0.1725 0.1759 0.1804 -0.0031 0.0018  -0.0024 84  LEU A CD2 
601 N  N   . SER A 85 ? 0.1502 0.1522 0.1707 -0.0018 0.0032  0.0075  85  SER A N   
602 C  CA  . SER A 85 ? 0.1519 0.1517 0.1733 -0.0036 0.0059  0.0072  85  SER A CA  
603 C  C   . SER A 85 ? 0.1551 0.1519 0.1777 -0.0039 0.0082  0.0057  85  SER A C   
604 O  O   . SER A 85 ? 0.1532 0.1392 0.1910 -0.0104 0.0096  0.0058  85  SER A O   
605 C  CB  . SER A 85 ? 0.1601 0.1579 0.1823 -0.0063 0.0031  0.0092  85  SER A CB  
606 O  OG  . SER A 85 ? 0.1702 0.1585 0.1888 -0.0062 0.0035  0.0152  85  SER A OG  
607 N  N   . LEU A 86 ? 0.1480 0.1552 0.1777 -0.0010 0.0112  0.0057  86  LEU A N   
608 C  CA  . LEU A 86 ? 0.1514 0.1563 0.1746 0.0006  0.0108  0.0036  86  LEU A CA  
609 C  C   . LEU A 86 ? 0.1494 0.1468 0.1654 0.0011  0.0089  0.0022  86  LEU A C   
610 O  O   . LEU A 86 ? 0.1378 0.1393 0.1667 0.0039  0.0155  -0.0017 86  LEU A O   
611 C  CB  . LEU A 86 ? 0.1583 0.1638 0.1769 -0.0003 0.0115  0.0062  86  LEU A CB  
612 C  CG  . LEU A 86 ? 0.1809 0.1818 0.1908 0.0031  0.0054  0.0014  86  LEU A CG  
613 C  CD1 . LEU A 86 ? 0.1949 0.2006 0.1997 -0.0007 0.0065  0.0003  86  LEU A CD1 
614 C  CD2 . LEU A 86 ? 0.1907 0.1863 0.1827 -0.0023 0.0026  0.0007  86  LEU A CD2 
615 N  N   . ASP A 87 ? 0.1502 0.1481 0.1659 -0.0021 0.0106  0.0022  87  ASP A N   
616 C  CA  . ASP A 87 ? 0.1521 0.1497 0.1650 -0.0010 0.0079  0.0006  87  ASP A CA  
617 C  C   . ASP A 87 ? 0.1460 0.1360 0.1566 -0.0012 0.0069  -0.0034 87  ASP A C   
618 O  O   . ASP A 87 ? 0.1426 0.1195 0.1525 -0.0019 0.0091  -0.0012 87  ASP A O   
619 C  CB  . ASP A 87 ? 0.1631 0.1554 0.1760 -0.0009 0.0042  -0.0006 87  ASP A CB  
620 C  CG  . ASP A 87 ? 0.1910 0.1890 0.2067 -0.0004 0.0065  0.0027  87  ASP A CG  
621 O  OD1 . ASP A 87 ? 0.2304 0.2277 0.2232 -0.0094 0.0168  0.0063  87  ASP A OD1 
622 O  OD2 . ASP A 87 ? 0.2324 0.2213 0.2551 -0.0162 0.0053  0.0031  87  ASP A OD2 
623 N  N   . ASP A 88 ? 0.1375 0.1238 0.1497 0.0014  0.0051  -0.0065 88  ASP A N   
624 C  CA  . ASP A 88 ? 0.1363 0.1302 0.1439 0.0028  0.0030  -0.0067 88  ASP A CA  
625 C  C   . ASP A 88 ? 0.1311 0.1169 0.1386 0.0021  0.0054  -0.0072 88  ASP A C   
626 O  O   . ASP A 88 ? 0.1318 0.1149 0.1346 0.0004  0.0049  -0.0152 88  ASP A O   
627 C  CB  . ASP A 88 ? 0.1396 0.1309 0.1445 0.0005  0.0039  -0.0076 88  ASP A CB  
628 C  CG  . ASP A 88 ? 0.1597 0.1354 0.1466 0.0039  -0.0038 -0.0093 88  ASP A CG  
629 O  OD1 . ASP A 88 ? 0.1992 0.1477 0.1797 0.0040  -0.0101 -0.0082 88  ASP A OD1 
630 O  OD2 . ASP A 88 ? 0.1605 0.1321 0.1640 0.0019  -0.0051 -0.0132 88  ASP A OD2 
631 N  N   . VAL A 89 ? 0.1249 0.1147 0.1267 0.0042  0.0056  -0.0066 89  VAL A N   
632 C  CA  . VAL A 89 ? 0.1299 0.1196 0.1306 0.0045  0.0035  -0.0038 89  VAL A CA  
633 C  C   . VAL A 89 ? 0.1352 0.1173 0.1313 0.0077  0.0059  -0.0079 89  VAL A C   
634 O  O   . VAL A 89 ? 0.1466 0.1119 0.1309 0.0044  0.0030  -0.0074 89  VAL A O   
635 C  CB  . VAL A 89 ? 0.1189 0.1166 0.1181 0.0044  0.0037  -0.0050 89  VAL A CB  
636 C  CG1 . VAL A 89 ? 0.1260 0.1084 0.1130 0.0027  -0.0019 0.0041  89  VAL A CG1 
637 C  CG2 . VAL A 89 ? 0.1169 0.1122 0.1282 -0.0034 0.0082  -0.0013 89  VAL A CG2 
638 N  N   . TYR A 90 ? 0.1475 0.1245 0.1360 0.0088  0.0065  -0.0034 90  TYR A N   
639 C  CA  . TYR A 90 ? 0.1572 0.1398 0.1460 0.0112  0.0052  -0.0004 90  TYR A CA  
640 C  C   . TYR A 90 ? 0.1625 0.1431 0.1515 0.0126  0.0061  -0.0016 90  TYR A C   
641 O  O   . TYR A 90 ? 0.1723 0.1429 0.1491 0.0195  0.0123  0.0027  90  TYR A O   
642 C  CB  . TYR A 90 ? 0.1615 0.1428 0.1521 0.0163  0.0031  -0.0011 90  TYR A CB  
643 C  CG  . TYR A 90 ? 0.1648 0.1445 0.1434 0.0220  0.0017  -0.0016 90  TYR A CG  
644 C  CD1 . TYR A 90 ? 0.1614 0.1500 0.1409 0.0209  0.0045  -0.0091 90  TYR A CD1 
645 C  CD2 . TYR A 90 ? 0.1586 0.1386 0.1423 0.0186  0.0050  0.0065  90  TYR A CD2 
646 C  CE1 . TYR A 90 ? 0.1721 0.1418 0.1464 0.0208  -0.0005 -0.0003 90  TYR A CE1 
647 C  CE2 . TYR A 90 ? 0.1644 0.1569 0.1540 0.0210  -0.0005 -0.0021 90  TYR A CE2 
648 C  CZ  . TYR A 90 ? 0.1688 0.1491 0.1413 0.0286  -0.0051 -0.0094 90  TYR A CZ  
649 O  OH  . TYR A 90 ? 0.1785 0.1578 0.1688 0.0390  -0.0143 -0.0125 90  TYR A OH  
650 N  N   . ARG A 91 ? 0.1713 0.1513 0.1608 0.0102  0.0082  0.0002  91  ARG A N   
651 C  CA  . ARG A 91 ? 0.1773 0.1662 0.1758 0.0088  0.0034  0.0013  91  ARG A CA  
652 C  C   . ARG A 91 ? 0.1767 0.1640 0.1736 0.0076  0.0042  0.0016  91  ARG A C   
653 O  O   . ARG A 91 ? 0.1794 0.1604 0.1806 0.0144  0.0037  0.0037  91  ARG A O   
654 C  CB  . ARG A 91 ? 0.1827 0.1714 0.1792 0.0073  0.0050  0.0006  91  ARG A CB  
655 C  CG  . ARG A 91 ? 0.1992 0.1955 0.2100 0.0030  0.0010  0.0000  91  ARG A CG  
656 C  CD  . ARG A 91 ? 0.2139 0.2075 0.2198 0.0014  -0.0010 -0.0074 91  ARG A CD  
657 N  NE  . ARG A 91 ? 0.2407 0.2409 0.2405 -0.0007 -0.0003 -0.0032 91  ARG A NE  
658 C  CZ  . ARG A 91 ? 0.2511 0.2467 0.2447 0.0025  -0.0040 0.0005  91  ARG A CZ  
659 N  NH1 . ARG A 91 ? 0.2523 0.2551 0.2519 0.0008  -0.0028 -0.0026 91  ARG A NH1 
660 N  NH2 . ARG A 91 ? 0.2496 0.2479 0.2466 0.0049  0.0012  0.0004  91  ARG A NH2 
661 N  N   . LYS A 92 ? 0.1759 0.1633 0.1737 0.0060  0.0038  0.0016  92  LYS A N   
662 C  CA  . LYS A 92 ? 0.1807 0.1729 0.1753 0.0016  0.0019  0.0028  92  LYS A CA  
663 C  C   . LYS A 92 ? 0.1779 0.1719 0.1729 -0.0008 0.0012  0.0046  92  LYS A C   
664 O  O   . LYS A 92 ? 0.1876 0.1872 0.1761 -0.0028 -0.0044 0.0076  92  LYS A O   
665 C  CB  . LYS A 92 ? 0.1766 0.1736 0.1754 -0.0004 0.0036  0.0024  92  LYS A CB  
666 C  CG  . LYS A 92 ? 0.1859 0.1857 0.1782 -0.0013 -0.0016 0.0026  92  LYS A CG  
667 C  CD  . LYS A 92 ? 0.1849 0.1828 0.1804 0.0023  0.0032  -0.0004 92  LYS A CD  
668 C  CE  . LYS A 92 ? 0.1769 0.1753 0.1751 0.0036  0.0047  -0.0028 92  LYS A CE  
669 N  NZ  . LYS A 92 ? 0.1810 0.1759 0.1495 0.0069  0.0032  -0.0040 92  LYS A NZ  
670 N  N   . LEU A 93 ? 0.1821 0.1755 0.1725 -0.0046 0.0011  0.0031  93  LEU A N   
671 C  CA  . LEU A 93 ? 0.1822 0.1785 0.1712 -0.0035 0.0008  0.0025  93  LEU A CA  
672 C  C   . LEU A 93 ? 0.1721 0.1835 0.1637 -0.0001 0.0001  0.0027  93  LEU A C   
673 O  O   . LEU A 93 ? 0.1657 0.1785 0.1620 -0.0055 -0.0021 0.0042  93  LEU A O   
674 C  CB  . LEU A 93 ? 0.1856 0.1804 0.1732 -0.0032 -0.0019 0.0023  93  LEU A CB  
675 C  CG  . LEU A 93 ? 0.1978 0.1885 0.1820 -0.0066 -0.0023 0.0035  93  LEU A CG  
676 C  CD1 . LEU A 93 ? 0.1995 0.1969 0.1870 -0.0023 -0.0114 0.0042  93  LEU A CD1 
677 C  CD2 . LEU A 93 ? 0.1967 0.1926 0.1946 -0.0085 0.0019  0.0040  93  LEU A CD2 
678 O  O   . HOH B .  ? 0.2217 0.2056 0.1021 0.0353  -0.0225 -0.0276 94  HOH A O   
679 O  O   . HOH B .  ? 0.1892 0.1902 0.2373 -0.0251 0.0195  0.0283  95  HOH A O   
680 O  O   . HOH B .  ? 0.1492 0.1000 0.1240 0.0204  0.0178  0.0026  96  HOH A O   
681 O  O   . HOH B .  ? 0.1322 0.1215 0.0885 -0.0029 0.0232  -0.0192 97  HOH A O   
682 O  O   . HOH B .  ? 0.2197 0.1937 0.1395 -0.0054 -0.0024 -0.0166 98  HOH A O   
683 O  O   . HOH B .  ? 0.1171 0.1033 0.1504 0.0021  0.0292  -0.0073 99  HOH A O   
684 O  O   . HOH B .  ? 0.1948 0.1969 0.2092 0.0006  -0.0064 -0.0011 100 HOH A O   
685 O  O   . HOH B .  ? 0.2773 0.2705 0.2821 0.0048  0.0040  -0.0055 101 HOH A O   
686 O  O   . HOH B .  ? 0.1525 0.0969 0.1272 0.0083  0.0068  -0.0222 102 HOH A O   
687 O  O   . HOH B .  ? 0.1705 0.1968 0.2054 0.0060  0.0093  0.0213  103 HOH A O   
688 O  O   . HOH B .  ? 0.2120 0.2002 0.1443 0.0127  0.0218  -0.0068 104 HOH A O   
689 O  O   . HOH B .  ? 0.1927 0.1939 0.1428 0.0103  -0.0355 -0.0263 105 HOH A O   
690 O  O   . HOH B .  ? 0.1966 0.1779 0.2040 -0.0249 0.0137  0.0018  106 HOH A O   
691 O  O   . HOH B .  ? 0.2245 0.2290 0.2332 -0.0136 0.0092  0.0014  107 HOH A O   
692 O  O   . HOH B .  ? 0.2026 0.1814 0.2116 0.0100  0.0203  -0.0170 108 HOH A O   
693 O  O   . HOH B .  ? 0.1876 0.2022 0.2504 -0.0006 0.0026  0.0240  109 HOH A O   
694 O  O   . HOH B .  ? 0.3074 0.2908 0.3110 0.0031  -0.0112 0.0038  110 HOH A O   
695 O  O   . HOH B .  ? 0.6224 0.6237 0.6236 0.0018  0.0003  -0.0011 111 HOH A O   
696 O  O   . HOH B .  ? 0.5575 0.5597 0.5541 0.0013  0.0004  -0.0010 112 HOH A O   
697 O  O   . HOH B .  ? 0.1814 0.2113 0.2139 0.0025  -0.0099 -0.0105 113 HOH A O   
698 O  O   . HOH B .  ? 0.2562 0.2494 0.2296 0.0129  -0.0290 0.0116  114 HOH A O   
699 O  O   . HOH B .  ? 0.1722 0.1937 0.1927 -0.0231 0.0146  -0.0040 115 HOH A O   
700 O  O   . HOH B .  ? 0.2515 0.2554 0.2787 -0.0037 0.0095  0.0184  116 HOH A O   
701 O  O   . HOH B .  ? 0.1798 0.2201 0.1931 0.0073  -0.0102 -0.0214 117 HOH A O   
702 O  O   . HOH B .  ? 0.4595 0.4623 0.4586 -0.0020 0.0012  0.0059  118 HOH A O   
703 O  O   . HOH B .  ? 0.2742 0.2661 0.2721 -0.0080 0.0131  0.0095  119 HOH A O   
704 O  O   . HOH B .  ? 0.4208 0.4225 0.4231 0.0041  0.0002  0.0025  120 HOH A O   
705 O  O   . HOH B .  ? 0.3604 0.3658 0.3730 -0.0076 0.0083  -0.0030 121 HOH A O   
706 O  O   . HOH B .  ? 0.2771 0.2706 0.2626 -0.0144 -0.0019 -0.0062 122 HOH A O   
707 O  O   . HOH B .  ? 0.3539 0.3488 0.3606 -0.0003 0.0012  0.0049  123 HOH A O   
708 O  O   . HOH B .  ? 0.1950 0.1534 0.1981 0.0219  0.0136  -0.0005 124 HOH A O   
709 O  O   . HOH B .  ? 0.1719 0.1957 0.1841 0.0092  0.0001  -0.0069 125 HOH A O   
710 O  O   . HOH B .  ? 0.1796 0.1668 0.1708 0.0063  0.0172  0.0011  126 HOH A O   
711 O  O   . HOH B .  ? 0.1761 0.2232 0.1724 0.0076  -0.0153 0.0013  127 HOH A O   
712 O  O   . HOH B .  ? 0.2952 0.2721 0.2910 -0.0103 0.0050  0.0016  128 HOH A O   
713 O  O   . HOH B .  ? 0.2397 0.2389 0.2429 0.0194  0.0039  -0.0145 129 HOH A O   
714 O  O   . HOH B .  ? 0.2423 0.2408 0.2390 -0.0031 -0.0102 -0.0110 130 HOH A O   
715 O  O   . HOH B .  ? 0.2773 0.2967 0.2883 -0.0005 0.0008  -0.0135 131 HOH A O   
716 O  O   . HOH B .  ? 0.2486 0.2652 0.2279 0.0049  -0.0156 0.0184  132 HOH A O   
717 O  O   . HOH B .  ? 0.3460 0.3422 0.3514 -0.0064 0.0097  -0.0019 133 HOH A O   
718 O  O   . HOH B .  ? 0.2576 0.2662 0.2494 -0.0039 0.0157  -0.0060 134 HOH A O   
719 O  O   . HOH B .  ? 0.3825 0.3906 0.3911 -0.0033 -0.0014 0.0037  135 HOH A O   
720 O  O   . HOH B .  ? 0.3111 0.3082 0.3013 0.0016  -0.0113 -0.0057 136 HOH A O   
721 O  O   . HOH B .  ? 0.2477 0.2251 0.2071 0.0277  -0.0064 -0.0001 137 HOH A O   
722 O  O   . HOH B .  ? 0.1956 0.1960 0.2131 -0.0097 -0.0097 -0.0056 138 HOH A O   
723 O  O   . HOH B .  ? 0.2173 0.2121 0.2214 0.0172  -0.0053 0.0004  139 HOH A O   
724 O  O   . HOH B .  ? 0.2364 0.2528 0.2308 0.0053  0.0028  -0.0031 140 HOH A O   
725 O  O   . HOH B .  ? 0.2738 0.2801 0.2841 0.0096  -0.0212 0.0001  141 HOH A O   
726 O  O   . HOH B .  ? 0.2290 0.1872 0.2113 0.0003  -0.0054 0.0176  142 HOH A O   
727 O  O   . HOH B .  ? 0.2734 0.2943 0.2594 0.0194  -0.0086 0.0011  143 HOH A O   
728 O  O   . HOH B .  ? 0.3941 0.3849 0.3791 0.0047  -0.0033 -0.0096 144 HOH A O   
729 O  O   . HOH B .  ? 0.2087 0.2597 0.2669 -0.0183 0.0008  -0.0015 145 HOH A O   
730 O  O   . HOH B .  ? 0.2913 0.2979 0.2882 0.0054  -0.0152 -0.0082 146 HOH A O   
731 O  O   . HOH B .  ? 0.3399 0.3503 0.3576 -0.0118 0.0035  0.0012  147 HOH A O   
732 O  O   . HOH B .  ? 0.2581 0.2578 0.2530 -0.0010 0.0010  0.0011  148 HOH A O   
733 O  O   . HOH B .  ? 0.2696 0.2730 0.2481 0.0072  0.0018  -0.0207 149 HOH A O   
734 O  O   . HOH B .  ? 0.2911 0.2711 0.2826 -0.0015 0.0009  -0.0011 150 HOH A O   
735 O  O   . HOH B .  ? 0.2609 0.2717 0.2407 -0.0041 0.0044  -0.0081 151 HOH A O   
736 O  O   . HOH B .  ? 0.3086 0.3095 0.2691 -0.0133 0.0039  -0.0208 152 HOH A O   
737 O  O   . HOH B .  ? 0.6031 0.6048 0.6078 -0.0022 -0.0014 0.0036  153 HOH A O   
738 O  O   . HOH B .  ? 0.2973 0.2781 0.2907 0.0008  0.0037  0.0027  154 HOH A O   
739 O  O   . HOH B .  ? 0.5694 0.5722 0.5738 -0.0002 0.0006  0.0001  155 HOH A O   
740 O  O   . HOH B .  ? 0.3043 0.2758 0.2855 -0.0015 -0.0125 0.0077  156 HOH A O   
741 O  O   . HOH B .  ? 0.2472 0.2660 0.2739 0.0066  0.0059  0.0105  157 HOH A O   
742 O  O   . HOH B .  ? 0.2652 0.2410 0.2588 -0.0082 0.0007  0.0092  158 HOH A O   
743 O  O   . HOH B .  ? 0.3520 0.3341 0.3314 0.0068  -0.0044 -0.0025 159 HOH A O   
744 O  O   . HOH B .  ? 0.3094 0.3111 0.3182 -0.0029 -0.0017 -0.0055 160 HOH A O   
745 O  O   . HOH B .  ? 0.2595 0.2656 0.2763 -0.0075 0.0090  0.0003  161 HOH A O   
746 O  O   . HOH B .  ? 0.3072 0.3102 0.3100 -0.0009 0.0011  -0.0006 162 HOH A O   
747 O  O   . HOH B .  ? 0.3691 0.3685 0.3736 0.0019  -0.0037 0.0033  163 HOH A O   
748 O  O   . HOH B .  ? 0.3256 0.3262 0.3240 0.0039  -0.0025 -0.0007 164 HOH A O   
749 O  O   . HOH B .  ? 0.3023 0.3081 0.3140 0.0114  -0.0002 0.0037  165 HOH A O   
750 O  O   . HOH B .  ? 0.3026 0.3011 0.2929 -0.0059 -0.0137 -0.0027 166 HOH A O   
751 O  O   . HOH B .  ? 0.2900 0.2977 0.3005 -0.0053 -0.0102 -0.0095 167 HOH A O   
752 O  O   . HOH B .  ? 0.3615 0.3665 0.3644 -0.0072 0.0024  0.0119  168 HOH A O   
753 O  O   . HOH B .  ? 0.3105 0.3122 0.3004 0.0014  0.0005  0.0009  169 HOH A O   
754 O  O   . HOH B .  ? 0.4655 0.4648 0.4540 0.0006  -0.0010 -0.0004 170 HOH A O   
755 O  O   . HOH B .  ? 0.3266 0.3327 0.3197 -0.0043 -0.0005 0.0128  171 HOH A O   
756 O  O   . HOH B .  ? 0.4522 0.4453 0.4434 0.0022  0.0004  -0.0022 172 HOH A O   
757 O  O   . HOH B .  ? 0.3005 0.2902 0.2997 0.0101  0.0034  -0.0084 173 HOH A O   
758 O  O   . HOH B .  ? 0.3355 0.3519 0.3377 -0.0024 0.0018  0.0071  174 HOH A O   
759 O  O   . HOH B .  ? 0.5694 0.5683 0.5690 -0.0001 0.0012  -0.0004 175 HOH A O   
760 O  O   . HOH B .  ? 0.3626 0.3631 0.3681 0.0016  0.0029  -0.0022 176 HOH A O   
761 O  O   . HOH B .  ? 0.4339 0.4326 0.4328 0.0009  0.0008  0.0051  177 HOH A O   
762 O  O   . HOH B .  ? 0.3046 0.3088 0.3038 -0.0004 -0.0039 0.0037  178 HOH A O   
763 O  O   . HOH B .  ? 0.5485 0.5499 0.5528 0.0006  0.0014  0.0014  179 HOH A O   
764 O  O   . HOH B .  ? 0.3543 0.3532 0.3525 0.0005  0.0019  -0.0025 180 HOH A O   
765 O  O   . HOH B .  ? 0.3041 0.2935 0.2917 0.0077  0.0014  0.0066  181 HOH A O   
766 O  O   . HOH B .  ? 0.4625 0.4608 0.4668 -0.0006 0.0013  0.0008  182 HOH A O   
767 O  O   . HOH B .  ? 0.3814 0.3749 0.3800 -0.0029 0.0088  0.0011  183 HOH A O   
768 O  O   . HOH B .  ? 0.3643 0.3557 0.3650 0.0058  -0.0070 0.0051  184 HOH A O   
769 O  O   . HOH B .  ? 0.3147 0.3318 0.3345 -0.0011 -0.0049 0.0076  185 HOH A O   
770 O  O   . HOH B .  ? 0.3987 0.3828 0.3858 -0.0005 0.0053  -0.0057 186 HOH A O   
771 O  O   . HOH B .  ? 0.3877 0.3895 0.3941 -0.0041 0.0059  -0.0038 187 HOH A O   
772 O  O   . HOH B .  ? 0.4412 0.4363 0.4404 0.0015  -0.0040 -0.0014 188 HOH A O   
773 O  O   . HOH B .  ? 0.4261 0.4235 0.4256 0.0011  0.0043  0.0041  189 HOH A O   
774 O  O   . HOH B .  ? 0.2672 0.2644 0.2525 -0.0019 0.0151  -0.0114 190 HOH A O   
775 O  O   . HOH B .  ? 0.4257 0.4199 0.4200 0.0004  0.0026  0.0006  191 HOH A O   
776 O  O   . HOH B .  ? 0.4382 0.4411 0.4420 0.0023  -0.0024 -0.0048 192 HOH A O   
777 O  O   . HOH B .  ? 0.4634 0.4668 0.4633 -0.0040 -0.0030 0.0013  193 HOH A O   
778 O  O   . HOH B .  ? 0.4259 0.4142 0.4194 -0.0046 0.0018  -0.0032 194 HOH A O   
779 O  O   . HOH B .  ? 0.3974 0.3967 0.3990 -0.0032 0.0041  0.0004  195 HOH A O   
780 O  O   . HOH B .  ? 0.5527 0.5562 0.5532 0.0013  -0.0017 0.0019  196 HOH A O   
781 O  O   . HOH B .  ? 0.4497 0.4571 0.4568 -0.0007 0.0048  0.0043  197 HOH A O   
782 O  O   . HOH B .  ? 0.3629 0.3686 0.3603 0.0033  -0.0015 -0.0033 198 HOH A O   
783 O  O   . HOH B .  ? 0.6299 0.6325 0.6325 -0.0001 -0.0016 0.0009  199 HOH A O   
784 O  O   . HOH B .  ? 0.2610 0.2746 0.2587 0.0044  0.0056  -0.0066 200 HOH A O   
785 O  O   . HOH B .  ? 0.3124 0.3117 0.3117 -0.0179 0.0031  0.0024  201 HOH A O   
786 O  O   . HOH B .  ? 0.3696 0.3788 0.3808 0.0004  -0.0009 0.0053  202 HOH A O   
787 O  O   . HOH B .  ? 0.4596 0.4617 0.4625 0.0004  -0.0017 0.0008  203 HOH A O   
788 O  O   . HOH B .  ? 0.2865 0.2906 0.2973 -0.0025 0.0027  0.0075  204 HOH A O   
789 O  O   . HOH B .  ? 0.3942 0.3846 0.3915 -0.0041 0.0027  -0.0002 205 HOH A O   
790 O  O   . HOH B .  ? 0.2953 0.3001 0.2974 0.0046  0.0020  -0.0117 206 HOH A O   
791 O  O   . HOH B .  ? 0.4686 0.4715 0.4780 0.0012  0.0025  0.0001  207 HOH A O   
792 O  O   . HOH B .  ? 0.5319 0.5325 0.5322 0.0008  -0.0001 0.0023  208 HOH A O   
793 O  O   . HOH B .  ? 0.3886 0.3776 0.3775 -0.0062 0.0054  0.0057  209 HOH A O   
794 O  O   . HOH B .  ? 0.4377 0.4417 0.4339 0.0045  0.0002  -0.0005 210 HOH A O   
795 O  O   . HOH B .  ? 0.5896 0.5898 0.5884 0.0013  -0.0001 -0.0006 211 HOH A O   
796 O  O   . HOH B .  ? 0.3480 0.3477 0.3290 0.0008  -0.0057 0.0064  212 HOH A O   
797 O  O   . HOH B .  ? 0.6696 0.6694 0.6687 0.0002  0.0005  0.0006  213 HOH A O   
798 O  O   . HOH B .  ? 0.4823 0.4841 0.4814 0.0039  -0.0010 0.0038  214 HOH A O   
799 O  O   . HOH B .  ? 0.3740 0.3689 0.3696 -0.0019 -0.0022 0.0037  215 HOH A O   
800 O  O   . HOH B .  ? 0.3387 0.3517 0.3544 0.0060  -0.0111 0.0014  216 HOH A O   
801 O  O   . HOH B .  ? 0.5479 0.5482 0.5464 0.0018  -0.0009 0.0002  217 HOH A O   
802 O  O   . HOH B .  ? 0.4393 0.4442 0.4497 0.0011  0.0001  0.0027  218 HOH A O   
803 O  O   . HOH B .  ? 0.4676 0.4714 0.4711 0.0057  -0.0010 -0.0004 219 HOH A O   
804 O  O   . HOH B .  ? 0.3747 0.3744 0.3799 0.0083  -0.0028 0.0015  220 HOH A O   
805 O  O   . HOH B .  ? 0.5982 0.5966 0.6020 0.0001  0.0017  0.0010  221 HOH A O   
806 O  O   . HOH B .  ? 0.6714 0.6702 0.6702 -0.0016 0.0001  -0.0011 222 HOH A O   
807 O  O   . HOH B .  ? 0.4333 0.4380 0.4385 -0.0043 0.0013  0.0059  223 HOH A O   
808 O  O   . HOH B .  ? 0.4894 0.4930 0.4884 0.0028  -0.0009 0.0003  224 HOH A O   
809 O  O   . HOH B .  ? 0.4767 0.4778 0.4748 0.0011  0.0028  0.0026  225 HOH A O   
810 O  O   . HOH B .  ? 0.5246 0.5283 0.5289 0.0001  0.0013  0.0014  226 HOH A O   
811 O  O   . HOH B .  ? 0.4634 0.4689 0.4674 0.0001  0.0005  0.0048  227 HOH A O   
812 O  O   . HOH B .  ? 0.4049 0.3995 0.4080 -0.0030 -0.0015 -0.0043 228 HOH A O   
813 O  O   . HOH B .  ? 0.5632 0.5650 0.5629 -0.0001 0.0003  0.0017  229 HOH A O   
814 O  O   . HOH B .  ? 0.4108 0.4135 0.4063 -0.0023 -0.0014 0.0020  230 HOH A O   
815 O  O   . HOH B .  ? 0.4281 0.4368 0.4350 0.0002  -0.0030 0.0069  231 HOH A O   
816 O  O   . HOH B .  ? 0.5137 0.5079 0.5106 0.0021  0.0008  0.0019  232 HOH A O   
817 O  O   . HOH B .  ? 0.5581 0.5601 0.5607 -0.0008 -0.0005 0.0007  233 HOH A O   
818 O  O   . HOH B .  ? 0.4796 0.4746 0.4777 -0.0023 -0.0023 -0.0008 234 HOH A O   
819 O  O   . HOH B .  ? 0.4467 0.4481 0.4472 -0.0009 -0.0009 0.0042  235 HOH A O   
820 O  O   . HOH B .  ? 0.4151 0.4106 0.4117 0.0021  0.0010  0.0009  236 HOH A O   
821 O  O   . HOH B .  ? 0.4147 0.4093 0.4128 -0.0052 0.0000  0.0007  237 HOH A O   
822 O  O   . HOH B .  ? 0.4028 0.3978 0.4042 0.0002  0.0018  -0.0002 238 HOH A O   
823 O  O   . HOH B .  ? 0.4496 0.4489 0.4554 -0.0060 0.0014  0.0025  239 HOH A O   
824 O  O   . HOH B .  ? 0.5816 0.5835 0.5827 0.0018  -0.0025 0.0038  240 HOH A O   
825 O  O   . HOH B .  ? 0.4633 0.4615 0.4606 -0.0039 0.0034  0.0021  241 HOH A O   
826 O  O   . HOH B .  ? 0.5039 0.5021 0.5078 0.0021  -0.0026 0.0023  242 HOH A O   
827 O  O   . HOH B .  ? 0.4852 0.4834 0.4869 0.0000  0.0006  0.0035  243 HOH A O   
828 O  O   . HOH B .  ? 0.4263 0.4343 0.4354 -0.0014 -0.0015 0.0014  244 HOH A O   
# 
